data_2C9D
#
_entry.id   2C9D
#
_cell.length_a   79.955
_cell.length_b   79.959
_cell.length_c   88.352
_cell.angle_alpha   64.27
_cell.angle_beta   64.39
_cell.angle_gamma   62.81
#
_symmetry.space_group_name_H-M   'P 1'
#
loop_
_entity.id
_entity.type
_entity.pdbx_description
1 polymer '6,7-DIMETHYL-8-RIBITYLLUMAZINE SYNTHASE'
2 non-polymer '3-(1,3,7-TRIHYDRO-9-D-RIBITYL-2,6,8-PURINETRIONE-7-YL ) HEXANE 1-PHOSPHATE'
3 non-polymer 'POTASSIUM ION'
4 non-polymer (4S)-2-METHYL-2,4-PENTANEDIOL
5 water water
#
_entity_poly.entity_id   1
_entity_poly.type   'polypeptide(L)'
_entity_poly.pdbx_seq_one_letter_code
;MKGGAGVPDLPSLDASGVRLAIVASSWHGKICDALLDGARKVAAGCGLDDPTVVRVLGAIEIPVVAQELARNHDAVVALG
VVIRGQTPHFDYVCDAVTQGLTRVSLDSSTPIANGVLTTNTEEQALDRAGLPTSAEDKGAQATVAALATALTLRELRAHS
;
_entity_poly.pdbx_strand_id   A,B,C,D,E,F,G,H,I,J
#
loop_
_chem_comp.id
_chem_comp.type
_chem_comp.name
_chem_comp.formula
K non-polymer 'POTASSIUM ION' 'K 1'
MPD non-polymer (4S)-2-METHYL-2,4-PENTANEDIOL 'C6 H14 O2'
PHR non-polymer '3-(1,3,7-TRIHYDRO-9-D-RIBITYL-2,6,8-PURINETRIONE-7-YL ) HEXANE 1-PHOSPHATE' 'C16 H27 N4 O11 P'
#
# COMPACT_ATOMS: atom_id res chain seq x y z
N ASP A 14 -2.55 37.48 3.53
CA ASP A 14 -2.15 37.35 4.97
C ASP A 14 -1.03 36.33 5.18
N ALA A 15 -1.13 35.21 4.47
CA ALA A 15 -0.32 33.97 4.65
C ALA A 15 0.36 33.76 6.00
N SER A 16 -0.08 34.49 7.02
CA SER A 16 0.59 34.48 8.33
C SER A 16 0.41 33.17 9.12
N GLY A 17 -0.49 32.31 8.66
CA GLY A 17 -0.76 31.05 9.34
C GLY A 17 -0.08 29.83 8.72
N VAL A 18 0.44 30.00 7.50
CA VAL A 18 1.10 28.91 6.76
C VAL A 18 2.46 28.56 7.34
N ARG A 19 2.77 27.26 7.40
CA ARG A 19 4.11 26.82 7.82
C ARG A 19 4.98 26.39 6.64
N LEU A 20 5.98 27.22 6.34
CA LEU A 20 6.82 27.04 5.17
C LEU A 20 8.17 26.43 5.51
N ALA A 21 8.66 25.58 4.60
CA ALA A 21 9.98 24.96 4.69
C ALA A 21 10.73 25.12 3.38
N ILE A 22 12.04 25.35 3.46
CA ILE A 22 12.88 25.55 2.27
C ILE A 22 14.12 24.64 2.29
N VAL A 23 14.26 23.84 1.23
CA VAL A 23 15.46 23.00 1.05
C VAL A 23 16.21 23.41 -0.21
N ALA A 24 17.51 23.73 -0.04
CA ALA A 24 18.33 24.22 -1.15
C ALA A 24 19.69 23.52 -1.21
N SER A 25 20.11 23.13 -2.42
CA SER A 25 21.43 22.52 -2.59
C SER A 25 22.57 23.55 -2.70
N SER A 26 23.80 23.07 -2.48
CA SER A 26 24.97 23.95 -2.30
C SER A 26 25.88 24.01 -3.52
N TRP A 27 25.87 22.95 -4.33
CA TRP A 27 26.55 22.91 -5.62
C TRP A 27 26.27 24.21 -6.37
N HIS A 28 27.33 24.90 -6.79
CA HIS A 28 27.24 26.29 -7.30
C HIS A 28 26.65 27.20 -6.21
N GLY A 29 27.51 27.56 -5.24
CA GLY A 29 27.10 28.25 -4.02
C GLY A 29 26.54 29.66 -4.19
N LYS A 30 27.18 30.47 -5.04
CA LYS A 30 26.76 31.86 -5.27
C LYS A 30 25.30 31.96 -5.71
N ILE A 31 24.94 31.21 -6.75
CA ILE A 31 23.57 31.22 -7.29
C ILE A 31 22.56 30.74 -6.25
N CYS A 32 22.92 29.70 -5.49
CA CYS A 32 22.09 29.18 -4.41
C CYS A 32 21.70 30.27 -3.43
N ASP A 33 22.68 31.09 -3.05
CA ASP A 33 22.45 32.20 -2.12
C ASP A 33 21.45 33.21 -2.67
N ALA A 34 21.53 33.49 -3.97
CA ALA A 34 20.57 34.35 -4.66
C ALA A 34 19.16 33.76 -4.59
N LEU A 35 19.02 32.52 -5.07
CA LEU A 35 17.75 31.80 -5.02
C LEU A 35 17.15 31.78 -3.62
N LEU A 36 17.98 31.47 -2.63
CA LEU A 36 17.54 31.44 -1.24
C LEU A 36 17.15 32.83 -0.74
N ASP A 37 17.84 33.86 -1.22
CA ASP A 37 17.55 35.24 -0.80
C ASP A 37 16.20 35.74 -1.30
N GLY A 38 15.83 35.36 -2.53
CA GLY A 38 14.53 35.71 -3.10
C GLY A 38 13.38 35.10 -2.32
N ALA A 39 13.52 33.82 -1.97
CA ALA A 39 12.52 33.07 -1.21
C ALA A 39 12.22 33.70 0.16
N ARG A 40 13.27 34.03 0.91
CA ARG A 40 13.14 34.65 2.23
C ARG A 40 12.44 36.01 2.19
N LYS A 41 12.74 36.81 1.16
CA LYS A 41 12.12 38.14 0.99
C LYS A 41 10.61 38.01 0.84
N VAL A 42 10.17 37.18 -0.11
CA VAL A 42 8.75 36.93 -0.33
C VAL A 42 8.10 36.39 0.95
N ALA A 43 8.81 35.50 1.64
CA ALA A 43 8.36 34.96 2.92
C ALA A 43 8.08 36.06 3.95
N ALA A 44 9.02 36.99 4.12
CA ALA A 44 8.89 38.08 5.08
C ALA A 44 7.78 39.06 4.69
N GLY A 45 7.68 39.33 3.39
CA GLY A 45 6.63 40.20 2.85
C GLY A 45 5.23 39.70 3.19
N CYS A 46 5.05 38.38 3.14
CA CYS A 46 3.76 37.77 3.42
C CYS A 46 3.49 37.47 4.90
N GLY A 47 4.36 37.98 5.77
CA GLY A 47 4.16 37.89 7.22
C GLY A 47 4.79 36.70 7.92
N LEU A 48 5.57 35.92 7.17
CA LEU A 48 6.30 34.78 7.73
C LEU A 48 7.78 35.13 7.94
N ASP A 49 8.14 35.46 9.18
CA ASP A 49 9.49 35.96 9.45
C ASP A 49 10.59 34.89 9.59
N ASP A 50 10.20 33.66 9.89
CA ASP A 50 11.19 32.61 10.18
C ASP A 50 10.78 31.23 9.64
N PRO A 51 11.01 30.97 8.34
CA PRO A 51 10.74 29.63 7.81
C PRO A 51 11.87 28.63 8.08
N THR A 52 11.56 27.34 7.99
CA THR A 52 12.55 26.27 8.20
C THR A 52 13.47 26.14 6.98
N VAL A 53 14.77 26.38 7.17
CA VAL A 53 15.74 26.33 6.07
C VAL A 53 16.74 25.19 6.29
N VAL A 54 16.89 24.35 5.26
CA VAL A 54 17.78 23.19 5.32
C VAL A 54 18.65 23.10 4.06
N ARG A 55 19.96 22.88 4.24
CA ARG A 55 20.87 22.78 3.11
C ARG A 55 21.31 21.34 2.84
N VAL A 56 21.46 21.00 1.56
CA VAL A 56 21.99 19.71 1.13
C VAL A 56 23.16 19.89 0.16
N LEU A 57 23.89 18.80 -0.11
CA LEU A 57 25.07 18.85 -0.97
C LEU A 57 24.79 18.79 -2.47
N GLY A 58 23.77 18.03 -2.86
CA GLY A 58 23.41 17.90 -4.27
C GLY A 58 21.91 17.86 -4.52
N ALA A 59 21.52 18.04 -5.79
CA ALA A 59 20.09 18.02 -6.17
C ALA A 59 19.42 16.66 -5.99
N ILE A 60 20.17 15.58 -6.21
CA ILE A 60 19.65 14.22 -6.04
C ILE A 60 19.19 13.97 -4.60
N GLU A 61 19.81 14.69 -3.66
CA GLU A 61 19.53 14.58 -2.23
C GLU A 61 18.28 15.37 -1.78
N ILE A 62 17.71 16.18 -2.68
CA ILE A 62 16.56 17.03 -2.36
C ILE A 62 15.28 16.24 -2.00
N PRO A 63 14.86 15.29 -2.85
CA PRO A 63 13.57 14.61 -2.63
C PRO A 63 13.43 13.97 -1.26
N VAL A 64 14.47 13.28 -0.81
CA VAL A 64 14.41 12.55 0.47
C VAL A 64 14.34 13.47 1.71
N VAL A 65 14.83 14.71 1.57
CA VAL A 65 14.76 15.70 2.64
C VAL A 65 13.41 16.44 2.65
N ALA A 66 12.82 16.58 1.47
CA ALA A 66 11.49 17.19 1.30
C ALA A 66 10.39 16.29 1.90
N GLN A 67 10.57 14.97 1.73
CA GLN A 67 9.67 13.97 2.32
C GLN A 67 9.57 14.14 3.85
N GLU A 68 10.72 14.30 4.50
CA GLU A 68 10.77 14.49 5.94
C GLU A 68 10.16 15.83 6.37
N LEU A 69 10.47 16.89 5.61
CA LEU A 69 9.95 18.22 5.89
C LEU A 69 8.43 18.31 5.70
N ALA A 70 7.89 17.46 4.81
CA ALA A 70 6.46 17.44 4.51
C ALA A 70 5.58 16.95 5.66
N ARG A 71 6.19 16.26 6.63
CA ARG A 71 5.44 15.71 7.77
C ARG A 71 5.07 16.75 8.84
N ASN A 72 5.58 17.98 8.70
CA ASN A 72 5.16 19.06 9.60
C ASN A 72 5.21 20.49 9.05
N HIS A 73 4.93 20.60 7.74
CA HIS A 73 4.81 21.89 7.06
C HIS A 73 3.64 21.85 6.06
N ASP A 74 3.11 23.03 5.72
CA ASP A 74 2.01 23.17 4.76
C ASP A 74 2.50 23.36 3.32
N ALA A 75 3.79 23.69 3.18
CA ALA A 75 4.40 23.97 1.88
C ALA A 75 5.92 23.81 1.91
N VAL A 76 6.48 23.23 0.85
CA VAL A 76 7.92 23.03 0.74
C VAL A 76 8.43 23.64 -0.57
N VAL A 77 9.52 24.41 -0.48
CA VAL A 77 10.17 24.98 -1.67
C VAL A 77 11.55 24.37 -1.89
N ALA A 78 11.78 23.84 -3.08
CA ALA A 78 13.08 23.26 -3.44
C ALA A 78 13.85 24.18 -4.37
N LEU A 79 15.11 24.45 -4.02
CA LEU A 79 15.96 25.37 -4.79
C LEU A 79 17.29 24.73 -5.15
N GLY A 80 17.75 25.01 -6.37
CA GLY A 80 19.03 24.47 -6.86
C GLY A 80 19.32 24.80 -8.31
N VAL A 81 20.54 24.47 -8.75
CA VAL A 81 20.97 24.72 -10.13
C VAL A 81 21.67 23.48 -10.68
N VAL A 82 21.21 23.02 -11.85
CA VAL A 82 21.90 21.95 -12.56
C VAL A 82 22.30 22.45 -13.94
N ILE A 83 23.62 22.45 -14.20
CA ILE A 83 24.18 22.94 -15.46
C ILE A 83 24.76 21.80 -16.29
N ARG A 84 24.43 21.79 -17.59
CA ARG A 84 24.83 20.72 -18.51
C ARG A 84 26.33 20.67 -18.75
N GLY A 85 26.84 19.44 -18.92
CA GLY A 85 28.27 19.23 -19.21
C GLY A 85 28.51 18.67 -20.60
N GLN A 86 29.48 17.75 -20.70
CA GLN A 86 29.85 17.14 -21.97
C GLN A 86 29.34 15.69 -22.12
N THR A 87 28.74 15.16 -21.07
CA THR A 87 28.18 13.80 -21.09
C THR A 87 26.65 13.84 -20.88
N PRO A 88 25.96 12.71 -21.17
CA PRO A 88 24.50 12.62 -21.00
C PRO A 88 24.09 12.61 -19.52
N HIS A 89 25.05 12.82 -18.63
CA HIS A 89 24.82 12.80 -17.19
C HIS A 89 23.76 13.82 -16.77
N PHE A 90 23.85 15.02 -17.35
CA PHE A 90 22.90 16.11 -17.11
C PHE A 90 21.46 15.64 -17.20
N ASP A 91 21.15 14.84 -18.23
CA ASP A 91 19.81 14.30 -18.47
C ASP A 91 19.29 13.44 -17.31
N TYR A 92 20.19 12.73 -16.64
CA TYR A 92 19.79 11.78 -15.61
C TYR A 92 19.63 12.38 -14.21
N VAL A 93 20.38 13.45 -13.93
CA VAL A 93 20.19 14.17 -12.67
C VAL A 93 18.82 14.86 -12.62
N CYS A 94 18.45 15.55 -13.70
CA CYS A 94 17.14 16.22 -13.77
C CYS A 94 15.96 15.24 -13.80
N ASP A 95 16.17 14.05 -14.40
CA ASP A 95 15.14 13.01 -14.43
C ASP A 95 14.74 12.55 -13.02
N ALA A 96 15.74 12.31 -12.17
CA ALA A 96 15.52 11.92 -10.78
C ALA A 96 14.75 12.98 -9.98
N VAL A 97 15.17 14.24 -10.11
CA VAL A 97 14.53 15.37 -9.43
C VAL A 97 13.04 15.47 -9.79
N THR A 98 12.74 15.39 -11.08
CA THR A 98 11.35 15.41 -11.57
C THR A 98 10.50 14.30 -10.96
N GLN A 99 10.99 13.06 -11.05
CA GLN A 99 10.32 11.88 -10.49
C GLN A 99 10.10 11.97 -8.99
N GLY A 100 11.16 12.34 -8.28
CA GLY A 100 11.14 12.41 -6.81
C GLY A 100 10.14 13.41 -6.26
N LEU A 101 10.24 14.66 -6.70
CA LEU A 101 9.38 15.74 -6.21
C LEU A 101 7.91 15.49 -6.48
N THR A 102 7.59 15.04 -7.71
CA THR A 102 6.21 14.72 -8.08
C THR A 102 5.64 13.62 -7.18
N ARG A 103 6.43 12.57 -6.92
CA ARG A 103 6.00 11.47 -6.04
C ARG A 103 5.76 11.95 -4.61
N VAL A 104 6.62 12.84 -4.13
CA VAL A 104 6.52 13.33 -2.75
C VAL A 104 5.25 14.16 -2.54
N SER A 105 4.97 15.07 -3.48
CA SER A 105 3.78 15.94 -3.39
C SER A 105 2.47 15.16 -3.30
N LEU A 106 2.36 14.08 -4.09
CA LEU A 106 1.14 13.28 -4.13
C LEU A 106 1.00 12.29 -2.97
N ASP A 107 2.13 11.79 -2.47
CA ASP A 107 2.17 10.93 -1.27
C ASP A 107 1.66 11.68 -0.04
N SER A 108 2.09 12.93 0.11
CA SER A 108 1.85 13.71 1.32
C SER A 108 0.72 14.74 1.16
N SER A 109 0.18 14.85 -0.06
CA SER A 109 -0.82 15.86 -0.40
C SER A 109 -0.37 17.28 -0.01
N THR A 110 0.87 17.60 -0.36
CA THR A 110 1.50 18.88 0.00
C THR A 110 2.13 19.50 -1.24
N PRO A 111 1.95 20.83 -1.43
CA PRO A 111 2.63 21.48 -2.55
C PRO A 111 4.15 21.51 -2.36
N ILE A 112 4.87 20.88 -3.28
CA ILE A 112 6.34 20.96 -3.30
C ILE A 112 6.74 21.82 -4.50
N ALA A 113 6.88 23.13 -4.28
CA ALA A 113 7.24 24.07 -5.34
C ALA A 113 8.60 23.76 -5.97
N ASN A 114 8.66 23.85 -7.29
CA ASN A 114 9.89 23.54 -8.03
C ASN A 114 10.65 24.78 -8.45
N GLY A 115 11.76 25.06 -7.75
CA GLY A 115 12.63 26.18 -8.08
C GLY A 115 14.05 25.73 -8.37
N VAL A 116 14.18 24.63 -9.11
CA VAL A 116 15.47 24.09 -9.52
C VAL A 116 15.77 24.47 -10.97
N LEU A 117 16.75 25.34 -11.16
CA LEU A 117 17.17 25.77 -12.50
C LEU A 117 17.82 24.63 -13.28
N THR A 118 17.56 24.60 -14.58
CA THR A 118 18.09 23.59 -15.50
C THR A 118 18.51 24.29 -16.79
N THR A 119 19.80 24.61 -16.91
CA THR A 119 20.30 25.48 -17.98
C THR A 119 21.32 24.83 -18.91
N ASN A 120 21.57 25.48 -20.06
CA ASN A 120 22.64 25.08 -20.99
C ASN A 120 23.99 25.71 -20.64
N THR A 121 23.97 26.95 -20.16
CA THR A 121 25.18 27.69 -19.79
C THR A 121 25.08 28.32 -18.39
N GLU A 122 26.22 28.80 -17.87
CA GLU A 122 26.24 29.47 -16.56
C GLU A 122 25.60 30.87 -16.61
N GLU A 123 25.74 31.56 -17.74
CA GLU A 123 25.10 32.86 -17.95
C GLU A 123 23.59 32.76 -17.77
N GLN A 124 22.99 31.76 -18.42
CA GLN A 124 21.54 31.50 -18.34
C GLN A 124 21.04 31.37 -16.91
N ALA A 125 21.78 30.62 -16.09
CA ALA A 125 21.45 30.41 -14.68
C ALA A 125 21.51 31.72 -13.88
N LEU A 126 22.59 32.48 -14.07
CA LEU A 126 22.78 33.78 -13.40
C LEU A 126 21.65 34.77 -13.71
N ASP A 127 21.14 34.70 -14.95
CA ASP A 127 20.12 35.61 -15.45
C ASP A 127 18.71 35.30 -14.90
N ARG A 128 18.57 34.15 -14.24
CA ARG A 128 17.28 33.70 -13.71
C ARG A 128 17.26 33.53 -12.20
N ALA A 129 18.27 34.09 -11.52
CA ALA A 129 18.42 33.88 -10.07
C ALA A 129 17.97 35.07 -9.21
N GLY A 130 17.94 36.26 -9.82
CA GLY A 130 17.48 37.46 -9.11
C GLY A 130 18.60 38.32 -8.58
N LEU A 131 19.73 38.33 -9.29
CA LEU A 131 20.85 39.23 -8.99
C LEU A 131 20.52 40.63 -9.52
N PRO A 132 21.27 41.66 -9.06
CA PRO A 132 21.03 43.05 -9.47
C PRO A 132 20.55 43.26 -10.92
N THR A 133 21.18 42.59 -11.88
CA THR A 133 20.86 42.82 -13.30
C THR A 133 20.23 41.60 -13.99
N SER A 134 19.54 40.77 -13.21
CA SER A 134 18.89 39.57 -13.77
C SER A 134 17.52 39.89 -14.38
N ALA A 135 17.13 39.06 -15.37
CA ALA A 135 15.84 39.25 -16.05
C ALA A 135 14.66 38.74 -15.21
N GLU A 136 14.90 37.73 -14.38
CA GLU A 136 13.88 37.24 -13.46
C GLU A 136 14.45 36.54 -12.22
N ASP A 137 13.55 36.11 -11.33
CA ASP A 137 13.93 35.52 -10.05
C ASP A 137 13.07 34.30 -9.72
N LYS A 138 13.59 33.11 -10.04
CA LYS A 138 12.88 31.85 -9.84
C LYS A 138 12.56 31.53 -8.38
N GLY A 139 13.44 31.95 -7.48
CA GLY A 139 13.25 31.74 -6.04
C GLY A 139 12.02 32.43 -5.50
N ALA A 140 11.73 33.62 -6.02
CA ALA A 140 10.55 34.39 -5.63
C ALA A 140 9.27 33.78 -6.20
N GLN A 141 9.29 33.47 -7.50
CA GLN A 141 8.16 32.85 -8.19
C GLN A 141 7.71 31.56 -7.50
N ALA A 142 8.68 30.70 -7.16
CA ALA A 142 8.42 29.41 -6.52
C ALA A 142 7.74 29.56 -5.16
N THR A 143 8.20 30.51 -4.34
CA THR A 143 7.63 30.72 -3.01
C THR A 143 6.20 31.25 -3.09
N VAL A 144 5.95 32.17 -4.01
CA VAL A 144 4.60 32.68 -4.28
C VAL A 144 3.67 31.55 -4.74
N ALA A 145 4.22 30.59 -5.49
CA ALA A 145 3.46 29.42 -5.94
C ALA A 145 3.08 28.50 -4.78
N ALA A 146 4.03 28.25 -3.88
CA ALA A 146 3.81 27.39 -2.72
C ALA A 146 2.76 27.96 -1.77
N LEU A 147 2.95 29.21 -1.36
CA LEU A 147 2.07 29.86 -0.39
C LEU A 147 0.63 29.99 -0.87
N ALA A 148 0.45 30.28 -2.16
CA ALA A 148 -0.90 30.41 -2.74
C ALA A 148 -1.63 29.08 -2.83
N THR A 149 -0.91 28.03 -3.20
CA THR A 149 -1.50 26.68 -3.33
C THR A 149 -1.90 26.13 -1.95
N ALA A 150 -1.11 26.46 -0.93
CA ALA A 150 -1.41 26.09 0.44
C ALA A 150 -2.69 26.76 0.95
N LEU A 151 -2.87 28.03 0.61
CA LEU A 151 -4.06 28.80 0.97
C LEU A 151 -5.33 28.25 0.32
N THR A 152 -5.21 27.87 -0.96
CA THR A 152 -6.30 27.26 -1.72
C THR A 152 -6.74 25.93 -1.11
N LEU A 153 -5.78 25.06 -0.84
CA LEU A 153 -6.05 23.77 -0.21
C LEU A 153 -6.71 23.95 1.17
N ARG A 154 -6.30 24.97 1.90
CA ARG A 154 -6.90 25.34 3.18
C ARG A 154 -8.40 25.66 3.04
N GLU A 155 -8.75 26.37 1.96
CA GLU A 155 -10.12 26.79 1.74
C GLU A 155 -10.99 25.64 1.24
N LEU A 156 -10.44 24.83 0.34
CA LEU A 156 -11.16 23.67 -0.18
C LEU A 156 -11.48 22.66 0.92
N ARG A 157 -10.49 22.38 1.78
CA ARG A 157 -10.58 21.36 2.83
C ARG A 157 -11.53 21.69 3.98
N ALA A 158 -11.67 20.73 4.90
CA ALA A 158 -12.67 20.76 5.96
C ALA A 158 -12.48 21.91 6.96
N HIS A 159 -13.45 22.84 6.95
CA HIS A 159 -13.48 23.91 7.94
C HIS A 159 -14.92 24.35 8.25
N SER A 160 -15.00 25.16 9.34
CA SER A 160 -16.10 25.21 10.24
C SER A 160 -17.09 26.33 10.07
N ASP B 14 32.25 14.60 12.62
CA ASP B 14 32.20 13.29 13.34
C ASP B 14 31.01 12.45 12.86
N ALA B 15 31.31 11.54 11.92
CA ALA B 15 30.35 10.57 11.40
C ALA B 15 30.66 9.14 11.88
N SER B 16 31.24 9.05 13.09
CA SER B 16 31.67 7.77 13.66
C SER B 16 30.50 6.86 14.09
N GLY B 17 29.29 7.40 14.11
CA GLY B 17 28.11 6.63 14.50
C GLY B 17 27.26 6.12 13.35
N VAL B 18 27.53 6.61 12.13
CA VAL B 18 26.72 6.19 10.97
C VAL B 18 27.11 4.82 10.44
N ARG B 19 26.11 4.06 9.99
CA ARG B 19 26.33 2.73 9.41
C ARG B 19 26.26 2.79 7.89
N LEU B 20 27.41 2.66 7.25
CA LEU B 20 27.52 2.79 5.80
C LEU B 20 27.57 1.44 5.09
N ALA B 21 26.96 1.39 3.90
CA ALA B 21 27.00 0.21 3.04
C ALA B 21 27.36 0.64 1.61
N ILE B 22 28.12 -0.19 0.90
CA ILE B 22 28.59 0.12 -0.45
C ILE B 22 28.34 -1.06 -1.41
N VAL B 23 27.60 -0.79 -2.49
CA VAL B 23 27.36 -1.79 -3.52
C VAL B 23 27.89 -1.31 -4.87
N ALA B 24 28.77 -2.12 -5.47
CA ALA B 24 29.47 -1.75 -6.69
C ALA B 24 29.46 -2.87 -7.75
N SER B 25 29.20 -2.49 -9.00
CA SER B 25 29.18 -3.45 -10.11
C SER B 25 30.60 -3.74 -10.62
N SER B 26 30.77 -4.88 -11.29
CA SER B 26 32.12 -5.31 -11.69
C SER B 26 32.43 -5.17 -13.18
N TRP B 27 31.40 -5.08 -14.02
CA TRP B 27 31.56 -4.74 -15.42
C TRP B 27 32.49 -3.54 -15.52
N HIS B 28 33.54 -3.64 -16.35
CA HIS B 28 34.67 -2.70 -16.36
C HIS B 28 35.32 -2.71 -14.97
N GLY B 29 36.11 -3.75 -14.69
CA GLY B 29 36.67 -3.99 -13.36
C GLY B 29 37.66 -2.96 -12.83
N LYS B 30 38.58 -2.50 -13.69
CA LYS B 30 39.62 -1.55 -13.27
C LYS B 30 39.02 -0.24 -12.71
N ILE B 31 38.08 0.36 -13.45
CA ILE B 31 37.44 1.60 -13.02
C ILE B 31 36.67 1.41 -11.70
N CYS B 32 35.98 0.26 -11.58
CA CYS B 32 35.25 -0.08 -10.36
C CYS B 32 36.16 -0.04 -9.14
N ASP B 33 37.35 -0.63 -9.27
CA ASP B 33 38.34 -0.64 -8.20
C ASP B 33 38.73 0.78 -7.76
N ALA B 34 38.89 1.67 -8.73
CA ALA B 34 39.16 3.09 -8.45
C ALA B 34 38.01 3.74 -7.68
N LEU B 35 36.80 3.65 -8.24
CA LEU B 35 35.59 4.17 -7.57
C LEU B 35 35.45 3.63 -6.14
N LEU B 36 35.63 2.32 -5.98
CA LEU B 36 35.56 1.68 -4.67
C LEU B 36 36.67 2.18 -3.73
N ASP B 37 37.85 2.44 -4.29
CA ASP B 37 39.00 2.92 -3.53
C ASP B 37 38.78 4.32 -2.94
N GLY B 38 38.15 5.20 -3.72
CA GLY B 38 37.82 6.55 -3.26
C GLY B 38 36.83 6.55 -2.10
N ALA B 39 35.79 5.73 -2.22
CA ALA B 39 34.76 5.61 -1.18
C ALA B 39 35.34 5.18 0.17
N ARG B 40 36.17 4.14 0.15
CA ARG B 40 36.74 3.60 1.39
C ARG B 40 37.69 4.57 2.08
N LYS B 41 38.42 5.37 1.30
CA LYS B 41 39.31 6.39 1.87
C LYS B 41 38.52 7.49 2.62
N VAL B 42 37.50 8.04 1.97
CA VAL B 42 36.57 8.98 2.59
C VAL B 42 35.98 8.38 3.87
N ALA B 43 35.59 7.11 3.77
CA ALA B 43 35.02 6.37 4.90
C ALA B 43 35.97 6.35 6.09
N ALA B 44 37.22 5.98 5.84
CA ALA B 44 38.24 5.88 6.90
C ALA B 44 38.57 7.24 7.50
N GLY B 45 38.64 8.27 6.65
CA GLY B 45 38.87 9.64 7.09
C GLY B 45 37.83 10.12 8.09
N CYS B 46 36.58 9.73 7.85
CA CYS B 46 35.44 10.12 8.69
C CYS B 46 35.26 9.24 9.94
N GLY B 47 36.19 8.32 10.17
CA GLY B 47 36.17 7.50 11.38
C GLY B 47 35.45 6.16 11.26
N LEU B 48 35.02 5.81 10.05
CA LEU B 48 34.41 4.50 9.80
C LEU B 48 35.40 3.57 9.11
N ASP B 49 35.98 2.66 9.89
CA ASP B 49 37.06 1.81 9.39
C ASP B 49 36.61 0.59 8.57
N ASP B 50 35.36 0.15 8.76
CA ASP B 50 34.90 -1.10 8.12
C ASP B 50 33.43 -1.03 7.68
N PRO B 51 33.16 -0.44 6.49
CA PRO B 51 31.81 -0.44 5.92
C PRO B 51 31.45 -1.77 5.25
N THR B 52 30.16 -2.01 5.06
CA THR B 52 29.69 -3.22 4.37
C THR B 52 29.85 -3.07 2.86
N VAL B 53 30.65 -3.95 2.26
CA VAL B 53 30.95 -3.91 0.83
C VAL B 53 30.36 -5.14 0.12
N VAL B 54 29.57 -4.91 -0.93
CA VAL B 54 29.00 -5.99 -1.72
C VAL B 54 29.19 -5.76 -3.22
N ARG B 55 29.60 -6.81 -3.94
CA ARG B 55 29.78 -6.73 -5.39
C ARG B 55 28.63 -7.39 -6.16
N VAL B 56 28.27 -6.80 -7.30
CA VAL B 56 27.32 -7.41 -8.24
C VAL B 56 27.91 -7.46 -9.66
N LEU B 57 27.23 -8.18 -10.55
CA LEU B 57 27.72 -8.37 -11.92
C LEU B 57 27.42 -7.21 -12.86
N GLY B 58 26.23 -6.61 -12.72
CA GLY B 58 25.82 -5.52 -13.59
C GLY B 58 25.09 -4.40 -12.87
N ALA B 59 24.94 -3.27 -13.56
CA ALA B 59 24.26 -2.09 -13.00
C ALA B 59 22.77 -2.32 -12.73
N ILE B 60 22.10 -3.09 -13.60
CA ILE B 60 20.67 -3.38 -13.43
C ILE B 60 20.40 -4.13 -12.12
N GLU B 61 21.41 -4.86 -11.64
CA GLU B 61 21.33 -5.63 -10.38
C GLU B 61 21.53 -4.80 -9.11
N ILE B 62 21.90 -3.53 -9.26
CA ILE B 62 22.18 -2.67 -8.11
C ILE B 62 20.95 -2.36 -7.23
N PRO B 63 19.84 -1.87 -7.85
CA PRO B 63 18.66 -1.48 -7.06
C PRO B 63 18.19 -2.55 -6.07
N VAL B 64 18.07 -3.80 -6.52
CA VAL B 64 17.53 -4.89 -5.70
C VAL B 64 18.42 -5.22 -4.48
N VAL B 65 19.73 -4.99 -4.60
CA VAL B 65 20.69 -5.24 -3.53
C VAL B 65 20.76 -4.07 -2.53
N ALA B 66 20.50 -2.86 -3.04
CA ALA B 66 20.45 -1.67 -2.19
C ALA B 66 19.21 -1.68 -1.29
N GLN B 67 18.12 -2.24 -1.81
CA GLN B 67 16.88 -2.40 -1.04
C GLN B 67 17.12 -3.27 0.20
N GLU B 68 17.85 -4.37 0.03
CA GLU B 68 18.16 -5.27 1.13
C GLU B 68 19.12 -4.61 2.12
N LEU B 69 20.12 -3.89 1.60
CA LEU B 69 21.10 -3.19 2.43
C LEU B 69 20.48 -2.06 3.23
N ALA B 70 19.41 -1.46 2.72
CA ALA B 70 18.75 -0.34 3.39
C ALA B 70 18.00 -0.73 4.67
N ARG B 71 17.74 -2.02 4.87
CA ARG B 71 17.04 -2.50 6.07
C ARG B 71 17.92 -2.52 7.32
N ASN B 72 19.20 -2.17 7.18
CA ASN B 72 20.20 -2.34 8.25
C ASN B 72 21.31 -1.28 8.23
N HIS B 73 21.15 -0.23 7.44
CA HIS B 73 22.16 0.83 7.34
C HIS B 73 21.53 2.23 7.27
N ASP B 74 22.32 3.24 7.61
CA ASP B 74 21.85 4.64 7.58
C ASP B 74 22.13 5.34 6.25
N ALA B 75 22.98 4.74 5.42
CA ALA B 75 23.34 5.29 4.10
C ALA B 75 23.88 4.20 3.16
N VAL B 76 23.47 4.27 1.89
CA VAL B 76 24.00 3.35 0.86
C VAL B 76 24.63 4.11 -0.31
N VAL B 77 25.80 3.64 -0.74
CA VAL B 77 26.50 4.21 -1.88
C VAL B 77 26.53 3.20 -3.04
N ALA B 78 26.04 3.63 -4.20
CA ALA B 78 26.04 2.79 -5.40
C ALA B 78 27.12 3.25 -6.39
N LEU B 79 27.94 2.30 -6.84
CA LEU B 79 29.07 2.61 -7.72
C LEU B 79 29.08 1.73 -8.97
N GLY B 80 29.41 2.34 -10.11
CA GLY B 80 29.47 1.60 -11.38
C GLY B 80 29.73 2.49 -12.59
N VAL B 81 29.95 1.85 -13.74
CA VAL B 81 30.22 2.55 -14.99
C VAL B 81 29.37 1.98 -16.12
N VAL B 82 28.65 2.86 -16.82
CA VAL B 82 27.90 2.46 -18.02
C VAL B 82 28.42 3.27 -19.21
N ILE B 83 28.96 2.58 -20.21
CA ILE B 83 29.53 3.22 -21.41
C ILE B 83 28.70 2.94 -22.66
N ARG B 84 28.39 3.99 -23.42
CA ARG B 84 27.55 3.91 -24.62
C ARG B 84 28.14 3.05 -25.73
N GLY B 85 27.26 2.33 -26.44
CA GLY B 85 27.67 1.52 -27.58
C GLY B 85 27.15 2.03 -28.91
N GLN B 86 26.73 1.10 -29.77
CA GLN B 86 26.25 1.41 -31.11
C GLN B 86 24.73 1.31 -31.24
N THR B 87 24.09 0.81 -30.19
CA THR B 87 22.63 0.62 -30.15
C THR B 87 22.00 1.52 -29.07
N PRO B 88 20.68 1.74 -29.14
CA PRO B 88 20.00 2.53 -28.11
C PRO B 88 19.89 1.80 -26.76
N HIS B 89 20.61 0.68 -26.62
CA HIS B 89 20.60 -0.09 -25.38
C HIS B 89 21.10 0.72 -24.17
N PHE B 90 22.16 1.51 -24.40
CA PHE B 90 22.72 2.41 -23.38
C PHE B 90 21.65 3.22 -22.67
N ASP B 91 20.70 3.76 -23.44
CA ASP B 91 19.61 4.58 -22.91
C ASP B 91 18.71 3.84 -21.92
N TYR B 92 18.54 2.53 -22.12
CA TYR B 92 17.61 1.77 -21.29
C TYR B 92 18.22 1.18 -20.02
N VAL B 93 19.53 0.96 -20.03
CA VAL B 93 20.26 0.53 -18.83
C VAL B 93 20.23 1.65 -17.78
N CYS B 94 20.54 2.88 -18.21
CA CYS B 94 20.55 4.04 -17.32
C CYS B 94 19.17 4.45 -16.84
N ASP B 95 18.15 4.26 -17.67
CA ASP B 95 16.76 4.53 -17.29
C ASP B 95 16.34 3.68 -16.07
N ALA B 96 16.66 2.39 -16.12
CA ALA B 96 16.37 1.45 -15.04
C ALA B 96 17.03 1.86 -13.71
N VAL B 97 18.33 2.16 -13.76
CA VAL B 97 19.09 2.57 -12.58
C VAL B 97 18.50 3.81 -11.92
N THR B 98 18.15 4.80 -12.75
CA THR B 98 17.51 6.04 -12.28
C THR B 98 16.20 5.77 -11.53
N GLN B 99 15.31 5.01 -12.16
CA GLN B 99 14.00 4.70 -11.56
C GLN B 99 14.12 3.84 -10.31
N GLY B 100 15.02 2.85 -10.35
CA GLY B 100 15.23 1.94 -9.23
C GLY B 100 15.71 2.62 -7.97
N LEU B 101 16.83 3.34 -8.08
CA LEU B 101 17.46 4.00 -6.92
C LEU B 101 16.55 5.05 -6.28
N THR B 102 15.89 5.86 -7.10
CA THR B 102 14.95 6.87 -6.62
C THR B 102 13.78 6.22 -5.84
N ARG B 103 13.24 5.13 -6.36
CA ARG B 103 12.17 4.39 -5.67
C ARG B 103 12.65 3.84 -4.33
N VAL B 104 13.85 3.28 -4.30
CA VAL B 104 14.36 2.66 -3.08
C VAL B 104 14.55 3.70 -1.96
N SER B 105 15.15 4.84 -2.30
CA SER B 105 15.40 5.91 -1.34
C SER B 105 14.13 6.38 -0.60
N LEU B 106 13.05 6.57 -1.36
CA LEU B 106 11.79 7.07 -0.79
C LEU B 106 10.97 5.99 -0.07
N ASP B 107 11.07 4.74 -0.51
CA ASP B 107 10.44 3.61 0.18
C ASP B 107 11.00 3.42 1.59
N SER B 108 12.32 3.53 1.71
CA SER B 108 13.03 3.23 2.94
C SER B 108 13.43 4.47 3.74
N SER B 109 13.16 5.66 3.19
CA SER B 109 13.57 6.93 3.80
C SER B 109 15.08 6.96 4.11
N THR B 110 15.89 6.53 3.15
CA THR B 110 17.32 6.38 3.32
C THR B 110 18.05 6.98 2.12
N PRO B 111 19.13 7.77 2.39
CA PRO B 111 19.92 8.31 1.28
C PRO B 111 20.63 7.20 0.51
N ILE B 112 20.31 7.06 -0.77
CA ILE B 112 21.03 6.17 -1.67
C ILE B 112 21.85 7.03 -2.64
N ALA B 113 23.09 7.32 -2.26
CA ALA B 113 23.98 8.15 -3.08
C ALA B 113 24.24 7.54 -4.46
N ASN B 114 24.21 8.38 -5.49
CA ASN B 114 24.42 7.93 -6.87
C ASN B 114 25.84 8.20 -7.38
N GLY B 115 26.65 7.15 -7.46
CA GLY B 115 28.00 7.24 -7.99
C GLY B 115 28.20 6.34 -9.20
N VAL B 116 27.21 6.31 -10.08
CA VAL B 116 27.27 5.51 -11.29
C VAL B 116 27.59 6.41 -12.49
N LEU B 117 28.79 6.23 -13.04
CA LEU B 117 29.24 6.97 -14.22
C LEU B 117 28.43 6.61 -15.47
N THR B 118 28.13 7.62 -16.28
CA THR B 118 27.41 7.42 -17.55
C THR B 118 28.06 8.29 -18.64
N THR B 119 28.94 7.67 -19.44
CA THR B 119 29.77 8.45 -20.38
C THR B 119 29.60 8.06 -21.86
N ASN B 120 30.16 8.88 -22.74
CA ASN B 120 30.19 8.61 -24.17
C ASN B 120 31.39 7.77 -24.60
N THR B 121 32.53 7.96 -23.92
CA THR B 121 33.76 7.21 -24.24
C THR B 121 34.44 6.67 -22.98
N GLU B 122 35.40 5.77 -23.15
CA GLU B 122 36.13 5.18 -22.03
C GLU B 122 37.09 6.18 -21.36
N GLU B 123 37.65 7.09 -22.16
CA GLU B 123 38.53 8.13 -21.62
C GLU B 123 37.79 8.99 -20.59
N GLN B 124 36.56 9.40 -20.93
CA GLN B 124 35.72 10.20 -20.05
C GLN B 124 35.50 9.54 -18.68
N ALA B 125 35.23 8.24 -18.69
CA ALA B 125 35.03 7.46 -17.46
C ALA B 125 36.31 7.40 -16.60
N LEU B 126 37.44 7.13 -17.24
CA LEU B 126 38.74 7.08 -16.57
C LEU B 126 39.08 8.41 -15.89
N ASP B 127 38.67 9.50 -16.52
CA ASP B 127 38.96 10.87 -16.09
C ASP B 127 38.15 11.29 -14.86
N ARG B 128 37.13 10.51 -14.53
CA ARG B 128 36.21 10.86 -13.44
C ARG B 128 36.18 9.80 -12.33
N ALA B 129 37.21 8.93 -12.29
CA ALA B 129 37.22 7.83 -11.33
C ALA B 129 38.17 8.02 -10.15
N GLY B 130 39.16 8.91 -10.32
CA GLY B 130 40.09 9.22 -9.23
C GLY B 130 41.41 8.48 -9.32
N LEU B 131 41.85 8.21 -10.56
CA LEU B 131 43.18 7.63 -10.80
C LEU B 131 44.22 8.75 -10.72
N PRO B 132 45.52 8.39 -10.63
CA PRO B 132 46.62 9.34 -10.47
C PRO B 132 46.42 10.68 -11.20
N THR B 133 46.03 10.64 -12.47
CA THR B 133 45.95 11.83 -13.31
C THR B 133 44.51 12.22 -13.71
N SER B 134 43.54 11.83 -12.88
CA SER B 134 42.13 12.14 -13.14
C SER B 134 41.75 13.56 -12.70
N ALA B 135 40.75 14.13 -13.40
CA ALA B 135 40.26 15.48 -13.07
C ALA B 135 39.39 15.51 -11.83
N GLU B 136 38.68 14.40 -11.57
CA GLU B 136 37.83 14.30 -10.38
C GLU B 136 37.60 12.84 -9.94
N ASP B 137 36.94 12.66 -8.78
CA ASP B 137 36.69 11.33 -8.22
C ASP B 137 35.26 11.20 -7.69
N LYS B 138 34.39 10.61 -8.51
CA LYS B 138 32.98 10.51 -8.18
C LYS B 138 32.67 9.59 -7.00
N GLY B 139 33.53 8.60 -6.76
CA GLY B 139 33.42 7.71 -5.60
C GLY B 139 33.54 8.45 -4.28
N ALA B 140 34.41 9.45 -4.24
CA ALA B 140 34.61 10.26 -3.04
C ALA B 140 33.45 11.23 -2.82
N GLN B 141 33.07 11.93 -3.88
CA GLN B 141 31.94 12.87 -3.83
C GLN B 141 30.66 12.20 -3.34
N ALA B 142 30.36 11.02 -3.88
CA ALA B 142 29.17 10.25 -3.53
C ALA B 142 29.12 9.87 -2.05
N THR B 143 30.24 9.41 -1.50
CA THR B 143 30.30 9.01 -0.09
C THR B 143 30.14 10.21 0.86
N VAL B 144 30.75 11.33 0.49
CA VAL B 144 30.58 12.60 1.23
C VAL B 144 29.11 13.03 1.21
N ALA B 145 28.42 12.76 0.12
CA ALA B 145 27.01 13.10 -0.03
C ALA B 145 26.12 12.23 0.87
N ALA B 146 26.41 10.93 0.93
CA ALA B 146 25.64 10.00 1.74
C ALA B 146 25.80 10.28 3.23
N LEU B 147 27.04 10.39 3.70
CA LEU B 147 27.32 10.58 5.13
C LEU B 147 26.76 11.89 5.69
N ALA B 148 26.82 12.94 4.88
CA ALA B 148 26.27 14.26 5.26
C ALA B 148 24.74 14.25 5.36
N THR B 149 24.07 13.63 4.39
CA THR B 149 22.61 13.54 4.38
C THR B 149 22.10 12.71 5.55
N ALA B 150 22.84 11.66 5.91
CA ALA B 150 22.55 10.82 7.08
C ALA B 150 22.60 11.60 8.39
N LEU B 151 23.62 12.45 8.53
CA LEU B 151 23.79 13.30 9.71
C LEU B 151 22.67 14.33 9.86
N THR B 152 22.26 14.92 8.74
CA THR B 152 21.16 15.89 8.71
C THR B 152 19.84 15.25 9.14
N LEU B 153 19.52 14.09 8.55
CA LEU B 153 18.32 13.35 8.91
C LEU B 153 18.31 12.98 10.39
N ARG B 154 19.48 12.63 10.93
CA ARG B 154 19.60 12.31 12.35
C ARG B 154 19.25 13.52 13.25
N GLU B 155 19.64 14.72 12.78
CA GLU B 155 19.40 15.96 13.51
C GLU B 155 17.93 16.36 13.45
N LEU B 156 17.36 16.28 12.25
CA LEU B 156 15.94 16.63 12.07
C LEU B 156 15.02 15.70 12.86
N ARG B 157 15.29 14.40 12.82
CA ARG B 157 14.42 13.39 13.44
C ARG B 157 14.41 13.38 14.98
N ALA B 158 13.60 12.51 15.56
CA ALA B 158 13.30 12.51 17.00
C ALA B 158 14.51 12.17 17.89
N HIS B 159 14.90 13.18 18.67
CA HIS B 159 15.98 13.03 19.63
C HIS B 159 15.71 13.88 20.88
N SER B 160 16.49 13.53 21.93
CA SER B 160 16.12 13.70 23.31
C SER B 160 16.70 14.90 24.02
N ALA C 15 26.00 -23.10 -7.18
CA ALA C 15 24.60 -22.59 -7.35
C ALA C 15 23.56 -23.71 -7.44
N SER C 16 23.89 -24.87 -6.88
CA SER C 16 23.05 -26.09 -6.96
C SER C 16 21.72 -25.96 -6.21
N GLY C 17 21.62 -24.98 -5.33
CA GLY C 17 20.44 -24.79 -4.51
C GLY C 17 19.46 -23.73 -4.98
N VAL C 18 19.90 -22.90 -5.95
CA VAL C 18 19.03 -21.82 -6.44
C VAL C 18 17.95 -22.32 -7.40
N ARG C 19 16.77 -21.72 -7.31
CA ARG C 19 15.64 -22.04 -8.18
C ARG C 19 15.51 -20.99 -9.28
N LEU C 20 15.85 -21.39 -10.51
CA LEU C 20 15.91 -20.50 -11.66
C LEU C 20 14.69 -20.62 -12.57
N ALA C 21 14.22 -19.47 -13.09
CA ALA C 21 13.13 -19.42 -14.06
C ALA C 21 13.52 -18.55 -15.25
N ILE C 22 13.08 -18.93 -16.44
CA ILE C 22 13.43 -18.26 -17.70
C ILE C 22 12.19 -17.96 -18.53
N VAL C 23 11.96 -16.68 -18.84
CA VAL C 23 10.87 -16.28 -19.74
C VAL C 23 11.40 -15.56 -20.98
N ALA C 24 11.05 -16.09 -22.16
CA ALA C 24 11.57 -15.57 -23.42
C ALA C 24 10.48 -15.37 -24.47
N SER C 25 10.56 -14.25 -25.18
CA SER C 25 9.58 -13.94 -26.24
C SER C 25 9.95 -14.62 -27.57
N SER C 26 8.95 -14.76 -28.45
CA SER C 26 9.08 -15.56 -29.68
C SER C 26 9.29 -14.74 -30.95
N TRP C 27 8.81 -13.49 -30.94
CA TRP C 27 9.06 -12.54 -32.03
C TRP C 27 10.54 -12.59 -32.38
N HIS C 28 10.85 -12.77 -33.67
CA HIS C 28 12.20 -13.10 -34.15
C HIS C 28 12.66 -14.41 -33.49
N GLY C 29 12.15 -15.54 -34.00
CA GLY C 29 12.33 -16.85 -33.37
C GLY C 29 13.76 -17.39 -33.32
N LYS C 30 14.50 -17.23 -34.42
CA LYS C 30 15.87 -17.76 -34.51
C LYS C 30 16.78 -17.21 -33.41
N ILE C 31 16.80 -15.88 -33.26
CA ILE C 31 17.62 -15.21 -32.25
C ILE C 31 17.24 -15.63 -30.83
N CYS C 32 15.92 -15.76 -30.59
CA CYS C 32 15.41 -16.22 -29.29
C CYS C 32 15.99 -17.58 -28.91
N ASP C 33 16.02 -18.50 -29.87
CA ASP C 33 16.58 -19.83 -29.66
C ASP C 33 18.05 -19.76 -29.23
N ALA C 34 18.82 -18.87 -29.85
CA ALA C 34 20.21 -18.64 -29.46
C ALA C 34 20.31 -18.11 -28.03
N LEU C 35 19.60 -17.02 -27.74
CA LEU C 35 19.57 -16.46 -26.37
C LEU C 35 19.17 -17.50 -25.33
N LEU C 36 18.12 -18.28 -25.63
CA LEU C 36 17.67 -19.34 -24.74
C LEU C 36 18.73 -20.44 -24.59
N ASP C 37 19.45 -20.71 -25.67
CA ASP C 37 20.50 -21.73 -25.68
C ASP C 37 21.66 -21.40 -24.75
N GLY C 38 22.07 -20.13 -24.76
CA GLY C 38 23.14 -19.64 -23.88
C GLY C 38 22.80 -19.74 -22.41
N ALA C 39 21.58 -19.35 -22.06
CA ALA C 39 21.09 -19.42 -20.67
C ALA C 39 21.11 -20.84 -20.10
N ARG C 40 20.58 -21.80 -20.87
CA ARG C 40 20.53 -23.20 -20.44
C ARG C 40 21.91 -23.80 -20.21
N LYS C 41 22.87 -23.44 -21.07
CA LYS C 41 24.25 -23.93 -20.94
C LYS C 41 24.89 -23.47 -19.63
N VAL C 42 24.84 -22.16 -19.36
CA VAL C 42 25.33 -21.61 -18.10
C VAL C 42 24.62 -22.27 -16.91
N ALA C 43 23.31 -22.49 -17.05
CA ALA C 43 22.51 -23.15 -16.03
C ALA C 43 23.04 -24.55 -15.70
N ALA C 44 23.29 -25.35 -16.73
CA ALA C 44 23.79 -26.71 -16.57
C ALA C 44 25.20 -26.74 -15.98
N GLY C 45 26.04 -25.81 -16.44
CA GLY C 45 27.40 -25.68 -15.93
C GLY C 45 27.44 -25.45 -14.43
N CYS C 46 26.48 -24.67 -13.92
CA CYS C 46 26.44 -24.35 -12.50
C CYS C 46 25.66 -25.37 -11.65
N GLY C 47 25.29 -26.50 -12.25
CA GLY C 47 24.69 -27.61 -11.52
C GLY C 47 23.16 -27.64 -11.51
N LEU C 48 22.54 -26.71 -12.24
CA LEU C 48 21.08 -26.67 -12.39
C LEU C 48 20.66 -27.27 -13.72
N ASP C 49 20.23 -28.53 -13.71
CA ASP C 49 19.94 -29.24 -14.96
C ASP C 49 18.56 -28.98 -15.58
N ASP C 50 17.60 -28.50 -14.78
CA ASP C 50 16.22 -28.30 -15.27
C ASP C 50 15.55 -27.04 -14.72
N PRO C 51 15.81 -25.87 -15.34
CA PRO C 51 15.13 -24.63 -14.93
C PRO C 51 13.72 -24.53 -15.55
N THR C 52 12.87 -23.68 -14.98
CA THR C 52 11.53 -23.46 -15.50
C THR C 52 11.58 -22.51 -16.69
N VAL C 53 11.14 -23.01 -17.85
CA VAL C 53 11.15 -22.22 -19.09
C VAL C 53 9.73 -21.93 -19.59
N VAL C 54 9.46 -20.66 -19.86
CA VAL C 54 8.14 -20.20 -20.31
C VAL C 54 8.28 -19.30 -21.54
N ARG C 55 7.47 -19.56 -22.57
CA ARG C 55 7.49 -18.71 -23.77
C ARG C 55 6.28 -17.77 -23.85
N VAL C 56 6.52 -16.56 -24.35
CA VAL C 56 5.45 -15.58 -24.62
C VAL C 56 5.53 -15.09 -26.07
N LEU C 57 4.50 -14.38 -26.52
CA LEU C 57 4.42 -13.90 -27.90
C LEU C 57 5.17 -12.59 -28.16
N GLY C 58 5.16 -11.69 -27.19
CA GLY C 58 5.81 -10.39 -27.33
C GLY C 58 6.52 -9.92 -26.08
N ALA C 59 7.38 -8.91 -26.24
CA ALA C 59 8.16 -8.36 -25.13
C ALA C 59 7.28 -7.65 -24.09
N ILE C 60 6.20 -7.01 -24.54
CA ILE C 60 5.28 -6.30 -23.62
C ILE C 60 4.62 -7.28 -22.63
N GLU C 61 4.50 -8.54 -23.03
CA GLU C 61 3.92 -9.58 -22.18
C GLU C 61 4.90 -10.22 -21.17
N ILE C 62 6.16 -9.81 -21.22
CA ILE C 62 7.19 -10.35 -20.30
C ILE C 62 6.96 -10.02 -18.82
N PRO C 63 6.80 -8.72 -18.47
CA PRO C 63 6.66 -8.32 -17.06
C PRO C 63 5.59 -9.07 -16.27
N VAL C 64 4.39 -9.21 -16.85
CA VAL C 64 3.28 -9.87 -16.15
C VAL C 64 3.52 -11.37 -15.87
N VAL C 65 4.33 -12.03 -16.71
CA VAL C 65 4.66 -13.44 -16.52
C VAL C 65 5.83 -13.63 -15.53
N ALA C 66 6.71 -12.63 -15.46
CA ALA C 66 7.82 -12.64 -14.52
C ALA C 66 7.33 -12.46 -13.09
N GLN C 67 6.28 -11.64 -12.94
CA GLN C 67 5.61 -11.42 -11.66
C GLN C 67 5.11 -12.74 -11.05
N GLU C 68 4.47 -13.55 -11.89
CA GLU C 68 3.93 -14.84 -11.46
C GLU C 68 5.07 -15.82 -11.13
N LEU C 69 6.11 -15.83 -11.95
CA LEU C 69 7.30 -16.67 -11.76
C LEU C 69 8.05 -16.32 -10.49
N ALA C 70 8.00 -15.04 -10.10
CA ALA C 70 8.74 -14.55 -8.93
C ALA C 70 8.21 -15.08 -7.58
N ARG C 71 6.99 -15.60 -7.58
CA ARG C 71 6.36 -16.12 -6.36
C ARG C 71 6.87 -17.52 -5.95
N ASN C 72 7.76 -18.11 -6.77
CA ASN C 72 8.20 -19.49 -6.58
C ASN C 72 9.64 -19.76 -7.02
N HIS C 73 10.42 -18.71 -7.25
CA HIS C 73 11.81 -18.83 -7.73
C HIS C 73 12.72 -17.79 -7.06
N ASP C 74 14.03 -18.08 -7.04
CA ASP C 74 15.03 -17.17 -6.45
C ASP C 74 15.61 -16.19 -7.47
N ALA C 75 15.39 -16.47 -8.76
CA ALA C 75 15.91 -15.63 -9.84
C ALA C 75 15.13 -15.82 -11.14
N VAL C 76 14.89 -14.73 -11.85
CA VAL C 76 14.21 -14.79 -13.14
C VAL C 76 15.04 -14.12 -14.24
N VAL C 77 15.14 -14.78 -15.39
CA VAL C 77 15.86 -14.26 -16.54
C VAL C 77 14.89 -13.97 -17.69
N ALA C 78 14.91 -12.72 -18.18
CA ALA C 78 14.06 -12.31 -19.30
C ALA C 78 14.87 -12.19 -20.58
N LEU C 79 14.38 -12.83 -21.64
CA LEU C 79 15.09 -12.86 -22.94
C LEU C 79 14.19 -12.38 -24.08
N GLY C 80 14.76 -11.60 -25.00
CA GLY C 80 14.01 -11.12 -26.16
C GLY C 80 14.79 -10.18 -27.06
N VAL C 81 14.21 -9.85 -28.20
CA VAL C 81 14.81 -8.94 -29.19
C VAL C 81 13.78 -7.89 -29.63
N VAL C 82 14.15 -6.61 -29.51
CA VAL C 82 13.34 -5.53 -30.06
C VAL C 82 14.17 -4.75 -31.09
N ILE C 83 13.72 -4.76 -32.35
CA ILE C 83 14.43 -4.09 -33.45
C ILE C 83 13.66 -2.86 -33.95
N ARG C 84 14.36 -1.74 -34.10
CA ARG C 84 13.77 -0.46 -34.52
C ARG C 84 13.18 -0.48 -35.93
N GLY C 85 12.07 0.24 -36.11
CA GLY C 85 11.42 0.36 -37.42
C GLY C 85 11.49 1.77 -37.99
N GLN C 86 10.40 2.19 -38.62
CA GLN C 86 10.32 3.52 -39.26
C GLN C 86 9.47 4.51 -38.47
N THR C 87 8.82 4.03 -37.40
CA THR C 87 8.02 4.90 -36.54
C THR C 87 8.60 4.96 -35.11
N PRO C 88 8.15 5.94 -34.30
CA PRO C 88 8.64 6.04 -32.92
C PRO C 88 8.11 4.93 -32.01
N HIS C 89 7.47 3.91 -32.59
CA HIS C 89 6.90 2.82 -31.82
C HIS C 89 7.98 2.04 -31.05
N PHE C 90 9.14 1.84 -31.67
CA PHE C 90 10.28 1.19 -31.03
C PHE C 90 10.57 1.77 -29.64
N ASP C 91 10.51 3.10 -29.53
CA ASP C 91 10.77 3.82 -28.28
C ASP C 91 9.81 3.44 -27.15
N TYR C 92 8.57 3.13 -27.51
CA TYR C 92 7.52 2.87 -26.51
C TYR C 92 7.45 1.42 -26.04
N VAL C 93 7.88 0.48 -26.89
CA VAL C 93 7.97 -0.92 -26.51
C VAL C 93 9.06 -1.10 -25.43
N CYS C 94 10.22 -0.52 -25.67
CA CYS C 94 11.35 -0.60 -24.73
C CYS C 94 11.08 0.14 -23.43
N ASP C 95 10.33 1.25 -23.49
CA ASP C 95 9.92 2.00 -22.30
C ASP C 95 9.14 1.14 -21.31
N ALA C 96 8.15 0.40 -21.83
CA ALA C 96 7.31 -0.49 -21.03
C ALA C 96 8.12 -1.59 -20.34
N VAL C 97 8.99 -2.25 -21.10
CA VAL C 97 9.85 -3.33 -20.60
C VAL C 97 10.74 -2.84 -19.43
N THR C 98 11.34 -1.67 -19.60
CA THR C 98 12.17 -1.03 -18.57
C THR C 98 11.39 -0.81 -17.26
N GLN C 99 10.23 -0.15 -17.38
CA GLN C 99 9.38 0.17 -16.24
C GLN C 99 8.84 -1.08 -15.55
N GLY C 100 8.39 -2.04 -16.35
CA GLY C 100 7.80 -3.29 -15.84
C GLY C 100 8.76 -4.12 -15.00
N LEU C 101 9.91 -4.47 -15.59
CA LEU C 101 10.88 -5.35 -14.93
C LEU C 101 11.45 -4.73 -13.65
N THR C 102 11.77 -3.43 -13.70
CA THR C 102 12.25 -2.70 -12.53
C THR C 102 11.23 -2.73 -11.38
N ARG C 103 9.95 -2.50 -11.70
CA ARG C 103 8.89 -2.56 -10.68
C ARG C 103 8.73 -3.96 -10.09
N VAL C 104 8.85 -5.00 -10.91
CA VAL C 104 8.66 -6.37 -10.46
C VAL C 104 9.76 -6.79 -9.48
N SER C 105 11.01 -6.48 -9.84
CA SER C 105 12.17 -6.80 -9.00
C SER C 105 12.05 -6.25 -7.58
N LEU C 106 11.64 -4.99 -7.45
CA LEU C 106 11.55 -4.34 -6.14
C LEU C 106 10.29 -4.72 -5.34
N ASP C 107 9.18 -5.01 -6.03
CA ASP C 107 7.97 -5.57 -5.42
C ASP C 107 8.24 -6.89 -4.72
N SER C 108 8.96 -7.78 -5.40
CA SER C 108 9.14 -9.16 -4.93
C SER C 108 10.52 -9.41 -4.31
N SER C 109 11.37 -8.39 -4.28
CA SER C 109 12.75 -8.50 -3.77
C SER C 109 13.51 -9.65 -4.44
N THR C 110 13.40 -9.72 -5.76
CA THR C 110 13.99 -10.82 -6.52
C THR C 110 14.73 -10.28 -7.75
N PRO C 111 15.97 -10.77 -7.98
CA PRO C 111 16.68 -10.36 -9.20
C PRO C 111 15.97 -10.78 -10.48
N ILE C 112 15.56 -9.80 -11.27
CA ILE C 112 15.03 -10.07 -12.61
C ILE C 112 16.05 -9.61 -13.65
N ALA C 113 16.92 -10.54 -14.05
CA ALA C 113 17.99 -10.27 -15.01
C ALA C 113 17.45 -9.79 -16.35
N ASN C 114 18.08 -8.76 -16.92
CA ASN C 114 17.66 -8.16 -18.18
C ASN C 114 18.50 -8.64 -19.37
N GLY C 115 17.94 -9.54 -20.17
CA GLY C 115 18.60 -10.03 -21.37
C GLY C 115 17.77 -9.77 -22.62
N VAL C 116 17.20 -8.57 -22.70
CA VAL C 116 16.41 -8.16 -23.86
C VAL C 116 17.22 -7.23 -24.74
N LEU C 117 17.58 -7.70 -25.93
CA LEU C 117 18.32 -6.92 -26.92
C LEU C 117 17.49 -5.75 -27.44
N THR C 118 18.15 -4.60 -27.65
CA THR C 118 17.51 -3.41 -28.25
C THR C 118 18.47 -2.79 -29.27
N THR C 119 18.24 -3.08 -30.55
CA THR C 119 19.21 -2.74 -31.59
C THR C 119 18.66 -1.81 -32.67
N ASN C 120 19.57 -1.26 -33.48
CA ASN C 120 19.20 -0.45 -34.65
C ASN C 120 18.97 -1.30 -35.92
N THR C 121 19.76 -2.38 -36.06
CA THR C 121 19.62 -3.29 -37.22
C THR C 121 19.61 -4.76 -36.79
N GLU C 122 19.26 -5.64 -37.74
CA GLU C 122 19.21 -7.08 -37.50
C GLU C 122 20.60 -7.70 -37.30
N GLU C 123 21.59 -7.18 -38.04
CA GLU C 123 22.98 -7.64 -37.89
C GLU C 123 23.46 -7.47 -36.45
N GLN C 124 23.21 -6.30 -35.88
CA GLN C 124 23.59 -5.99 -34.50
C GLN C 124 23.06 -6.99 -33.49
N ALA C 125 21.79 -7.37 -33.64
CA ALA C 125 21.15 -8.36 -32.76
C ALA C 125 21.78 -9.75 -32.90
N LEU C 126 22.02 -10.18 -34.14
CA LEU C 126 22.66 -11.48 -34.43
C LEU C 126 24.05 -11.57 -33.80
N ASP C 127 24.77 -10.45 -33.79
CA ASP C 127 26.14 -10.39 -33.30
C ASP C 127 26.25 -10.43 -31.77
N ARG C 128 25.12 -10.31 -31.08
CA ARG C 128 25.10 -10.26 -29.63
C ARG C 128 24.28 -11.40 -29.01
N ALA C 129 24.01 -12.44 -29.81
CA ALA C 129 23.14 -13.53 -29.37
C ALA C 129 23.88 -14.83 -29.00
N GLY C 130 25.11 -14.97 -29.50
CA GLY C 130 25.93 -16.14 -29.17
C GLY C 130 25.91 -17.24 -30.22
N LEU C 131 25.77 -16.85 -31.48
CA LEU C 131 25.85 -17.77 -32.60
C LEU C 131 27.33 -18.03 -32.92
N PRO C 132 27.63 -19.08 -33.71
CA PRO C 132 29.00 -19.48 -34.02
C PRO C 132 30.02 -18.33 -34.15
N THR C 133 29.66 -17.27 -34.88
CA THR C 133 30.61 -16.18 -35.16
C THR C 133 30.21 -14.84 -34.51
N SER C 134 29.49 -14.92 -33.39
CA SER C 134 29.05 -13.72 -32.68
C SER C 134 30.16 -13.16 -31.78
N ALA C 135 30.12 -11.83 -31.54
CA ALA C 135 31.11 -11.18 -30.70
C ALA C 135 30.83 -11.39 -29.21
N GLU C 136 29.57 -11.64 -28.87
CA GLU C 136 29.11 -11.69 -27.48
C GLU C 136 27.84 -12.56 -27.35
N ASP C 137 27.51 -12.94 -26.11
CA ASP C 137 26.30 -13.73 -25.84
C ASP C 137 25.56 -13.20 -24.61
N LYS C 138 24.55 -12.35 -24.83
CA LYS C 138 23.80 -11.72 -23.74
C LYS C 138 23.00 -12.68 -22.88
N GLY C 139 22.56 -13.80 -23.47
CA GLY C 139 21.84 -14.84 -22.75
C GLY C 139 22.66 -15.46 -21.63
N ALA C 140 23.96 -15.62 -21.87
CA ALA C 140 24.88 -16.18 -20.89
C ALA C 140 25.22 -15.17 -19.79
N GLN C 141 25.52 -13.93 -20.19
CA GLN C 141 25.81 -12.85 -19.26
C GLN C 141 24.67 -12.65 -18.26
N ALA C 142 23.44 -12.61 -18.78
CA ALA C 142 22.24 -12.38 -17.96
C ALA C 142 22.03 -13.45 -16.90
N THR C 143 22.24 -14.71 -17.28
CA THR C 143 22.06 -15.84 -16.35
C THR C 143 23.12 -15.84 -15.25
N VAL C 144 24.37 -15.53 -15.62
CA VAL C 144 25.46 -15.38 -14.64
C VAL C 144 25.15 -14.24 -13.66
N ALA C 145 24.48 -13.19 -14.16
CA ALA C 145 24.10 -12.06 -13.32
C ALA C 145 23.01 -12.45 -12.31
N ALA C 146 22.01 -13.21 -12.76
CA ALA C 146 20.92 -13.64 -11.89
C ALA C 146 21.40 -14.57 -10.78
N LEU C 147 22.12 -15.62 -11.15
CA LEU C 147 22.58 -16.63 -10.19
C LEU C 147 23.50 -16.06 -9.11
N ALA C 148 24.38 -15.13 -9.49
CA ALA C 148 25.32 -14.51 -8.56
C ALA C 148 24.61 -13.56 -7.57
N THR C 149 23.63 -12.81 -8.06
CA THR C 149 22.86 -11.88 -7.21
C THR C 149 21.99 -12.65 -6.20
N ALA C 150 21.47 -13.81 -6.63
CA ALA C 150 20.71 -14.71 -5.77
C ALA C 150 21.56 -15.26 -4.62
N LEU C 151 22.79 -15.65 -4.94
CA LEU C 151 23.74 -16.17 -3.94
C LEU C 151 24.13 -15.11 -2.91
N THR C 152 24.33 -13.88 -3.38
CA THR C 152 24.66 -12.75 -2.52
C THR C 152 23.53 -12.44 -1.54
N LEU C 153 22.31 -12.35 -2.04
CA LEU C 153 21.13 -12.11 -1.22
C LEU C 153 20.93 -13.23 -0.18
N ARG C 154 21.26 -14.46 -0.55
CA ARG C 154 21.19 -15.59 0.38
C ARG C 154 22.18 -15.42 1.54
N GLU C 155 23.36 -14.87 1.25
CA GLU C 155 24.39 -14.69 2.25
C GLU C 155 24.05 -13.54 3.18
N LEU C 156 23.56 -12.44 2.60
CA LEU C 156 23.19 -11.26 3.38
C LEU C 156 22.03 -11.56 4.34
N ARG C 157 21.02 -12.27 3.84
CA ARG C 157 19.78 -12.52 4.58
C ARG C 157 19.92 -13.52 5.73
N ALA C 158 18.82 -13.73 6.46
CA ALA C 158 18.83 -14.47 7.73
C ALA C 158 19.21 -15.94 7.62
N HIS C 159 20.36 -16.27 8.21
CA HIS C 159 20.81 -17.65 8.28
C HIS C 159 21.58 -17.92 9.57
N SER C 160 21.77 -19.24 9.80
CA SER C 160 21.87 -19.87 11.08
C SER C 160 23.24 -20.15 11.63
N ASP D 14 -6.44 -23.03 -28.21
CA ASP D 14 -7.86 -22.54 -28.14
C ASP D 14 -8.13 -21.79 -26.81
N ALA D 15 -9.30 -21.15 -26.70
CA ALA D 15 -9.52 -20.09 -25.71
C ALA D 15 -11.00 -19.78 -25.43
N SER D 16 -11.82 -20.82 -25.49
CA SER D 16 -13.27 -20.71 -25.28
C SER D 16 -13.68 -20.27 -23.87
N GLY D 17 -12.75 -20.38 -22.91
CA GLY D 17 -13.03 -20.06 -21.52
C GLY D 17 -12.57 -18.68 -21.06
N VAL D 18 -11.77 -18.01 -21.90
CA VAL D 18 -11.23 -16.70 -21.52
C VAL D 18 -12.26 -15.58 -21.67
N ARG D 19 -12.23 -14.61 -20.75
CA ARG D 19 -13.14 -13.47 -20.77
C ARG D 19 -12.40 -12.24 -21.29
N LEU D 20 -12.73 -11.84 -22.53
CA LEU D 20 -12.02 -10.76 -23.22
C LEU D 20 -12.79 -9.44 -23.20
N ALA D 21 -12.05 -8.34 -23.05
CA ALA D 21 -12.61 -6.98 -23.14
C ALA D 21 -11.79 -6.12 -24.08
N ILE D 22 -12.46 -5.23 -24.81
CA ILE D 22 -11.79 -4.36 -25.80
C ILE D 22 -12.20 -2.89 -25.61
N VAL D 23 -11.21 -2.03 -25.44
CA VAL D 23 -11.45 -0.59 -25.33
C VAL D 23 -10.71 0.16 -26.44
N ALA D 24 -11.46 0.93 -27.24
CA ALA D 24 -10.92 1.60 -28.42
C ALA D 24 -11.33 3.07 -28.50
N SER D 25 -10.38 3.95 -28.80
CA SER D 25 -10.70 5.38 -28.96
C SER D 25 -11.26 5.71 -30.35
N SER D 26 -11.91 6.88 -30.45
CA SER D 26 -12.71 7.24 -31.63
C SER D 26 -12.05 8.28 -32.54
N TRP D 27 -11.15 9.09 -31.97
CA TRP D 27 -10.29 10.00 -32.73
C TRP D 27 -9.74 9.24 -33.93
N HIS D 28 -9.93 9.81 -35.12
CA HIS D 28 -9.67 9.12 -36.40
C HIS D 28 -10.51 7.84 -36.48
N GLY D 29 -11.80 8.03 -36.80
CA GLY D 29 -12.81 6.97 -36.71
C GLY D 29 -12.65 5.80 -37.68
N LYS D 30 -12.30 6.10 -38.92
CA LYS D 30 -12.13 5.07 -39.96
C LYS D 30 -11.13 3.99 -39.55
N ILE D 31 -9.94 4.41 -39.14
CA ILE D 31 -8.86 3.49 -38.74
C ILE D 31 -9.26 2.68 -37.52
N CYS D 32 -9.93 3.33 -36.56
CA CYS D 32 -10.45 2.66 -35.37
C CYS D 32 -11.33 1.47 -35.73
N ASP D 33 -12.23 1.68 -36.69
CA ASP D 33 -13.13 0.63 -37.17
C ASP D 33 -12.35 -0.57 -37.71
N ALA D 34 -11.28 -0.31 -38.47
CA ALA D 34 -10.41 -1.37 -38.98
C ALA D 34 -9.75 -2.14 -37.85
N LEU D 35 -9.07 -1.42 -36.94
CA LEU D 35 -8.46 -2.02 -35.76
C LEU D 35 -9.46 -2.88 -34.98
N LEU D 36 -10.64 -2.32 -34.73
CA LEU D 36 -11.68 -3.03 -34.00
C LEU D 36 -12.16 -4.27 -34.76
N ASP D 37 -12.19 -4.16 -36.09
CA ASP D 37 -12.64 -5.26 -36.95
C ASP D 37 -11.70 -6.46 -36.90
N GLY D 38 -10.39 -6.20 -36.87
CA GLY D 38 -9.39 -7.25 -36.77
C GLY D 38 -9.48 -8.02 -35.46
N ALA D 39 -9.63 -7.29 -34.36
CA ALA D 39 -9.76 -7.88 -33.02
C ALA D 39 -10.93 -8.85 -32.91
N ARG D 40 -12.10 -8.42 -33.39
CA ARG D 40 -13.32 -9.22 -33.32
C ARG D 40 -13.23 -10.51 -34.13
N LYS D 41 -12.58 -10.45 -35.29
CA LYS D 41 -12.38 -11.63 -36.14
C LYS D 41 -11.54 -12.70 -35.45
N VAL D 42 -10.38 -12.29 -34.93
CA VAL D 42 -9.51 -13.17 -34.13
C VAL D 42 -10.28 -13.75 -32.94
N ALA D 43 -11.07 -12.91 -32.28
CA ALA D 43 -11.90 -13.35 -31.17
C ALA D 43 -12.88 -14.45 -31.56
N ALA D 44 -13.58 -14.27 -32.68
CA ALA D 44 -14.57 -15.25 -33.16
C ALA D 44 -13.89 -16.56 -33.59
N GLY D 45 -12.73 -16.43 -34.24
CA GLY D 45 -11.95 -17.59 -34.66
C GLY D 45 -11.55 -18.48 -33.50
N CYS D 46 -11.22 -17.87 -32.36
CA CYS D 46 -10.81 -18.60 -31.16
C CYS D 46 -11.98 -19.08 -30.28
N GLY D 47 -13.21 -18.93 -30.78
CA GLY D 47 -14.39 -19.45 -30.09
C GLY D 47 -15.09 -18.48 -29.14
N LEU D 48 -14.65 -17.23 -29.13
CA LEU D 48 -15.26 -16.17 -28.31
C LEU D 48 -16.15 -15.28 -29.19
N ASP D 49 -17.46 -15.53 -29.16
CA ASP D 49 -18.37 -14.85 -30.08
C ASP D 49 -18.82 -13.44 -29.68
N ASP D 50 -18.75 -13.12 -28.38
CA ASP D 50 -19.20 -11.81 -27.89
C ASP D 50 -18.35 -11.23 -26.78
N PRO D 51 -17.25 -10.54 -27.13
CA PRO D 51 -16.42 -9.84 -26.15
C PRO D 51 -17.03 -8.50 -25.72
N THR D 52 -16.59 -7.98 -24.59
CA THR D 52 -17.03 -6.69 -24.08
C THR D 52 -16.33 -5.56 -24.84
N VAL D 53 -17.11 -4.73 -25.52
CA VAL D 53 -16.55 -3.63 -26.33
C VAL D 53 -16.98 -2.26 -25.76
N VAL D 54 -16.00 -1.39 -25.52
CA VAL D 54 -16.26 -0.06 -24.97
C VAL D 54 -15.50 1.01 -25.76
N ARG D 55 -16.19 2.10 -26.10
CA ARG D 55 -15.56 3.20 -26.84
C ARG D 55 -15.28 4.42 -25.96
N VAL D 56 -14.14 5.07 -26.22
CA VAL D 56 -13.79 6.34 -25.57
C VAL D 56 -13.46 7.42 -26.61
N LEU D 57 -13.35 8.66 -26.15
CA LEU D 57 -13.16 9.82 -27.02
C LEU D 57 -11.69 10.03 -27.42
N GLY D 58 -10.77 9.77 -26.48
CA GLY D 58 -9.34 9.97 -26.73
C GLY D 58 -8.46 8.90 -26.11
N ALA D 59 -7.20 8.86 -26.54
CA ALA D 59 -6.21 7.88 -26.04
C ALA D 59 -5.90 8.05 -24.56
N ILE D 60 -5.85 9.29 -24.09
CA ILE D 60 -5.57 9.61 -22.70
C ILE D 60 -6.59 9.00 -21.75
N GLU D 61 -7.82 8.81 -22.26
CA GLU D 61 -8.91 8.22 -21.50
C GLU D 61 -8.91 6.68 -21.46
N ILE D 62 -8.00 6.04 -22.18
CA ILE D 62 -7.92 4.58 -22.22
C ILE D 62 -7.57 3.93 -20.87
N PRO D 63 -6.44 4.34 -20.23
CA PRO D 63 -6.01 3.64 -19.02
C PRO D 63 -7.08 3.52 -17.93
N VAL D 64 -7.81 4.61 -17.66
CA VAL D 64 -8.80 4.64 -16.59
C VAL D 64 -9.98 3.67 -16.83
N VAL D 65 -10.29 3.41 -18.10
CA VAL D 65 -11.38 2.51 -18.48
C VAL D 65 -10.91 1.05 -18.48
N ALA D 66 -9.63 0.84 -18.76
CA ALA D 66 -9.03 -0.49 -18.73
C ALA D 66 -8.93 -1.01 -17.30
N GLN D 67 -8.65 -0.11 -16.36
CA GLN D 67 -8.62 -0.43 -14.93
C GLN D 67 -9.95 -1.02 -14.46
N GLU D 68 -11.04 -0.37 -14.85
CA GLU D 68 -12.39 -0.84 -14.51
C GLU D 68 -12.70 -2.19 -15.16
N LEU D 69 -12.34 -2.32 -16.44
CA LEU D 69 -12.57 -3.57 -17.18
C LEU D 69 -11.75 -4.74 -16.63
N ALA D 70 -10.61 -4.44 -16.03
CA ALA D 70 -9.71 -5.45 -15.48
C ALA D 70 -10.26 -6.18 -14.26
N ARG D 71 -11.25 -5.61 -13.57
CA ARG D 71 -11.79 -6.31 -12.40
C ARG D 71 -12.84 -7.39 -12.69
N ASN D 72 -13.07 -7.66 -13.98
CA ASN D 72 -14.07 -8.64 -14.42
C ASN D 72 -13.69 -9.39 -15.71
N HIS D 73 -12.42 -9.30 -16.13
CA HIS D 73 -11.96 -9.95 -17.37
C HIS D 73 -10.57 -10.56 -17.21
N ASP D 74 -10.24 -11.53 -18.05
CA ASP D 74 -8.94 -12.20 -18.03
C ASP D 74 -7.91 -11.53 -18.94
N ALA D 75 -8.38 -10.68 -19.86
CA ALA D 75 -7.51 -9.97 -20.81
C ALA D 75 -8.18 -8.72 -21.36
N VAL D 76 -7.39 -7.66 -21.52
CA VAL D 76 -7.89 -6.40 -22.07
C VAL D 76 -7.05 -5.96 -23.26
N VAL D 77 -7.72 -5.55 -24.35
CA VAL D 77 -7.05 -5.06 -25.55
C VAL D 77 -7.36 -3.57 -25.76
N ALA D 78 -6.31 -2.77 -25.87
CA ALA D 78 -6.45 -1.33 -26.10
C ALA D 78 -6.11 -0.97 -27.54
N LEU D 79 -7.01 -0.23 -28.19
CA LEU D 79 -6.87 0.13 -29.60
C LEU D 79 -7.00 1.63 -29.84
N GLY D 80 -6.15 2.18 -30.71
CA GLY D 80 -6.20 3.60 -31.05
C GLY D 80 -5.10 4.05 -31.99
N VAL D 81 -5.20 5.30 -32.44
CA VAL D 81 -4.17 5.90 -33.30
C VAL D 81 -3.79 7.30 -32.82
N VAL D 82 -2.48 7.52 -32.71
CA VAL D 82 -1.94 8.83 -32.35
C VAL D 82 -1.00 9.27 -33.48
N ILE D 83 -1.35 10.37 -34.15
CA ILE D 83 -0.56 10.89 -35.29
C ILE D 83 0.12 12.21 -34.93
N ARG D 84 1.43 12.30 -35.22
CA ARG D 84 2.24 13.48 -34.90
C ARG D 84 1.80 14.76 -35.62
N GLY D 85 1.91 15.89 -34.91
CA GLY D 85 1.59 17.20 -35.49
C GLY D 85 2.82 18.09 -35.65
N GLN D 86 2.64 19.38 -35.37
CA GLN D 86 3.72 20.37 -35.50
C GLN D 86 4.29 20.83 -34.16
N THR D 87 3.70 20.33 -33.08
CA THR D 87 4.13 20.67 -31.72
C THR D 87 4.65 19.41 -30.99
N PRO D 88 5.43 19.59 -29.90
CA PRO D 88 5.88 18.44 -29.10
C PRO D 88 4.76 17.74 -28.33
N HIS D 89 3.51 18.11 -28.61
CA HIS D 89 2.34 17.53 -27.96
C HIS D 89 2.24 16.02 -28.17
N PHE D 90 2.52 15.59 -29.40
CA PHE D 90 2.54 14.16 -29.76
C PHE D 90 3.33 13.31 -28.75
N ASP D 91 4.49 13.81 -28.35
CA ASP D 91 5.36 13.12 -27.40
C ASP D 91 4.73 12.89 -26.03
N TYR D 92 3.87 13.81 -25.60
CA TYR D 92 3.28 13.72 -24.26
C TYR D 92 2.01 12.89 -24.17
N VAL D 93 1.28 12.77 -25.29
CA VAL D 93 0.11 11.89 -25.38
C VAL D 93 0.56 10.44 -25.25
N CYS D 94 1.58 10.05 -26.02
CA CYS D 94 2.11 8.70 -26.01
C CYS D 94 2.79 8.33 -24.68
N ASP D 95 3.41 9.31 -24.03
CA ASP D 95 4.05 9.08 -22.73
C ASP D 95 3.04 8.62 -21.68
N ALA D 96 1.88 9.31 -21.63
CA ALA D 96 0.80 8.98 -20.72
C ALA D 96 0.27 7.56 -20.91
N VAL D 97 -0.02 7.22 -22.18
CA VAL D 97 -0.51 5.89 -22.56
C VAL D 97 0.44 4.78 -22.10
N THR D 98 1.74 4.96 -22.36
CA THR D 98 2.74 3.96 -21.92
C THR D 98 2.74 3.77 -20.41
N GLN D 99 2.83 4.87 -19.66
CA GLN D 99 2.84 4.81 -18.19
C GLN D 99 1.57 4.21 -17.62
N GLY D 100 0.42 4.63 -18.15
CA GLY D 100 -0.88 4.18 -17.67
C GLY D 100 -1.11 2.68 -17.82
N LEU D 101 -0.94 2.18 -19.05
CA LEU D 101 -1.20 0.77 -19.34
C LEU D 101 -0.27 -0.16 -18.58
N THR D 102 1.01 0.20 -18.51
CA THR D 102 2.01 -0.57 -17.77
C THR D 102 1.63 -0.66 -16.27
N ARG D 103 1.22 0.46 -15.68
CA ARG D 103 0.79 0.45 -14.28
C ARG D 103 -0.45 -0.40 -14.04
N VAL D 104 -1.41 -0.34 -14.97
CA VAL D 104 -2.65 -1.10 -14.81
C VAL D 104 -2.38 -2.61 -14.83
N SER D 105 -1.59 -3.07 -15.79
CA SER D 105 -1.27 -4.49 -15.95
C SER D 105 -0.68 -5.10 -14.68
N LEU D 106 0.24 -4.39 -14.04
CA LEU D 106 0.92 -4.90 -12.84
C LEU D 106 0.09 -4.77 -11.56
N ASP D 107 -0.74 -3.75 -11.48
CA ASP D 107 -1.68 -3.57 -10.36
C ASP D 107 -2.67 -4.73 -10.29
N SER D 108 -3.22 -5.09 -11.44
CA SER D 108 -4.30 -6.09 -11.50
C SER D 108 -3.83 -7.48 -11.92
N SER D 109 -2.54 -7.63 -12.21
CA SER D 109 -1.96 -8.90 -12.68
C SER D 109 -2.71 -9.44 -13.90
N THR D 110 -2.97 -8.55 -14.86
CA THR D 110 -3.75 -8.90 -16.04
C THR D 110 -3.07 -8.36 -17.30
N PRO D 111 -2.96 -9.21 -18.34
CA PRO D 111 -2.43 -8.74 -19.63
C PRO D 111 -3.27 -7.61 -20.23
N ILE D 112 -2.67 -6.44 -20.40
CA ILE D 112 -3.30 -5.35 -21.14
C ILE D 112 -2.55 -5.16 -22.46
N ALA D 113 -3.00 -5.86 -23.50
CA ALA D 113 -2.36 -5.80 -24.82
C ALA D 113 -2.35 -4.38 -25.40
N ASN D 114 -1.23 -4.02 -26.01
CA ASN D 114 -1.03 -2.69 -26.57
C ASN D 114 -1.20 -2.66 -28.09
N GLY D 115 -2.34 -2.15 -28.55
CA GLY D 115 -2.61 -2.00 -29.97
C GLY D 115 -2.90 -0.57 -30.36
N VAL D 116 -2.13 0.36 -29.80
CA VAL D 116 -2.26 1.77 -30.14
C VAL D 116 -1.14 2.20 -31.09
N LEU D 117 -1.52 2.53 -32.32
CA LEU D 117 -0.57 2.97 -33.32
C LEU D 117 0.00 4.35 -33.01
N THR D 118 1.29 4.53 -33.29
CA THR D 118 1.99 5.80 -33.08
C THR D 118 2.86 6.10 -34.30
N THR D 119 2.36 6.96 -35.20
CA THR D 119 2.98 7.15 -36.52
C THR D 119 3.45 8.58 -36.81
N ASN D 120 4.26 8.72 -37.86
CA ASN D 120 4.69 10.03 -38.37
C ASN D 120 3.67 10.64 -39.33
N THR D 121 3.06 9.80 -40.17
CA THR D 121 2.06 10.25 -41.16
C THR D 121 0.80 9.39 -41.15
N GLU D 122 -0.22 9.86 -41.86
CA GLU D 122 -1.51 9.17 -41.97
C GLU D 122 -1.41 7.89 -42.79
N GLU D 123 -0.58 7.93 -43.85
CA GLU D 123 -0.35 6.74 -44.68
C GLU D 123 0.17 5.57 -43.86
N GLN D 124 1.16 5.85 -43.00
CA GLN D 124 1.77 4.84 -42.14
C GLN D 124 0.74 4.12 -41.26
N ALA D 125 -0.19 4.89 -40.68
CA ALA D 125 -1.25 4.33 -39.83
C ALA D 125 -2.21 3.45 -40.62
N LEU D 126 -2.63 3.92 -41.80
CA LEU D 126 -3.52 3.16 -42.68
C LEU D 126 -2.91 1.82 -43.11
N ASP D 127 -1.58 1.81 -43.29
CA ASP D 127 -0.86 0.61 -43.75
C ASP D 127 -0.67 -0.45 -42.66
N ARG D 128 -1.00 -0.10 -41.41
CA ARG D 128 -0.82 -1.01 -40.28
C ARG D 128 -2.13 -1.36 -39.57
N ALA D 129 -3.25 -1.07 -40.24
CA ALA D 129 -4.57 -1.22 -39.62
C ALA D 129 -5.34 -2.48 -40.06
N GLY D 130 -4.98 -3.02 -41.23
CA GLY D 130 -5.60 -4.24 -41.74
C GLY D 130 -6.71 -3.99 -42.74
N LEU D 131 -6.55 -2.92 -43.53
CA LEU D 131 -7.45 -2.64 -44.64
C LEU D 131 -7.06 -3.53 -45.83
N PRO D 132 -7.96 -3.65 -46.83
CA PRO D 132 -7.72 -4.48 -48.03
C PRO D 132 -6.27 -4.58 -48.50
N THR D 133 -5.57 -3.44 -48.62
CA THR D 133 -4.19 -3.46 -49.14
C THR D 133 -3.12 -3.04 -48.14
N SER D 134 -3.38 -3.32 -46.85
CA SER D 134 -2.43 -3.01 -45.78
C SER D 134 -1.34 -4.08 -45.67
N ALA D 135 -0.16 -3.66 -45.17
CA ALA D 135 0.98 -4.56 -44.98
C ALA D 135 0.81 -5.44 -43.74
N GLU D 136 0.16 -4.91 -42.70
CA GLU D 136 -0.15 -5.71 -41.51
C GLU D 136 -1.38 -5.22 -40.75
N ASP D 137 -1.73 -5.93 -39.66
CA ASP D 137 -2.92 -5.61 -38.88
C ASP D 137 -2.65 -5.73 -37.39
N LYS D 138 -2.40 -4.58 -36.78
CA LYS D 138 -2.06 -4.51 -35.35
C LYS D 138 -3.17 -4.97 -34.41
N GLY D 139 -4.42 -4.76 -34.83
CA GLY D 139 -5.59 -5.19 -34.05
C GLY D 139 -5.64 -6.70 -33.86
N ALA D 140 -5.22 -7.44 -34.88
CA ALA D 140 -5.19 -8.90 -34.83
C ALA D 140 -4.03 -9.41 -33.98
N GLN D 141 -2.83 -8.85 -34.20
CA GLN D 141 -1.65 -9.21 -33.44
C GLN D 141 -1.87 -9.02 -31.93
N ALA D 142 -2.45 -7.88 -31.55
CA ALA D 142 -2.71 -7.53 -30.16
C ALA D 142 -3.64 -8.52 -29.46
N THR D 143 -4.71 -8.92 -30.13
CA THR D 143 -5.68 -9.86 -29.58
C THR D 143 -5.06 -11.25 -29.38
N VAL D 144 -4.27 -11.69 -30.36
CA VAL D 144 -3.54 -12.96 -30.26
C VAL D 144 -2.55 -12.92 -29.08
N ALA D 145 -1.98 -11.75 -28.81
CA ALA D 145 -1.07 -11.55 -27.69
C ALA D 145 -1.78 -11.67 -26.35
N ALA D 146 -2.95 -11.04 -26.24
CA ALA D 146 -3.74 -11.07 -25.01
C ALA D 146 -4.23 -12.47 -24.66
N LEU D 147 -4.87 -13.14 -25.62
CA LEU D 147 -5.45 -14.48 -25.41
C LEU D 147 -4.40 -15.51 -25.01
N ALA D 148 -3.24 -15.45 -25.64
CA ALA D 148 -2.16 -16.42 -25.37
C ALA D 148 -1.55 -16.22 -23.97
N THR D 149 -1.36 -14.97 -23.58
CA THR D 149 -0.79 -14.65 -22.27
C THR D 149 -1.75 -15.01 -21.13
N ALA D 150 -3.06 -14.86 -21.39
CA ALA D 150 -4.10 -15.29 -20.45
C ALA D 150 -4.07 -16.82 -20.22
N LEU D 151 -3.91 -17.58 -21.31
CA LEU D 151 -3.82 -19.04 -21.24
C LEU D 151 -2.60 -19.53 -20.48
N THR D 152 -1.46 -18.86 -20.70
CA THR D 152 -0.22 -19.16 -19.99
C THR D 152 -0.37 -18.94 -18.48
N LEU D 153 -0.88 -17.77 -18.10
CA LEU D 153 -1.11 -17.45 -16.69
C LEU D 153 -2.07 -18.45 -16.03
N ARG D 154 -3.06 -18.91 -16.78
CA ARG D 154 -3.98 -19.94 -16.28
C ARG D 154 -3.27 -21.25 -15.97
N GLU D 155 -2.31 -21.62 -16.80
CA GLU D 155 -1.55 -22.87 -16.62
C GLU D 155 -0.57 -22.76 -15.46
N LEU D 156 0.12 -21.62 -15.36
CA LEU D 156 1.08 -21.42 -14.29
C LEU D 156 0.40 -21.38 -12.92
N ARG D 157 -0.74 -20.68 -12.83
CA ARG D 157 -1.47 -20.47 -11.58
C ARG D 157 -2.12 -21.73 -10.98
N ALA D 158 -2.72 -21.57 -9.80
CA ALA D 158 -3.23 -22.69 -9.01
C ALA D 158 -4.39 -23.45 -9.65
N HIS D 159 -4.13 -24.71 -9.99
CA HIS D 159 -5.16 -25.61 -10.47
C HIS D 159 -4.89 -27.05 -10.05
N SER D 160 -5.95 -27.87 -10.27
CA SER D 160 -6.27 -29.04 -9.50
C SER D 160 -5.79 -30.36 -10.06
N ALA E 15 -26.07 14.82 -19.44
CA ALA E 15 -25.02 14.83 -18.39
C ALA E 15 -25.40 15.69 -17.19
N SER E 16 -26.71 15.85 -16.96
CA SER E 16 -27.21 16.72 -15.90
C SER E 16 -26.91 16.22 -14.47
N GLY E 17 -26.48 14.97 -14.36
CA GLY E 17 -26.18 14.37 -13.05
C GLY E 17 -24.70 14.35 -12.67
N VAL E 18 -23.84 14.66 -13.63
CA VAL E 18 -22.38 14.60 -13.43
C VAL E 18 -21.89 15.79 -12.61
N ARG E 19 -20.93 15.55 -11.72
CA ARG E 19 -20.31 16.61 -10.92
C ARG E 19 -18.94 16.98 -11.51
N LEU E 20 -18.88 18.14 -12.16
CA LEU E 20 -17.66 18.59 -12.85
C LEU E 20 -16.85 19.60 -12.04
N ALA E 21 -15.52 19.48 -12.14
CA ALA E 21 -14.60 20.45 -11.55
C ALA E 21 -13.53 20.87 -12.57
N ILE E 22 -13.14 22.15 -12.52
CA ILE E 22 -12.18 22.71 -13.48
C ILE E 22 -11.04 23.44 -12.76
N VAL E 23 -9.81 23.02 -13.03
CA VAL E 23 -8.62 23.69 -12.49
C VAL E 23 -7.75 24.26 -13.63
N ALA E 24 -7.51 25.58 -13.57
CA ALA E 24 -6.78 26.28 -14.64
C ALA E 24 -5.66 27.17 -14.11
N SER E 25 -4.51 27.11 -14.76
CA SER E 25 -3.35 27.95 -14.40
C SER E 25 -3.49 29.38 -14.98
N SER E 26 -2.77 30.33 -14.35
CA SER E 26 -2.91 31.76 -14.68
C SER E 26 -1.80 32.32 -15.55
N TRP E 27 -0.62 31.71 -15.47
CA TRP E 27 0.51 32.01 -16.36
C TRP E 27 -0.02 32.13 -17.79
N HIS E 28 0.28 33.26 -18.44
CA HIS E 28 -0.34 33.62 -19.72
C HIS E 28 -1.86 33.70 -19.55
N GLY E 29 -2.31 34.84 -18.99
CA GLY E 29 -3.70 35.01 -18.54
C GLY E 29 -4.77 35.05 -19.63
N LYS E 30 -4.49 35.76 -20.71
CA LYS E 30 -5.41 35.89 -21.87
C LYS E 30 -5.87 34.53 -22.40
N ILE E 31 -4.91 33.67 -22.73
CA ILE E 31 -5.22 32.35 -23.31
C ILE E 31 -5.99 31.48 -22.31
N CYS E 32 -5.61 31.56 -21.03
CA CYS E 32 -6.32 30.82 -19.98
C CYS E 32 -7.81 31.17 -19.96
N ASP E 33 -8.12 32.46 -20.08
CA ASP E 33 -9.50 32.93 -20.13
C ASP E 33 -10.27 32.29 -21.28
N ALA E 34 -9.64 32.21 -22.46
CA ALA E 34 -10.23 31.54 -23.61
C ALA E 34 -10.49 30.07 -23.33
N LEU E 35 -9.46 29.34 -22.90
CA LEU E 35 -9.59 27.92 -22.53
C LEU E 35 -10.71 27.71 -21.52
N LEU E 36 -10.74 28.54 -20.47
CA LEU E 36 -11.78 28.47 -19.45
C LEU E 36 -13.17 28.77 -20.01
N ASP E 37 -13.22 29.69 -20.98
CA ASP E 37 -14.46 30.11 -21.62
C ASP E 37 -15.12 28.99 -22.43
N GLY E 38 -14.29 28.22 -23.14
CA GLY E 38 -14.76 27.07 -23.92
C GLY E 38 -15.34 25.97 -23.05
N ALA E 39 -14.66 25.67 -21.94
CA ALA E 39 -15.09 24.64 -21.00
C ALA E 39 -16.49 24.93 -20.41
N ARG E 40 -16.68 26.17 -19.95
CA ARG E 40 -17.95 26.62 -19.36
C ARG E 40 -19.12 26.53 -20.31
N LYS E 41 -18.89 26.87 -21.57
CA LYS E 41 -19.93 26.82 -22.61
C LYS E 41 -20.41 25.40 -22.83
N VAL E 42 -19.49 24.47 -23.06
CA VAL E 42 -19.84 23.05 -23.21
C VAL E 42 -20.55 22.54 -21.96
N ALA E 43 -20.07 22.95 -20.79
CA ALA E 43 -20.71 22.62 -19.52
C ALA E 43 -22.19 23.04 -19.46
N ALA E 44 -22.46 24.29 -19.84
CA ALA E 44 -23.81 24.84 -19.83
C ALA E 44 -24.70 24.16 -20.86
N GLY E 45 -24.13 23.86 -22.03
CA GLY E 45 -24.85 23.16 -23.10
C GLY E 45 -25.36 21.79 -22.66
N CYS E 46 -24.54 21.11 -21.86
CA CYS E 46 -24.88 19.76 -21.38
C CYS E 46 -25.75 19.75 -20.12
N GLY E 47 -26.22 20.93 -19.69
CA GLY E 47 -27.14 21.03 -18.56
C GLY E 47 -26.50 21.28 -17.19
N LEU E 48 -25.18 21.47 -17.17
CA LEU E 48 -24.45 21.80 -15.93
C LEU E 48 -24.16 23.30 -15.87
N ASP E 49 -24.98 24.03 -15.11
CA ASP E 49 -24.89 25.48 -15.08
C ASP E 49 -23.78 26.07 -14.17
N ASP E 50 -23.35 25.32 -13.15
CA ASP E 50 -22.30 25.85 -12.27
C ASP E 50 -21.31 24.79 -11.76
N PRO E 51 -20.23 24.56 -12.54
CA PRO E 51 -19.12 23.69 -12.16
C PRO E 51 -18.19 24.36 -11.16
N THR E 52 -17.42 23.55 -10.43
CA THR E 52 -16.41 24.03 -9.49
C THR E 52 -15.17 24.53 -10.25
N VAL E 53 -14.86 25.81 -10.09
CA VAL E 53 -13.74 26.44 -10.80
C VAL E 53 -12.67 26.89 -9.80
N VAL E 54 -11.43 26.44 -10.03
CA VAL E 54 -10.29 26.79 -9.15
C VAL E 54 -9.10 27.26 -9.98
N ARG E 55 -8.48 28.37 -9.56
CA ARG E 55 -7.30 28.89 -10.25
C ARG E 55 -6.00 28.61 -9.47
N VAL E 56 -4.93 28.32 -10.22
CA VAL E 56 -3.59 28.16 -9.66
C VAL E 56 -2.59 29.07 -10.39
N LEU E 57 -1.38 29.21 -9.82
CA LEU E 57 -0.36 30.11 -10.38
C LEU E 57 0.45 29.50 -11.51
N GLY E 58 0.72 28.20 -11.44
CA GLY E 58 1.52 27.52 -12.45
C GLY E 58 1.07 26.10 -12.75
N ALA E 59 1.55 25.55 -13.86
CA ALA E 59 1.17 24.20 -14.29
C ALA E 59 1.63 23.09 -13.33
N ILE E 60 2.82 23.26 -12.74
CA ILE E 60 3.35 22.30 -11.76
C ILE E 60 2.40 22.11 -10.57
N GLU E 61 1.65 23.16 -10.24
CA GLU E 61 0.70 23.16 -9.12
C GLU E 61 -0.64 22.49 -9.44
N ILE E 62 -0.87 22.11 -10.70
CA ILE E 62 -2.15 21.52 -11.10
C ILE E 62 -2.43 20.13 -10.48
N PRO E 63 -1.49 19.17 -10.61
CA PRO E 63 -1.75 17.81 -10.09
C PRO E 63 -2.22 17.74 -8.63
N VAL E 64 -1.56 18.47 -7.73
CA VAL E 64 -1.92 18.39 -6.31
C VAL E 64 -3.31 18.98 -5.98
N VAL E 65 -3.80 19.90 -6.82
CA VAL E 65 -5.14 20.47 -6.65
C VAL E 65 -6.23 19.58 -7.26
N ALA E 66 -5.86 18.84 -8.30
CA ALA E 66 -6.78 17.90 -8.95
C ALA E 66 -7.05 16.70 -8.04
N GLN E 67 -6.01 16.27 -7.32
CA GLN E 67 -6.11 15.19 -6.31
C GLN E 67 -7.20 15.51 -5.28
N GLU E 68 -7.17 16.74 -4.75
CA GLU E 68 -8.16 17.18 -3.78
C GLU E 68 -9.57 17.27 -4.39
N LEU E 69 -9.65 17.80 -5.61
CA LEU E 69 -10.92 17.93 -6.34
C LEU E 69 -11.54 16.58 -6.67
N ALA E 70 -10.68 15.57 -6.84
CA ALA E 70 -11.13 14.21 -7.20
C ALA E 70 -11.91 13.49 -6.09
N ARG E 71 -11.78 13.96 -4.85
CA ARG E 71 -12.48 13.34 -3.71
C ARG E 71 -13.97 13.68 -3.61
N ASN E 72 -14.45 14.58 -4.47
CA ASN E 72 -15.89 14.89 -4.50
C ASN E 72 -16.46 15.36 -5.85
N HIS E 73 -15.84 14.88 -6.93
CA HIS E 73 -16.33 15.12 -8.29
C HIS E 73 -16.20 13.85 -9.14
N ASP E 74 -17.00 13.76 -10.21
CA ASP E 74 -16.95 12.60 -11.11
C ASP E 74 -16.02 12.83 -12.31
N ALA E 75 -15.60 14.08 -12.51
CA ALA E 75 -14.70 14.45 -13.62
C ALA E 75 -13.94 15.73 -13.33
N VAL E 76 -12.65 15.75 -13.69
CA VAL E 76 -11.81 16.93 -13.51
C VAL E 76 -11.17 17.34 -14.84
N VAL E 77 -11.23 18.64 -15.15
CA VAL E 77 -10.60 19.18 -16.36
C VAL E 77 -9.45 20.12 -15.99
N ALA E 78 -8.27 19.84 -16.52
CA ALA E 78 -7.09 20.67 -16.30
C ALA E 78 -6.76 21.53 -17.53
N LEU E 79 -6.58 22.84 -17.31
CA LEU E 79 -6.35 23.81 -18.37
C LEU E 79 -5.10 24.63 -18.11
N GLY E 80 -4.32 24.88 -19.17
CA GLY E 80 -3.11 25.69 -19.06
C GLY E 80 -2.31 25.76 -20.34
N VAL E 81 -1.29 26.61 -20.36
CA VAL E 81 -0.41 26.78 -21.51
C VAL E 81 1.05 26.78 -21.06
N VAL E 82 1.87 25.93 -21.70
CA VAL E 82 3.31 25.96 -21.47
C VAL E 82 4.01 26.22 -22.81
N ILE E 83 4.75 27.34 -22.88
CA ILE E 83 5.47 27.71 -24.11
C ILE E 83 6.98 27.60 -23.94
N ARG E 84 7.64 27.00 -24.94
CA ARG E 84 9.07 26.74 -24.90
C ARG E 84 9.93 28.01 -24.90
N GLY E 85 11.07 27.93 -24.19
CA GLY E 85 12.01 29.04 -24.12
C GLY E 85 13.35 28.72 -24.78
N GLN E 86 14.43 29.19 -24.17
CA GLN E 86 15.79 29.01 -24.68
C GLN E 86 16.56 27.91 -23.94
N THR E 87 15.99 27.40 -22.86
CA THR E 87 16.65 26.35 -22.06
C THR E 87 15.82 25.06 -22.09
N PRO E 88 16.43 23.91 -21.68
CA PRO E 88 15.69 22.65 -21.64
C PRO E 88 14.65 22.59 -20.53
N HIS E 89 14.39 23.73 -19.89
CA HIS E 89 13.41 23.81 -18.79
C HIS E 89 12.01 23.39 -19.25
N PHE E 90 11.62 23.83 -20.45
CA PHE E 90 10.32 23.48 -21.05
C PHE E 90 10.04 21.99 -20.96
N ASP E 91 11.06 21.17 -21.27
CA ASP E 91 10.91 19.72 -21.25
C ASP E 91 10.60 19.14 -19.87
N TYR E 92 11.04 19.79 -18.81
CA TYR E 92 10.82 19.27 -17.47
C TYR E 92 9.52 19.71 -16.80
N VAL E 93 8.98 20.86 -17.21
CA VAL E 93 7.66 21.28 -16.73
C VAL E 93 6.57 20.34 -17.27
N CYS E 94 6.62 20.06 -18.58
CA CYS E 94 5.68 19.12 -19.21
C CYS E 94 5.80 17.68 -18.72
N ASP E 95 7.02 17.25 -18.38
CA ASP E 95 7.26 15.92 -17.80
C ASP E 95 6.48 15.73 -16.50
N ALA E 96 6.58 16.70 -15.60
CA ALA E 96 5.90 16.64 -14.32
C ALA E 96 4.39 16.55 -14.48
N VAL E 97 3.83 17.42 -15.34
CA VAL E 97 2.38 17.46 -15.58
C VAL E 97 1.86 16.12 -16.10
N THR E 98 2.58 15.52 -17.05
CA THR E 98 2.18 14.22 -17.59
C THR E 98 2.18 13.11 -16.52
N GLN E 99 3.26 13.03 -15.73
CA GLN E 99 3.39 12.06 -14.64
C GLN E 99 2.35 12.25 -13.54
N GLY E 100 2.12 13.50 -13.15
CA GLY E 100 1.18 13.85 -12.09
C GLY E 100 -0.26 13.49 -12.40
N LEU E 101 -0.77 13.98 -13.53
CA LEU E 101 -2.16 13.75 -13.94
C LEU E 101 -2.46 12.27 -14.14
N THR E 102 -1.56 11.56 -14.81
CA THR E 102 -1.72 10.11 -15.01
C THR E 102 -1.82 9.36 -13.67
N ARG E 103 -0.94 9.68 -12.73
CA ARG E 103 -0.98 9.06 -11.40
C ARG E 103 -2.28 9.36 -10.65
N VAL E 104 -2.76 10.61 -10.75
CA VAL E 104 -3.99 10.99 -10.03
C VAL E 104 -5.21 10.23 -10.56
N SER E 105 -5.34 10.15 -11.88
CA SER E 105 -6.48 9.47 -12.51
C SER E 105 -6.65 8.03 -12.05
N LEU E 106 -5.54 7.30 -11.98
CA LEU E 106 -5.54 5.89 -11.61
C LEU E 106 -5.68 5.63 -10.10
N ASP E 107 -5.14 6.53 -9.28
CA ASP E 107 -5.30 6.45 -7.82
C ASP E 107 -6.76 6.62 -7.42
N SER E 108 -7.45 7.55 -8.08
CA SER E 108 -8.81 7.93 -7.70
C SER E 108 -9.89 7.30 -8.59
N SER E 109 -9.46 6.59 -9.63
CA SER E 109 -10.35 6.03 -10.65
C SER E 109 -11.31 7.08 -11.22
N THR E 110 -10.75 8.22 -11.60
CA THR E 110 -11.52 9.38 -12.06
C THR E 110 -10.88 9.95 -13.33
N PRO E 111 -11.69 10.24 -14.36
CA PRO E 111 -11.14 10.88 -15.55
C PRO E 111 -10.61 12.28 -15.26
N ILE E 112 -9.31 12.48 -15.49
CA ILE E 112 -8.70 13.79 -15.41
C ILE E 112 -8.34 14.24 -16.82
N ALA E 113 -9.26 14.93 -17.48
CA ALA E 113 -9.05 15.39 -18.86
C ALA E 113 -7.85 16.33 -18.98
N ASN E 114 -7.06 16.15 -20.03
CA ASN E 114 -5.86 16.94 -20.27
C ASN E 114 -6.08 18.02 -21.32
N GLY E 115 -6.22 19.27 -20.86
CA GLY E 115 -6.35 20.42 -21.74
C GLY E 115 -5.24 21.44 -21.55
N VAL E 116 -4.00 20.94 -21.39
CA VAL E 116 -2.82 21.79 -21.21
C VAL E 116 -2.07 21.88 -22.54
N LEU E 117 -2.07 23.06 -23.14
CA LEU E 117 -1.35 23.29 -24.39
C LEU E 117 0.17 23.26 -24.18
N THR E 118 0.88 22.71 -25.16
CA THR E 118 2.34 22.60 -25.13
C THR E 118 2.86 22.95 -26.53
N THR E 119 3.31 24.20 -26.70
CA THR E 119 3.61 24.73 -28.04
C THR E 119 5.06 25.20 -28.20
N ASN E 120 5.46 25.43 -29.46
CA ASN E 120 6.77 26.00 -29.77
C ASN E 120 6.76 27.53 -29.81
N THR E 121 5.65 28.11 -30.26
CA THR E 121 5.48 29.58 -30.32
C THR E 121 4.16 30.04 -29.69
N GLU E 122 4.05 31.36 -29.49
CA GLU E 122 2.85 31.98 -28.92
C GLU E 122 1.67 31.93 -29.90
N GLU E 123 1.96 32.09 -31.20
CA GLU E 123 0.91 32.02 -32.22
C GLU E 123 0.21 30.66 -32.21
N GLN E 124 1.00 29.59 -32.11
CA GLN E 124 0.48 28.22 -32.06
C GLN E 124 -0.54 28.03 -30.94
N ALA E 125 -0.22 28.56 -29.76
CA ALA E 125 -1.11 28.46 -28.59
C ALA E 125 -2.41 29.24 -28.79
N LEU E 126 -2.30 30.46 -29.33
CA LEU E 126 -3.45 31.31 -29.64
C LEU E 126 -4.43 30.64 -30.62
N ASP E 127 -3.87 29.88 -31.56
CA ASP E 127 -4.63 29.24 -32.63
C ASP E 127 -5.38 27.99 -32.17
N ARG E 128 -5.08 27.53 -30.95
CA ARG E 128 -5.71 26.31 -30.41
C ARG E 128 -6.52 26.57 -29.14
N ALA E 129 -6.87 27.85 -28.91
CA ALA E 129 -7.52 28.24 -27.65
C ALA E 129 -9.03 28.50 -27.79
N GLY E 130 -9.47 28.80 -29.02
CA GLY E 130 -10.89 29.04 -29.27
C GLY E 130 -11.27 30.51 -29.32
N LEU E 131 -10.33 31.35 -29.77
CA LEU E 131 -10.57 32.77 -30.01
C LEU E 131 -11.32 32.92 -31.34
N PRO E 132 -11.95 34.11 -31.58
CA PRO E 132 -12.71 34.36 -32.81
C PRO E 132 -12.17 33.70 -34.08
N THR E 133 -10.86 33.78 -34.33
CA THR E 133 -10.28 33.27 -35.57
C THR E 133 -9.35 32.07 -35.38
N SER E 134 -9.57 31.30 -34.31
CA SER E 134 -8.73 30.11 -34.05
C SER E 134 -9.20 28.89 -34.85
N ALA E 135 -8.24 27.98 -35.12
CA ALA E 135 -8.54 26.77 -35.87
C ALA E 135 -9.24 25.69 -35.02
N GLU E 136 -8.97 25.70 -33.72
CA GLU E 136 -9.62 24.75 -32.81
C GLU E 136 -9.71 25.29 -31.37
N ASP E 137 -10.39 24.54 -30.50
CA ASP E 137 -10.58 24.93 -29.11
C ASP E 137 -10.40 23.73 -28.16
N LYS E 138 -9.21 23.63 -27.59
CA LYS E 138 -8.85 22.51 -26.71
C LYS E 138 -9.68 22.45 -25.43
N GLY E 139 -10.10 23.61 -24.93
CA GLY E 139 -10.93 23.69 -23.72
C GLY E 139 -12.27 22.99 -23.88
N ALA E 140 -12.85 23.08 -25.07
CA ALA E 140 -14.11 22.44 -25.37
C ALA E 140 -13.95 20.92 -25.58
N GLN E 141 -12.93 20.54 -26.35
CA GLN E 141 -12.62 19.13 -26.58
C GLN E 141 -12.40 18.37 -25.27
N ALA E 142 -11.60 18.96 -24.37
CA ALA E 142 -11.28 18.35 -23.08
C ALA E 142 -12.51 18.10 -22.20
N THR E 143 -13.41 19.08 -22.14
CA THR E 143 -14.62 18.96 -21.34
C THR E 143 -15.57 17.89 -21.88
N VAL E 144 -15.70 17.82 -23.21
CA VAL E 144 -16.47 16.75 -23.88
C VAL E 144 -15.89 15.37 -23.56
N ALA E 145 -14.56 15.32 -23.45
CA ALA E 145 -13.86 14.07 -23.13
C ALA E 145 -14.15 13.61 -21.70
N ALA E 146 -14.11 14.56 -20.76
CA ALA E 146 -14.36 14.26 -19.36
C ALA E 146 -15.80 13.78 -19.11
N LEU E 147 -16.77 14.56 -19.59
CA LEU E 147 -18.19 14.26 -19.38
C LEU E 147 -18.61 12.90 -19.96
N ALA E 148 -18.09 12.56 -21.14
CA ALA E 148 -18.42 11.30 -21.81
C ALA E 148 -17.83 10.09 -21.08
N THR E 149 -16.57 10.23 -20.62
CA THR E 149 -15.89 9.16 -19.89
C THR E 149 -16.57 8.88 -18.54
N ALA E 150 -17.05 9.94 -17.89
CA ALA E 150 -17.80 9.82 -16.65
C ALA E 150 -19.12 9.07 -16.82
N LEU E 151 -19.83 9.34 -17.92
CA LEU E 151 -21.09 8.67 -18.22
C LEU E 151 -20.89 7.18 -18.53
N THR E 152 -19.78 6.86 -19.23
CA THR E 152 -19.41 5.48 -19.54
C THR E 152 -19.14 4.68 -18.27
N LEU E 153 -18.31 5.25 -17.38
CA LEU E 153 -17.98 4.61 -16.11
C LEU E 153 -19.22 4.38 -15.25
N ARG E 154 -20.15 5.33 -15.32
CA ARG E 154 -21.45 5.24 -14.64
C ARG E 154 -22.26 4.02 -15.12
N GLU E 155 -22.23 3.77 -16.42
CA GLU E 155 -22.95 2.66 -17.02
C GLU E 155 -22.29 1.32 -16.73
N LEU E 156 -20.97 1.26 -16.82
CA LEU E 156 -20.20 0.05 -16.53
C LEU E 156 -20.38 -0.40 -15.09
N ARG E 157 -20.27 0.56 -14.16
CA ARG E 157 -20.29 0.29 -12.72
C ARG E 157 -21.65 -0.16 -12.16
N ALA E 158 -21.67 -0.44 -10.86
CA ALA E 158 -22.81 -1.09 -10.20
C ALA E 158 -24.08 -0.24 -10.11
N HIS E 159 -25.15 -0.73 -10.73
CA HIS E 159 -26.51 -0.17 -10.58
C HIS E 159 -27.47 -1.22 -11.15
N SER E 160 -28.80 -1.11 -11.14
CA SER E 160 -29.75 -1.02 -10.10
C SER E 160 -30.93 -1.70 -10.80
N ASP F 14 27.31 -6.48 25.15
CA ASP F 14 27.36 -5.11 25.75
C ASP F 14 26.16 -4.25 25.33
N ALA F 15 25.75 -4.37 24.09
CA ALA F 15 24.67 -3.56 23.48
C ALA F 15 25.01 -2.07 23.36
N SER F 16 26.30 -1.75 23.36
CA SER F 16 26.75 -0.35 23.33
C SER F 16 26.46 0.39 22.01
N GLY F 17 26.08 -0.36 20.98
CA GLY F 17 25.79 0.24 19.67
C GLY F 17 24.32 0.43 19.35
N VAL F 18 23.45 -0.11 20.21
CA VAL F 18 22.01 -0.05 20.02
C VAL F 18 21.45 1.33 20.37
N ARG F 19 20.49 1.80 19.57
CA ARG F 19 19.81 3.06 19.81
C ARG F 19 18.43 2.82 20.44
N LEU F 20 18.31 3.10 21.74
CA LEU F 20 17.09 2.81 22.48
C LEU F 20 16.24 4.05 22.74
N ALA F 21 14.93 3.87 22.67
CA ALA F 21 13.96 4.92 23.00
C ALA F 21 12.89 4.38 23.96
N ILE F 22 12.44 5.24 24.88
CA ILE F 22 11.44 4.86 25.89
C ILE F 22 10.28 5.86 25.93
N VAL F 23 9.05 5.33 25.77
CA VAL F 23 7.84 6.14 25.90
C VAL F 23 6.97 5.62 27.05
N ALA F 24 6.66 6.51 28.00
CA ALA F 24 5.92 6.14 29.21
C ALA F 24 4.76 7.09 29.52
N SER F 25 3.62 6.50 29.90
CA SER F 25 2.41 7.25 30.26
C SER F 25 2.51 7.81 31.69
N SER F 26 1.72 8.84 32.01
CA SER F 26 1.85 9.54 33.30
C SER F 26 0.70 9.25 34.28
N TRP F 27 -0.45 8.84 33.74
CA TRP F 27 -1.58 8.34 34.52
C TRP F 27 -1.05 7.36 35.57
N HIS F 28 -1.38 7.60 36.84
CA HIS F 28 -0.75 6.89 37.98
C HIS F 28 0.77 7.14 37.95
N GLY F 29 1.16 8.33 38.43
CA GLY F 29 2.53 8.83 38.31
C GLY F 29 3.61 8.06 39.06
N LYS F 30 3.31 7.68 40.30
CA LYS F 30 4.28 7.00 41.17
C LYS F 30 4.79 5.69 40.53
N ILE F 31 3.86 4.85 40.08
CA ILE F 31 4.21 3.57 39.45
C ILE F 31 5.02 3.77 38.15
N CYS F 32 4.62 4.77 37.37
CA CYS F 32 5.34 5.14 36.14
C CYS F 32 6.81 5.40 36.42
N ASP F 33 7.08 6.16 37.48
CA ASP F 33 8.44 6.47 37.91
C ASP F 33 9.25 5.21 38.19
N ALA F 34 8.62 4.25 38.87
CA ALA F 34 9.24 2.95 39.16
C ALA F 34 9.58 2.20 37.88
N LEU F 35 8.58 2.01 37.02
CA LEU F 35 8.76 1.37 35.71
C LEU F 35 9.87 2.04 34.90
N LEU F 36 9.86 3.37 34.84
CA LEU F 36 10.89 4.12 34.13
C LEU F 36 12.26 3.94 34.76
N ASP F 37 12.30 3.84 36.09
CA ASP F 37 13.55 3.68 36.83
C ASP F 37 14.25 2.35 36.55
N GLY F 38 13.45 1.29 36.43
CA GLY F 38 13.97 -0.04 36.09
C GLY F 38 14.60 -0.09 34.71
N ALA F 39 13.92 0.51 33.74
CA ALA F 39 14.38 0.55 32.35
C ALA F 39 15.75 1.26 32.22
N ARG F 40 15.87 2.41 32.86
CA ARG F 40 17.10 3.21 32.81
C ARG F 40 18.30 2.48 33.40
N LYS F 41 18.08 1.74 34.49
CA LYS F 41 19.14 0.98 35.14
C LYS F 41 19.68 -0.13 34.25
N VAL F 42 18.80 -0.94 33.68
CA VAL F 42 19.21 -1.98 32.72
C VAL F 42 19.93 -1.34 31.52
N ALA F 43 19.41 -0.19 31.07
CA ALA F 43 20.05 0.58 30.00
C ALA F 43 21.51 0.92 30.32
N ALA F 44 21.74 1.48 31.52
CA ALA F 44 23.07 1.89 31.95
C ALA F 44 24.01 0.70 32.14
N GLY F 45 23.47 -0.39 32.68
CA GLY F 45 24.22 -1.62 32.86
C GLY F 45 24.78 -2.17 31.56
N CYS F 46 23.97 -2.06 30.49
CA CYS F 46 24.37 -2.56 29.18
C CYS F 46 25.21 -1.57 28.36
N GLY F 47 25.63 -0.48 28.98
CA GLY F 47 26.53 0.48 28.33
C GLY F 47 25.87 1.63 27.59
N LEU F 48 24.54 1.74 27.69
CA LEU F 48 23.79 2.85 27.10
C LEU F 48 23.40 3.88 28.16
N ASP F 49 24.18 4.97 28.24
CA ASP F 49 24.04 5.93 29.32
C ASP F 49 22.92 6.97 29.15
N ASP F 50 22.47 7.19 27.91
CA ASP F 50 21.48 8.23 27.64
C ASP F 50 20.48 7.86 26.53
N PRO F 51 19.42 7.09 26.88
CA PRO F 51 18.38 6.77 25.92
C PRO F 51 17.36 7.91 25.74
N THR F 52 16.62 7.89 24.64
CA THR F 52 15.58 8.88 24.36
C THR F 52 14.34 8.61 25.20
N VAL F 53 13.98 9.54 26.08
CA VAL F 53 12.81 9.37 26.95
C VAL F 53 11.71 10.40 26.63
N VAL F 54 10.49 9.90 26.41
CA VAL F 54 9.33 10.73 26.06
C VAL F 54 8.13 10.39 26.94
N ARG F 55 7.48 11.41 27.49
CA ARG F 55 6.27 11.19 28.31
C ARG F 55 4.98 11.54 27.57
N VAL F 56 3.93 10.75 27.82
CA VAL F 56 2.58 11.03 27.30
C VAL F 56 1.56 11.04 28.44
N LEU F 57 0.35 11.51 28.15
CA LEU F 57 -0.68 11.64 29.17
C LEU F 57 -1.49 10.37 29.44
N GLY F 58 -1.71 9.57 28.38
CA GLY F 58 -2.46 8.31 28.53
C GLY F 58 -1.92 7.18 27.68
N ALA F 59 -2.36 5.95 27.98
CA ALA F 59 -1.92 4.75 27.25
C ALA F 59 -2.34 4.74 25.79
N ILE F 60 -3.54 5.27 25.50
CA ILE F 60 -4.07 5.37 24.13
C ILE F 60 -3.12 6.14 23.22
N GLU F 61 -2.43 7.12 23.81
CA GLU F 61 -1.50 7.98 23.07
C GLU F 61 -0.10 7.37 22.83
N ILE F 62 0.14 6.17 23.36
CA ILE F 62 1.45 5.52 23.21
C ILE F 62 1.77 5.10 21.76
N PRO F 63 0.87 4.38 21.08
CA PRO F 63 1.20 3.84 19.75
C PRO F 63 1.65 4.90 18.75
N VAL F 64 0.96 6.04 18.71
CA VAL F 64 1.26 7.11 17.75
C VAL F 64 2.64 7.76 17.97
N VAL F 65 3.12 7.75 19.21
CA VAL F 65 4.44 8.32 19.54
C VAL F 65 5.56 7.30 19.32
N ALA F 66 5.24 6.02 19.46
CA ALA F 66 6.18 4.94 19.19
C ALA F 66 6.50 4.85 17.69
N GLN F 67 5.47 5.09 16.87
CA GLN F 67 5.60 5.15 15.41
C GLN F 67 6.67 6.16 14.99
N GLU F 68 6.59 7.37 15.55
CA GLU F 68 7.54 8.43 15.28
C GLU F 68 8.95 8.07 15.77
N LEU F 69 9.04 7.50 16.97
CA LEU F 69 10.31 7.10 17.57
C LEU F 69 10.98 5.96 16.78
N ALA F 70 10.17 5.14 16.12
CA ALA F 70 10.67 3.99 15.36
C ALA F 70 11.48 4.37 14.13
N ARG F 71 11.30 5.60 13.64
CA ARG F 71 12.01 6.05 12.43
C ARG F 71 13.49 6.42 12.66
N ASN F 72 13.95 6.41 13.92
CA ASN F 72 15.37 6.67 14.22
C ASN F 72 15.94 5.95 15.45
N HIS F 73 15.37 4.80 15.78
CA HIS F 73 15.86 3.94 16.86
C HIS F 73 15.81 2.46 16.48
N ASP F 74 16.61 1.64 17.15
CA ASP F 74 16.67 0.19 16.90
C ASP F 74 15.68 -0.59 17.78
N ALA F 75 15.19 0.07 18.83
CA ALA F 75 14.30 -0.56 19.81
C ALA F 75 13.50 0.46 20.59
N VAL F 76 12.22 0.15 20.82
CA VAL F 76 11.33 1.04 21.58
C VAL F 76 10.70 0.27 22.75
N VAL F 77 10.71 0.90 23.93
CA VAL F 77 10.06 0.33 25.11
C VAL F 77 8.86 1.19 25.53
N ALA F 78 7.70 0.55 25.64
CA ALA F 78 6.48 1.22 26.11
C ALA F 78 6.14 0.84 27.55
N LEU F 79 5.91 1.86 28.38
CA LEU F 79 5.64 1.66 29.80
C LEU F 79 4.37 2.37 30.24
N GLY F 80 3.59 1.70 31.09
CA GLY F 80 2.35 2.28 31.61
C GLY F 80 1.55 1.34 32.49
N VAL F 81 0.49 1.86 33.11
CA VAL F 81 -0.38 1.07 33.98
C VAL F 81 -1.85 1.34 33.67
N VAL F 82 -2.62 0.27 33.42
CA VAL F 82 -4.05 0.38 33.24
C VAL F 82 -4.76 -0.46 34.31
N ILE F 83 -5.56 0.20 35.14
CA ILE F 83 -6.27 -0.44 36.26
C ILE F 83 -7.78 -0.47 36.02
N ARG F 84 -8.39 -1.65 36.21
CA ARG F 84 -9.82 -1.87 35.95
C ARG F 84 -10.73 -1.06 36.88
N GLY F 85 -11.86 -0.61 36.33
CA GLY F 85 -12.85 0.13 37.10
C GLY F 85 -14.15 -0.63 37.26
N GLN F 86 -15.27 0.08 37.16
CA GLN F 86 -16.59 -0.51 37.34
C GLN F 86 -17.37 -0.63 36.03
N THR F 87 -16.78 -0.13 34.95
CA THR F 87 -17.39 -0.24 33.61
C THR F 87 -16.51 -1.09 32.67
N PRO F 88 -17.09 -1.59 31.55
CA PRO F 88 -16.30 -2.33 30.57
C PRO F 88 -15.26 -1.48 29.83
N HIS F 89 -15.06 -0.25 30.28
CA HIS F 89 -14.11 0.66 29.64
C HIS F 89 -12.67 0.10 29.66
N PHE F 90 -12.28 -0.51 30.78
CA PHE F 90 -10.97 -1.13 30.93
C PHE F 90 -10.63 -2.05 29.75
N ASP F 91 -11.62 -2.85 29.33
CA ASP F 91 -11.46 -3.78 28.21
C ASP F 91 -11.06 -3.09 26.90
N TYR F 92 -11.55 -1.88 26.68
CA TYR F 92 -11.35 -1.20 25.41
C TYR F 92 -10.05 -0.38 25.33
N VAL F 93 -9.57 0.09 26.48
CA VAL F 93 -8.27 0.76 26.53
C VAL F 93 -7.14 -0.22 26.18
N CYS F 94 -7.17 -1.40 26.81
CA CYS F 94 -6.19 -2.46 26.57
C CYS F 94 -6.23 -3.02 25.14
N ASP F 95 -7.44 -3.09 24.57
CA ASP F 95 -7.61 -3.55 23.19
C ASP F 95 -6.86 -2.67 22.19
N ALA F 96 -7.01 -1.36 22.34
CA ALA F 96 -6.32 -0.38 21.50
C ALA F 96 -4.80 -0.51 21.57
N VAL F 97 -4.26 -0.58 22.78
CA VAL F 97 -2.80 -0.68 22.98
C VAL F 97 -2.24 -1.94 22.32
N THR F 98 -2.93 -3.08 22.50
CA THR F 98 -2.54 -4.35 21.86
C THR F 98 -2.47 -4.22 20.34
N GLN F 99 -3.55 -3.73 19.73
CA GLN F 99 -3.64 -3.55 18.27
C GLN F 99 -2.59 -2.57 17.74
N GLY F 100 -2.46 -1.43 18.42
CA GLY F 100 -1.55 -0.38 18.00
C GLY F 100 -0.09 -0.80 17.98
N LEU F 101 0.41 -1.30 19.11
CA LEU F 101 1.81 -1.70 19.24
C LEU F 101 2.19 -2.82 18.26
N THR F 102 1.34 -3.84 18.13
CA THR F 102 1.57 -4.92 17.18
C THR F 102 1.70 -4.41 15.74
N ARG F 103 0.81 -3.49 15.36
CA ARG F 103 0.83 -2.93 14.01
C ARG F 103 2.08 -2.09 13.77
N VAL F 104 2.54 -1.36 14.79
CA VAL F 104 3.72 -0.52 14.66
C VAL F 104 5.00 -1.34 14.45
N SER F 105 5.16 -2.40 15.25
CA SER F 105 6.34 -3.27 15.17
C SER F 105 6.53 -3.89 13.78
N LEU F 106 5.44 -4.37 13.16
CA LEU F 106 5.52 -5.00 11.85
C LEU F 106 5.64 -4.02 10.68
N ASP F 107 5.05 -2.83 10.83
CA ASP F 107 5.18 -1.76 9.83
C ASP F 107 6.63 -1.31 9.68
N SER F 108 7.30 -1.16 10.83
CA SER F 108 8.63 -0.58 10.89
C SER F 108 9.74 -1.64 11.01
N SER F 109 9.34 -2.90 11.19
CA SER F 109 10.29 -4.00 11.43
C SER F 109 11.21 -3.72 12.63
N THR F 110 10.61 -3.24 13.72
CA THR F 110 11.35 -2.83 14.92
C THR F 110 10.70 -3.44 16.16
N PRO F 111 11.51 -4.03 17.06
CA PRO F 111 10.92 -4.52 18.31
C PRO F 111 10.35 -3.38 19.19
N ILE F 112 9.05 -3.45 19.44
CA ILE F 112 8.39 -2.54 20.39
C ILE F 112 8.02 -3.36 21.63
N ALA F 113 8.92 -3.39 22.61
CA ALA F 113 8.70 -4.15 23.84
C ALA F 113 7.49 -3.65 24.62
N ASN F 114 6.72 -4.58 25.16
CA ASN F 114 5.49 -4.26 25.89
C ASN F 114 5.67 -4.34 27.39
N GLY F 115 5.74 -3.18 28.03
CA GLY F 115 5.84 -3.08 29.49
C GLY F 115 4.68 -2.30 30.09
N VAL F 116 3.47 -2.55 29.59
CA VAL F 116 2.26 -1.90 30.09
C VAL F 116 1.49 -2.86 30.99
N LEU F 117 1.46 -2.54 32.28
CA LEU F 117 0.75 -3.37 33.26
C LEU F 117 -0.77 -3.28 33.06
N THR F 118 -1.45 -4.41 33.28
CA THR F 118 -2.91 -4.49 33.16
C THR F 118 -3.43 -5.35 34.31
N THR F 119 -3.93 -4.68 35.36
CA THR F 119 -4.25 -5.36 36.63
C THR F 119 -5.71 -5.22 37.06
N ASN F 120 -6.10 -6.04 38.04
CA ASN F 120 -7.42 -5.94 38.66
C ASN F 120 -7.48 -4.95 39.84
N THR F 121 -6.37 -4.85 40.59
CA THR F 121 -6.28 -3.94 41.74
C THR F 121 -4.98 -3.12 41.71
N GLU F 122 -4.91 -2.09 42.56
CA GLU F 122 -3.71 -1.25 42.64
C GLU F 122 -2.54 -1.97 43.31
N GLU F 123 -2.84 -2.84 44.27
CA GLU F 123 -1.84 -3.68 44.95
C GLU F 123 -1.04 -4.49 43.92
N GLN F 124 -1.76 -5.16 43.02
CA GLN F 124 -1.16 -5.99 41.97
C GLN F 124 -0.16 -5.21 41.10
N ALA F 125 -0.54 -3.99 40.72
CA ALA F 125 0.32 -3.13 39.92
C ALA F 125 1.62 -2.76 40.67
N LEU F 126 1.46 -2.35 41.94
CA LEU F 126 2.59 -2.00 42.81
C LEU F 126 3.60 -3.13 42.97
N ASP F 127 3.08 -4.37 43.02
CA ASP F 127 3.91 -5.56 43.24
C ASP F 127 4.68 -6.01 42.00
N ARG F 128 4.39 -5.38 40.85
CA ARG F 128 5.01 -5.74 39.57
C ARG F 128 5.84 -4.61 38.97
N ALA F 129 6.11 -3.57 39.77
CA ALA F 129 6.75 -2.36 39.26
C ALA F 129 8.25 -2.24 39.59
N GLY F 130 8.68 -2.96 40.65
CA GLY F 130 10.08 -2.96 41.05
C GLY F 130 10.41 -2.00 42.18
N LEU F 131 9.45 -1.82 43.08
CA LEU F 131 9.66 -1.04 44.29
C LEU F 131 10.39 -1.92 45.33
N PRO F 132 10.97 -1.30 46.38
CA PRO F 132 11.73 -2.02 47.41
C PRO F 132 11.25 -3.45 47.74
N THR F 133 9.93 -3.64 47.89
CA THR F 133 9.38 -4.92 48.33
C THR F 133 8.50 -5.61 47.27
N SER F 134 8.76 -5.31 45.99
CA SER F 134 7.98 -5.91 44.90
C SER F 134 8.48 -7.30 44.53
N ALA F 135 7.56 -8.14 44.01
CA ALA F 135 7.93 -9.50 43.60
C ALA F 135 8.65 -9.53 42.25
N GLU F 136 8.36 -8.55 41.39
CA GLU F 136 9.05 -8.45 40.09
C GLU F 136 9.11 -7.01 39.55
N ASP F 137 9.79 -6.85 38.41
CA ASP F 137 10.03 -5.54 37.81
C ASP F 137 9.84 -5.60 36.29
N LYS F 138 8.64 -5.27 35.83
CA LYS F 138 8.28 -5.33 34.40
C LYS F 138 9.11 -4.40 33.51
N GLY F 139 9.47 -3.23 34.05
CA GLY F 139 10.28 -2.26 33.33
C GLY F 139 11.65 -2.79 32.94
N ALA F 140 12.25 -3.60 33.82
CA ALA F 140 13.55 -4.22 33.56
C ALA F 140 13.45 -5.36 32.55
N GLN F 141 12.45 -6.24 32.73
CA GLN F 141 12.24 -7.35 31.82
C GLN F 141 11.98 -6.89 30.38
N ALA F 142 11.17 -5.85 30.22
CA ALA F 142 10.87 -5.27 28.91
C ALA F 142 12.09 -4.73 28.18
N THR F 143 12.95 -4.00 28.89
CA THR F 143 14.17 -3.43 28.29
C THR F 143 15.15 -4.52 27.85
N VAL F 144 15.32 -5.55 28.69
CA VAL F 144 16.13 -6.72 28.36
C VAL F 144 15.59 -7.43 27.11
N ALA F 145 14.27 -7.43 26.96
CA ALA F 145 13.63 -8.02 25.79
C ALA F 145 13.90 -7.23 24.51
N ALA F 146 13.82 -5.91 24.60
CA ALA F 146 14.06 -5.03 23.45
C ALA F 146 15.50 -5.09 22.95
N LEU F 147 16.45 -4.93 23.88
CA LEU F 147 17.87 -4.91 23.54
C LEU F 147 18.37 -6.22 22.93
N ALA F 148 17.88 -7.34 23.44
CA ALA F 148 18.28 -8.66 22.93
C ALA F 148 17.73 -8.94 21.53
N THR F 149 16.47 -8.55 21.30
CA THR F 149 15.84 -8.75 19.99
C THR F 149 16.48 -7.87 18.91
N ALA F 150 16.90 -6.67 19.29
CA ALA F 150 17.65 -5.77 18.41
C ALA F 150 18.99 -6.37 17.98
N LEU F 151 19.70 -6.97 18.93
CA LEU F 151 21.00 -7.62 18.65
C LEU F 151 20.87 -8.82 17.73
N THR F 152 19.80 -9.60 17.92
CA THR F 152 19.49 -10.76 17.09
C THR F 152 19.21 -10.34 15.64
N LEU F 153 18.36 -9.33 15.46
CA LEU F 153 18.04 -8.80 14.15
C LEU F 153 19.28 -8.25 13.44
N ARG F 154 20.17 -7.64 14.21
CA ARG F 154 21.47 -7.16 13.74
C ARG F 154 22.33 -8.29 13.14
N GLU F 155 22.33 -9.44 13.81
CA GLU F 155 23.12 -10.59 13.37
C GLU F 155 22.49 -11.29 12.16
N LEU F 156 21.17 -11.43 12.16
CA LEU F 156 20.47 -12.05 11.04
C LEU F 156 20.62 -11.23 9.75
N ARG F 157 20.49 -9.90 9.87
CA ARG F 157 20.49 -8.98 8.72
C ARG F 157 21.84 -8.82 8.03
N ALA F 158 21.85 -8.04 6.95
CA ALA F 158 22.98 -7.89 6.05
C ALA F 158 24.20 -7.24 6.70
N HIS F 159 25.28 -8.03 6.80
CA HIS F 159 26.57 -7.51 7.24
C HIS F 159 27.68 -8.31 6.62
N SER F 160 28.89 -7.71 6.64
CA SER F 160 29.97 -8.28 5.90
C SER F 160 31.05 -8.73 6.93
N ASP G 14 0.19 28.58 26.18
CA ASP G 14 0.08 27.23 25.56
C ASP G 14 -0.87 27.21 24.36
N ALA G 15 -0.46 26.44 23.37
CA ALA G 15 -1.29 25.82 22.33
C ALA G 15 -1.96 26.70 21.29
N SER G 16 -1.56 27.97 21.19
CA SER G 16 -2.22 28.93 20.31
C SER G 16 -2.02 28.65 18.81
N GLY G 17 -1.07 27.80 18.47
CA GLY G 17 -0.78 27.50 17.08
C GLY G 17 -1.36 26.18 16.56
N VAL G 18 -1.92 25.37 17.46
CA VAL G 18 -2.45 24.08 17.03
C VAL G 18 -3.84 24.20 16.42
N ARG G 19 -4.12 23.37 15.43
CA ARG G 19 -5.41 23.36 14.75
C ARG G 19 -6.24 22.17 15.22
N LEU G 20 -7.27 22.48 15.99
CA LEU G 20 -8.12 21.47 16.63
C LEU G 20 -9.44 21.24 15.88
N ALA G 21 -9.86 19.98 15.83
CA ALA G 21 -11.17 19.59 15.30
C ALA G 21 -11.90 18.66 16.26
N ILE G 22 -13.23 18.80 16.33
CA ILE G 22 -14.06 18.04 17.25
C ILE G 22 -15.24 17.40 16.53
N VAL G 23 -15.37 16.08 16.64
CA VAL G 23 -16.50 15.33 16.07
C VAL G 23 -17.28 14.61 17.17
N ALA G 24 -18.57 14.92 17.27
CA ALA G 24 -19.43 14.40 18.35
C ALA G 24 -20.75 13.82 17.86
N SER G 25 -21.12 12.65 18.38
CA SER G 25 -22.39 12.00 18.01
C SER G 25 -23.57 12.61 18.78
N SER G 26 -24.78 12.43 18.24
CA SER G 26 -25.97 13.10 18.79
C SER G 26 -26.91 12.18 19.59
N TRP G 27 -26.84 10.87 19.32
CA TRP G 27 -27.52 9.85 20.11
C TRP G 27 -27.27 10.16 21.60
N HIS G 28 -28.36 10.24 22.38
CA HIS G 28 -28.31 10.77 23.75
C HIS G 28 -27.79 12.21 23.72
N GLY G 29 -28.68 13.15 23.35
CA GLY G 29 -28.31 14.53 23.08
C GLY G 29 -27.81 15.37 24.27
N LYS G 30 -28.47 15.22 25.42
CA LYS G 30 -28.12 15.96 26.62
C LYS G 30 -26.65 15.77 27.04
N ILE G 31 -26.23 14.50 27.16
CA ILE G 31 -24.85 14.17 27.57
C ILE G 31 -23.84 14.68 26.55
N CYS G 32 -24.17 14.54 25.27
CA CYS G 32 -23.34 15.03 24.18
C CYS G 32 -23.03 16.52 24.34
N ASP G 33 -24.05 17.31 24.67
CA ASP G 33 -23.90 18.74 24.92
C ASP G 33 -22.90 19.01 26.04
N ALA G 34 -22.98 18.23 27.12
CA ALA G 34 -22.04 18.33 28.24
C ALA G 34 -20.61 18.03 27.79
N LEU G 35 -20.40 16.86 27.17
CA LEU G 35 -19.09 16.48 26.64
C LEU G 35 -18.53 17.55 25.71
N LEU G 36 -19.36 18.04 24.79
CA LEU G 36 -18.96 19.10 23.86
C LEU G 36 -18.60 20.39 24.60
N ASP G 37 -19.34 20.68 25.67
CA ASP G 37 -19.11 21.91 26.45
C ASP G 37 -17.77 21.91 27.19
N GLY G 38 -17.38 20.76 27.73
CA GLY G 38 -16.08 20.62 28.38
C GLY G 38 -14.91 20.83 27.44
N ALA G 39 -15.01 20.24 26.24
CA ALA G 39 -13.98 20.36 25.22
C ALA G 39 -13.72 21.81 24.79
N ARG G 40 -14.80 22.55 24.52
CA ARG G 40 -14.70 23.94 24.09
C ARG G 40 -14.10 24.86 25.15
N LYS G 41 -14.41 24.59 26.41
CA LYS G 41 -13.86 25.36 27.54
C LYS G 41 -12.34 25.22 27.63
N VAL G 42 -11.86 23.98 27.62
CA VAL G 42 -10.42 23.68 27.61
C VAL G 42 -9.75 24.33 26.39
N ALA G 43 -10.44 24.25 25.25
CA ALA G 43 -9.96 24.87 24.01
C ALA G 43 -9.74 26.37 24.16
N ALA G 44 -10.74 27.06 24.72
CA ALA G 44 -10.68 28.51 24.92
C ALA G 44 -9.61 28.91 25.95
N GLY G 45 -9.49 28.12 27.02
CA GLY G 45 -8.46 28.32 28.03
C GLY G 45 -7.05 28.29 27.45
N CYS G 46 -6.82 27.38 26.50
CA CYS G 46 -5.52 27.20 25.86
C CYS G 46 -5.26 28.18 24.70
N GLY G 47 -6.15 29.15 24.50
CA GLY G 47 -5.95 30.18 23.48
C GLY G 47 -6.54 29.89 22.11
N LEU G 48 -7.27 28.79 21.98
CA LEU G 48 -7.98 28.44 20.74
C LEU G 48 -9.48 28.79 20.83
N ASP G 49 -9.84 29.92 20.23
CA ASP G 49 -11.18 30.52 20.29
C ASP G 49 -12.25 29.77 19.50
N ASP G 50 -11.84 29.16 18.39
CA ASP G 50 -12.78 28.68 17.38
C ASP G 50 -12.31 27.39 16.71
N PRO G 51 -12.49 26.23 17.37
CA PRO G 51 -12.17 24.94 16.73
C PRO G 51 -13.26 24.47 15.75
N THR G 52 -12.90 23.54 14.86
CA THR G 52 -13.86 22.97 13.90
C THR G 52 -14.74 21.93 14.60
N VAL G 53 -16.05 22.19 14.60
CA VAL G 53 -17.03 21.32 15.26
C VAL G 53 -17.96 20.66 14.23
N VAL G 54 -18.06 19.34 14.26
CA VAL G 54 -18.92 18.60 13.35
C VAL G 54 -19.76 17.55 14.11
N ARG G 55 -21.05 17.50 13.79
CA ARG G 55 -21.99 16.55 14.40
C ARG G 55 -22.29 15.36 13.50
N VAL G 56 -22.44 14.19 14.10
CA VAL G 56 -22.86 12.99 13.40
C VAL G 56 -24.03 12.33 14.14
N LEU G 57 -24.69 11.36 13.49
CA LEU G 57 -25.89 10.74 14.05
C LEU G 57 -25.61 9.57 15.00
N GLY G 58 -24.55 8.81 14.72
CA GLY G 58 -24.16 7.68 15.57
C GLY G 58 -22.67 7.51 15.72
N ALA G 59 -22.27 6.68 16.69
CA ALA G 59 -20.86 6.43 16.98
C ALA G 59 -20.12 5.72 15.83
N ILE G 60 -20.82 4.82 15.14
CA ILE G 60 -20.23 4.07 14.04
C ILE G 60 -19.78 5.00 12.90
N GLU G 61 -20.45 6.14 12.75
CA GLU G 61 -20.02 7.10 11.71
C GLU G 61 -18.94 8.10 12.13
N ILE G 62 -18.42 7.97 13.35
CA ILE G 62 -17.31 8.81 13.81
C ILE G 62 -16.01 8.61 13.02
N PRO G 63 -15.51 7.34 12.90
CA PRO G 63 -14.20 7.13 12.26
C PRO G 63 -14.08 7.75 10.86
N VAL G 64 -15.09 7.56 10.02
CA VAL G 64 -15.06 8.05 8.64
C VAL G 64 -14.96 9.59 8.53
N VAL G 65 -15.50 10.30 9.52
CA VAL G 65 -15.48 11.78 9.52
C VAL G 65 -14.19 12.32 10.15
N ALA G 66 -13.60 11.54 11.05
CA ALA G 66 -12.30 11.89 11.64
C ALA G 66 -11.18 11.77 10.61
N GLN G 67 -11.28 10.79 9.72
CA GLN G 67 -10.34 10.59 8.63
C GLN G 67 -10.27 11.84 7.74
N GLU G 68 -11.45 12.37 7.40
CA GLU G 68 -11.55 13.58 6.60
C GLU G 68 -10.97 14.80 7.32
N LEU G 69 -11.31 14.92 8.60
CA LEU G 69 -10.84 16.03 9.43
C LEU G 69 -9.32 16.00 9.66
N ALA G 70 -8.75 14.80 9.61
CA ALA G 70 -7.32 14.60 9.83
C ALA G 70 -6.43 15.20 8.73
N ARG G 71 -7.00 15.45 7.55
CA ARG G 71 -6.24 15.96 6.42
C ARG G 71 -5.94 17.47 6.52
N ASN G 72 -6.45 18.12 7.56
CA ASN G 72 -6.35 19.57 7.70
C ASN G 72 -6.27 20.07 9.16
N HIS G 73 -5.99 19.16 10.09
CA HIS G 73 -5.87 19.52 11.52
C HIS G 73 -4.70 18.80 12.19
N ASP G 74 -4.23 19.33 13.32
CA ASP G 74 -3.14 18.72 14.09
C ASP G 74 -3.63 17.75 15.15
N ALA G 75 -4.92 17.82 15.47
CA ALA G 75 -5.51 16.98 16.51
C ALA G 75 -7.03 16.86 16.35
N VAL G 76 -7.54 15.65 16.56
CA VAL G 76 -8.98 15.38 16.48
C VAL G 76 -9.49 14.79 17.80
N VAL G 77 -10.63 15.31 18.27
CA VAL G 77 -11.29 14.82 19.48
C VAL G 77 -12.64 14.19 19.14
N ALA G 78 -12.81 12.92 19.50
CA ALA G 78 -14.07 12.20 19.28
C ALA G 78 -14.90 12.08 20.56
N LEU G 79 -16.17 12.47 20.49
CA LEU G 79 -17.05 12.49 21.65
C LEU G 79 -18.36 11.74 21.42
N GLY G 80 -18.80 10.98 22.41
CA GLY G 80 -20.06 10.23 22.30
C GLY G 80 -20.34 9.34 23.50
N VAL G 81 -21.53 8.75 23.51
CA VAL G 81 -21.94 7.84 24.59
C VAL G 81 -22.59 6.59 24.01
N VAL G 82 -22.10 5.42 24.46
CA VAL G 82 -22.71 4.15 24.09
C VAL G 82 -23.13 3.42 25.37
N ILE G 83 -24.44 3.15 25.49
CA ILE G 83 -25.02 2.54 26.68
C ILE G 83 -25.55 1.12 26.38
N ARG G 84 -25.18 0.16 27.22
CA ARG G 84 -25.53 -1.26 27.06
C ARG G 84 -27.04 -1.52 27.11
N GLY G 85 -27.49 -2.47 26.28
CA GLY G 85 -28.90 -2.88 26.29
C GLY G 85 -29.09 -4.31 26.75
N GLN G 86 -30.00 -5.02 26.09
CA GLN G 86 -30.36 -6.39 26.46
C GLN G 86 -29.77 -7.44 25.51
N THR G 87 -29.16 -6.97 24.42
CA THR G 87 -28.54 -7.85 23.43
C THR G 87 -27.03 -7.63 23.37
N PRO G 88 -26.26 -8.59 22.80
CA PRO G 88 -24.81 -8.40 22.64
C PRO G 88 -24.43 -7.33 21.62
N HIS G 89 -25.41 -6.55 21.16
CA HIS G 89 -25.16 -5.49 20.19
C HIS G 89 -24.18 -4.42 20.71
N PHE G 90 -24.32 -4.08 21.99
CA PHE G 90 -23.42 -3.15 22.67
C PHE G 90 -21.95 -3.46 22.42
N ASP G 91 -21.60 -4.75 22.51
CA ASP G 91 -20.24 -5.24 22.28
C ASP G 91 -19.69 -4.92 20.89
N TYR G 92 -20.55 -4.91 19.89
CA TYR G 92 -20.13 -4.73 18.51
C TYR G 92 -20.04 -3.27 18.05
N VAL G 93 -20.82 -2.40 18.67
CA VAL G 93 -20.72 -0.96 18.42
C VAL G 93 -19.35 -0.44 18.89
N CYS G 94 -18.99 -0.81 20.12
CA CYS G 94 -17.71 -0.42 20.74
C CYS G 94 -16.49 -1.01 20.03
N ASP G 95 -16.62 -2.23 19.52
CA ASP G 95 -15.53 -2.88 18.78
C ASP G 95 -15.16 -2.10 17.53
N ALA G 96 -16.17 -1.67 16.77
CA ALA G 96 -15.96 -0.88 15.56
C ALA G 96 -15.24 0.45 15.84
N VAL G 97 -15.70 1.18 16.86
CA VAL G 97 -15.11 2.47 17.21
C VAL G 97 -13.63 2.32 17.61
N THR G 98 -13.33 1.28 18.39
CA THR G 98 -11.94 0.98 18.79
C THR G 98 -11.04 0.75 17.57
N GLN G 99 -11.47 -0.15 16.68
CA GLN G 99 -10.71 -0.49 15.48
C GLN G 99 -10.55 0.71 14.54
N GLY G 100 -11.63 1.46 14.33
CA GLY G 100 -11.64 2.59 13.43
C GLY G 100 -10.69 3.70 13.82
N LEU G 101 -10.83 4.19 15.05
CA LEU G 101 -10.03 5.31 15.54
C LEU G 101 -8.54 4.98 15.58
N THR G 102 -8.19 3.80 16.06
CA THR G 102 -6.78 3.36 16.09
C THR G 102 -6.18 3.33 14.68
N ARG G 103 -6.94 2.81 13.71
CA ARG G 103 -6.52 2.77 12.32
C ARG G 103 -6.29 4.17 11.74
N VAL G 104 -7.18 5.10 12.06
CA VAL G 104 -7.11 6.46 11.54
C VAL G 104 -5.87 7.18 12.05
N SER G 105 -5.62 7.09 13.36
CA SER G 105 -4.48 7.78 13.98
C SER G 105 -3.13 7.39 13.36
N LEU G 106 -2.94 6.10 13.08
CA LEU G 106 -1.69 5.60 12.54
C LEU G 106 -1.53 5.82 11.03
N ASP G 107 -2.64 5.81 10.30
CA ASP G 107 -2.65 6.14 8.87
C ASP G 107 -2.22 7.58 8.63
N SER G 108 -2.71 8.49 9.45
CA SER G 108 -2.50 9.92 9.25
C SER G 108 -1.42 10.52 10.15
N SER G 109 -0.90 9.70 11.07
CA SER G 109 0.10 10.14 12.07
C SER G 109 -0.42 11.35 12.87
N THR G 110 -1.67 11.26 13.32
CA THR G 110 -2.36 12.34 14.02
C THR G 110 -3.03 11.80 15.29
N PRO G 111 -2.87 12.50 16.43
CA PRO G 111 -3.59 12.06 17.63
C PRO G 111 -5.10 12.19 17.48
N ILE G 112 -5.80 11.07 17.57
CA ILE G 112 -7.25 11.05 17.62
C ILE G 112 -7.67 10.68 19.05
N ALA G 113 -7.86 11.71 19.89
CA ALA G 113 -8.24 11.51 21.28
C ALA G 113 -9.59 10.80 21.43
N ASN G 114 -9.66 9.87 22.38
CA ASN G 114 -10.86 9.06 22.59
C ASN G 114 -11.67 9.53 23.79
N GLY G 115 -12.79 10.20 23.52
CA GLY G 115 -13.71 10.66 24.55
C GLY G 115 -15.10 10.09 24.37
N VAL G 116 -15.16 8.80 24.03
CA VAL G 116 -16.45 8.11 23.87
C VAL G 116 -16.73 7.23 25.09
N LEU G 117 -17.76 7.62 25.84
CA LEU G 117 -18.18 6.90 27.04
C LEU G 117 -18.77 5.53 26.68
N THR G 118 -18.45 4.53 27.50
CA THR G 118 -19.02 3.18 27.36
C THR G 118 -19.42 2.63 28.73
N THR G 119 -20.71 2.71 29.04
CA THR G 119 -21.19 2.41 30.38
C THR G 119 -22.21 1.28 30.47
N ASN G 120 -22.48 0.83 31.69
CA ASN G 120 -23.52 -0.16 31.94
C ASN G 120 -24.90 0.46 32.17
N THR G 121 -24.93 1.65 32.79
CA THR G 121 -26.18 2.36 33.08
C THR G 121 -26.12 3.83 32.66
N GLU G 122 -27.28 4.51 32.65
CA GLU G 122 -27.35 5.92 32.28
C GLU G 122 -26.76 6.83 33.35
N GLU G 123 -26.91 6.43 34.61
CA GLU G 123 -26.34 7.16 35.75
C GLU G 123 -24.83 7.29 35.62
N GLN G 124 -24.17 6.18 35.28
CA GLN G 124 -22.72 6.13 35.11
C GLN G 124 -22.22 7.13 34.06
N ALA G 125 -22.94 7.21 32.94
CA ALA G 125 -22.58 8.14 31.86
C ALA G 125 -22.75 9.60 32.29
N LEU G 126 -23.85 9.91 32.98
CA LEU G 126 -24.11 11.26 33.50
C LEU G 126 -23.03 11.72 34.47
N ASP G 127 -22.51 10.77 35.26
CA ASP G 127 -21.52 11.08 36.30
C ASP G 127 -20.11 11.30 35.74
N ARG G 128 -19.94 11.04 34.43
CA ARG G 128 -18.63 11.15 33.78
C ARG G 128 -18.60 12.20 32.66
N ALA G 129 -19.64 13.05 32.63
CA ALA G 129 -19.81 14.00 31.52
C ALA G 129 -19.41 15.45 31.86
N GLY G 130 -19.42 15.78 33.15
CA GLY G 130 -19.04 17.13 33.57
C GLY G 130 -20.21 18.06 33.85
N LEU G 131 -21.32 17.48 34.31
CA LEU G 131 -22.48 18.24 34.74
C LEU G 131 -22.22 18.78 36.15
N PRO G 132 -23.01 19.78 36.61
CA PRO G 132 -22.85 20.38 37.94
C PRO G 132 -22.33 19.45 39.04
N THR G 133 -22.92 18.26 39.14
CA THR G 133 -22.68 17.32 40.24
C THR G 133 -21.90 16.06 39.83
N SER G 134 -21.18 16.13 38.70
CA SER G 134 -20.48 14.94 38.19
C SER G 134 -19.12 14.74 38.87
N ALA G 135 -18.69 13.47 38.93
CA ALA G 135 -17.39 13.13 39.54
C ALA G 135 -16.20 13.47 38.63
N GLU G 136 -16.42 13.43 37.32
CA GLU G 136 -15.38 13.72 36.33
C GLU G 136 -15.94 14.28 35.01
N ASP G 137 -15.04 14.71 34.12
CA ASP G 137 -15.42 15.25 32.81
C ASP G 137 -14.50 14.73 31.71
N LYS G 138 -14.95 13.68 31.02
CA LYS G 138 -14.18 13.04 29.95
C LYS G 138 -13.87 13.96 28.77
N GLY G 139 -14.79 14.87 28.47
CA GLY G 139 -14.61 15.82 27.38
C GLY G 139 -13.41 16.73 27.57
N ALA G 140 -13.16 17.10 28.82
CA ALA G 140 -12.03 17.97 29.17
C ALA G 140 -10.72 17.19 29.12
N GLN G 141 -10.71 16.01 29.72
CA GLN G 141 -9.53 15.14 29.75
C GLN G 141 -9.05 14.81 28.33
N ALA G 142 -9.99 14.47 27.45
CA ALA G 142 -9.68 14.11 26.06
C ALA G 142 -9.02 15.25 25.28
N THR G 143 -9.54 16.47 25.43
CA THR G 143 -8.99 17.63 24.73
C THR G 143 -7.58 17.98 25.23
N VAL G 144 -7.38 17.89 26.54
CA VAL G 144 -6.05 18.05 27.17
C VAL G 144 -5.06 17.03 26.60
N ALA G 145 -5.55 15.82 26.34
CA ALA G 145 -4.71 14.75 25.80
C ALA G 145 -4.33 15.01 24.34
N ALA G 146 -5.27 15.49 23.55
CA ALA G 146 -5.04 15.82 22.14
C ALA G 146 -4.02 16.95 21.95
N LEU G 147 -4.28 18.08 22.63
CA LEU G 147 -3.42 19.27 22.49
C LEU G 147 -1.97 19.02 22.94
N ALA G 148 -1.80 18.26 24.03
CA ALA G 148 -0.47 17.95 24.55
C ALA G 148 0.34 17.02 23.63
N THR G 149 -0.34 16.02 23.06
CA THR G 149 0.29 15.08 22.13
C THR G 149 0.71 15.77 20.83
N ALA G 150 -0.10 16.74 20.40
CA ALA G 150 0.21 17.55 19.22
C ALA G 150 1.47 18.41 19.41
N LEU G 151 1.59 18.99 20.61
CA LEU G 151 2.75 19.81 20.97
C LEU G 151 4.04 19.00 21.02
N THR G 152 3.94 17.78 21.56
CA THR G 152 5.08 16.84 21.64
C THR G 152 5.57 16.46 20.25
N LEU G 153 4.64 16.06 19.39
CA LEU G 153 4.96 15.70 18.00
C LEU G 153 5.61 16.86 17.24
N ARG G 154 5.13 18.08 17.53
CA ARG G 154 5.73 19.32 17.00
C ARG G 154 7.20 19.47 17.35
N GLU G 155 7.53 19.15 18.62
CA GLU G 155 8.88 19.28 19.14
C GLU G 155 9.80 18.20 18.59
N LEU G 156 9.30 16.97 18.55
CA LEU G 156 10.09 15.85 18.04
C LEU G 156 10.43 16.02 16.56
N ARG G 157 9.43 16.44 15.77
CA ARG G 157 9.57 16.54 14.32
C ARG G 157 10.48 17.67 13.83
N ALA G 158 10.63 17.75 12.51
CA ALA G 158 11.62 18.62 11.84
C ALA G 158 11.37 20.11 12.04
N HIS G 159 12.29 20.77 12.74
CA HIS G 159 12.24 22.21 12.90
C HIS G 159 13.65 22.73 13.03
N SER G 160 13.80 24.06 12.78
CA SER G 160 15.11 24.63 12.69
C SER G 160 15.26 25.63 13.87
N ALA H 15 -31.65 16.00 0.52
CA ALA H 15 -30.75 14.88 0.12
C ALA H 15 -31.00 14.38 -1.30
N SER H 16 -31.58 15.22 -2.14
CA SER H 16 -31.98 14.81 -3.49
C SER H 16 -30.80 14.54 -4.45
N GLY H 17 -29.59 14.95 -4.05
CA GLY H 17 -28.42 14.74 -4.89
C GLY H 17 -27.55 13.56 -4.50
N VAL H 18 -27.82 12.95 -3.35
CA VAL H 18 -26.99 11.84 -2.88
C VAL H 18 -27.35 10.52 -3.58
N ARG H 19 -26.32 9.71 -3.84
CA ARG H 19 -26.49 8.40 -4.49
C ARG H 19 -26.42 7.29 -3.44
N LEU H 20 -27.57 6.69 -3.15
CA LEU H 20 -27.70 5.70 -2.08
C LEU H 20 -27.74 4.27 -2.61
N ALA H 21 -27.10 3.36 -1.89
CA ALA H 21 -27.15 1.92 -2.20
C ALA H 21 -27.44 1.11 -0.94
N ILE H 22 -28.21 0.05 -1.10
CA ILE H 22 -28.56 -0.81 0.05
C ILE H 22 -28.34 -2.30 -0.24
N VAL H 23 -27.60 -2.93 0.67
CA VAL H 23 -27.34 -4.37 0.59
C VAL H 23 -27.88 -5.09 1.83
N ALA H 24 -28.74 -6.07 1.60
CA ALA H 24 -29.43 -6.78 2.68
C ALA H 24 -29.38 -8.29 2.52
N SER H 25 -29.12 -9.00 3.63
CA SER H 25 -29.07 -10.46 3.63
C SER H 25 -30.48 -11.07 3.71
N SER H 26 -30.61 -12.34 3.30
CA SER H 26 -31.96 -12.94 3.23
C SER H 26 -32.27 -14.00 4.30
N TRP H 27 -31.23 -14.53 4.94
CA TRP H 27 -31.36 -15.36 6.14
C TRP H 27 -32.36 -14.67 7.08
N HIS H 28 -33.38 -15.40 7.52
CA HIS H 28 -34.52 -14.80 8.25
C HIS H 28 -35.19 -13.76 7.33
N GLY H 29 -35.99 -14.25 6.36
CA GLY H 29 -36.55 -13.41 5.30
C GLY H 29 -37.57 -12.34 5.73
N LYS H 30 -38.48 -12.71 6.64
CA LYS H 30 -39.53 -11.80 7.12
C LYS H 30 -38.95 -10.50 7.69
N ILE H 31 -38.00 -10.63 8.62
CA ILE H 31 -37.39 -9.49 9.29
C ILE H 31 -36.62 -8.61 8.30
N CYS H 32 -35.93 -9.25 7.36
CA CYS H 32 -35.21 -8.53 6.31
C CYS H 32 -36.13 -7.62 5.53
N ASP H 33 -37.31 -8.13 5.16
CA ASP H 33 -38.32 -7.35 4.45
C ASP H 33 -38.72 -6.10 5.22
N ALA H 34 -38.89 -6.23 6.53
CA ALA H 34 -39.18 -5.10 7.40
C ALA H 34 -38.06 -4.07 7.39
N LEU H 35 -36.84 -4.51 7.68
CA LEU H 35 -35.66 -3.63 7.66
C LEU H 35 -35.52 -2.93 6.32
N LEU H 36 -35.68 -3.68 5.23
CA LEU H 36 -35.61 -3.11 3.88
C LEU H 36 -36.72 -2.08 3.66
N ASP H 37 -37.91 -2.36 4.21
CA ASP H 37 -39.06 -1.49 4.04
C ASP H 37 -38.89 -0.12 4.72
N GLY H 38 -38.27 -0.12 5.90
CA GLY H 38 -37.97 1.11 6.62
C GLY H 38 -36.99 2.02 5.89
N ALA H 39 -35.94 1.40 5.34
CA ALA H 39 -34.91 2.12 4.58
C ALA H 39 -35.49 2.85 3.36
N ARG H 40 -36.30 2.13 2.58
CA ARG H 40 -36.92 2.68 1.37
C ARG H 40 -37.83 3.88 1.66
N LYS H 41 -38.57 3.78 2.76
CA LYS H 41 -39.49 4.86 3.17
C LYS H 41 -38.74 6.15 3.48
N VAL H 42 -37.72 6.06 4.34
CA VAL H 42 -36.86 7.21 4.65
C VAL H 42 -36.22 7.76 3.36
N ALA H 43 -35.79 6.84 2.48
CA ALA H 43 -35.22 7.21 1.20
C ALA H 43 -36.18 8.08 0.36
N ALA H 44 -37.43 7.64 0.25
CA ALA H 44 -38.43 8.34 -0.55
C ALA H 44 -38.81 9.68 0.08
N GLY H 45 -38.89 9.71 1.41
CA GLY H 45 -39.17 10.92 2.16
C GLY H 45 -38.15 12.02 1.88
N CYS H 46 -36.88 11.63 1.77
CA CYS H 46 -35.79 12.58 1.52
C CYS H 46 -35.57 12.92 0.03
N GLY H 47 -36.48 12.45 -0.83
CA GLY H 47 -36.46 12.82 -2.25
C GLY H 47 -35.72 11.85 -3.17
N LEU H 48 -35.27 10.73 -2.62
CA LEU H 48 -34.63 9.66 -3.41
C LEU H 48 -35.62 8.54 -3.71
N ASP H 49 -36.15 8.53 -4.93
CA ASP H 49 -37.22 7.61 -5.32
C ASP H 49 -36.76 6.18 -5.62
N ASP H 50 -35.50 6.03 -6.08
CA ASP H 50 -35.01 4.73 -6.51
C ASP H 50 -33.53 4.49 -6.19
N PRO H 51 -33.24 4.00 -4.98
CA PRO H 51 -31.86 3.62 -4.66
C PRO H 51 -31.50 2.21 -5.17
N THR H 52 -30.19 1.92 -5.22
CA THR H 52 -29.69 0.63 -5.67
C THR H 52 -29.88 -0.42 -4.57
N VAL H 53 -30.65 -1.47 -4.87
CA VAL H 53 -30.92 -2.53 -3.89
C VAL H 53 -30.31 -3.86 -4.35
N VAL H 54 -29.52 -4.49 -3.48
CA VAL H 54 -28.89 -5.78 -3.77
C VAL H 54 -29.08 -6.76 -2.62
N ARG H 55 -29.47 -8.00 -2.94
CA ARG H 55 -29.63 -9.03 -1.91
C ARG H 55 -28.50 -10.05 -1.92
N VAL H 56 -28.13 -10.51 -0.72
CA VAL H 56 -27.15 -11.57 -0.53
C VAL H 56 -27.73 -12.70 0.34
N LEU H 57 -27.02 -13.82 0.40
CA LEU H 57 -27.50 -15.02 1.09
C LEU H 57 -27.21 -15.00 2.59
N GLY H 58 -26.04 -14.45 2.97
CA GLY H 58 -25.64 -14.38 4.38
C GLY H 58 -24.92 -13.10 4.75
N ALA H 59 -24.78 -12.87 6.07
CA ALA H 59 -24.14 -11.66 6.59
C ALA H 59 -22.65 -11.58 6.24
N ILE H 60 -21.98 -12.72 6.25
CA ILE H 60 -20.54 -12.77 5.94
C ILE H 60 -20.26 -12.27 4.51
N GLU H 61 -21.24 -12.40 3.63
CA GLU H 61 -21.12 -11.96 2.25
C GLU H 61 -21.40 -10.45 2.03
N ILE H 62 -21.81 -9.75 3.10
CA ILE H 62 -22.10 -8.31 2.99
C ILE H 62 -20.90 -7.42 2.65
N PRO H 63 -19.78 -7.53 3.41
CA PRO H 63 -18.62 -6.65 3.19
C PRO H 63 -18.12 -6.60 1.74
N VAL H 64 -17.96 -7.77 1.12
CA VAL H 64 -17.43 -7.86 -0.26
C VAL H 64 -18.33 -7.15 -1.29
N VAL H 65 -19.64 -7.12 -1.04
CA VAL H 65 -20.58 -6.50 -1.97
C VAL H 65 -20.69 -4.99 -1.74
N ALA H 66 -20.44 -4.56 -0.49
CA ALA H 66 -20.44 -3.15 -0.14
C ALA H 66 -19.21 -2.45 -0.72
N GLN H 67 -18.10 -3.18 -0.79
CA GLN H 67 -16.88 -2.70 -1.42
C GLN H 67 -17.13 -2.32 -2.88
N GLU H 68 -17.81 -3.20 -3.61
CA GLU H 68 -18.13 -2.94 -5.02
C GLU H 68 -19.10 -1.77 -5.18
N LEU H 69 -20.11 -1.73 -4.30
CA LEU H 69 -21.12 -0.66 -4.32
C LEU H 69 -20.52 0.71 -4.00
N ALA H 70 -19.43 0.71 -3.22
CA ALA H 70 -18.78 1.95 -2.78
C ALA H 70 -18.07 2.71 -3.90
N ARG H 71 -17.79 2.03 -5.01
CA ARG H 71 -17.08 2.66 -6.13
C ARG H 71 -17.99 3.55 -7.00
N ASN H 72 -19.28 3.62 -6.67
CA ASN H 72 -20.28 4.32 -7.48
C ASN H 72 -21.43 4.96 -6.70
N HIS H 73 -21.28 5.07 -5.38
CA HIS H 73 -22.32 5.67 -4.52
C HIS H 73 -21.70 6.53 -3.43
N ASP H 74 -22.46 7.48 -2.87
CA ASP H 74 -21.92 8.26 -1.75
C ASP H 74 -22.33 7.77 -0.36
N ALA H 75 -23.18 6.74 -0.30
CA ALA H 75 -23.57 6.12 0.96
C ALA H 75 -24.05 4.68 0.75
N VAL H 76 -23.65 3.79 1.66
CA VAL H 76 -24.08 2.37 1.62
C VAL H 76 -24.74 1.98 2.94
N VAL H 77 -25.90 1.34 2.85
CA VAL H 77 -26.62 0.84 4.02
C VAL H 77 -26.64 -0.70 4.04
N ALA H 78 -26.13 -1.29 5.13
CA ALA H 78 -26.12 -2.76 5.28
C ALA H 78 -27.18 -3.21 6.27
N LEU H 79 -27.99 -4.19 5.85
CA LEU H 79 -29.11 -4.68 6.64
C LEU H 79 -29.09 -6.20 6.80
N GLY H 80 -29.41 -6.67 8.01
CA GLY H 80 -29.44 -8.11 8.28
C GLY H 80 -29.70 -8.46 9.73
N VAL H 81 -29.89 -9.75 10.00
CA VAL H 81 -30.17 -10.24 11.35
C VAL H 81 -29.30 -11.46 11.66
N VAL H 82 -28.60 -11.41 12.81
CA VAL H 82 -27.86 -12.57 13.28
C VAL H 82 -28.35 -12.94 14.69
N ILE H 83 -28.86 -14.16 14.83
CA ILE H 83 -29.45 -14.64 16.08
C ILE H 83 -28.60 -15.75 16.70
N ARG H 84 -28.31 -15.63 18.00
CA ARG H 84 -27.46 -16.58 18.73
C ARG H 84 -28.03 -18.00 18.80
N GLY H 85 -27.13 -18.99 18.71
CA GLY H 85 -27.51 -20.39 18.84
C GLY H 85 -26.96 -21.04 20.10
N GLN H 86 -26.53 -22.29 19.97
CA GLN H 86 -26.02 -23.08 21.10
C GLN H 86 -24.49 -23.22 21.10
N THR H 87 -23.85 -22.77 20.03
CA THR H 87 -22.38 -22.81 19.94
C THR H 87 -21.80 -21.40 19.87
N PRO H 88 -20.48 -21.26 20.11
CA PRO H 88 -19.81 -19.95 20.02
C PRO H 88 -19.73 -19.39 18.59
N HIS H 89 -20.43 -20.04 17.65
CA HIS H 89 -20.44 -19.64 16.25
C HIS H 89 -20.95 -18.21 16.06
N PHE H 90 -22.01 -17.88 16.79
CA PHE H 90 -22.61 -16.54 16.81
C PHE H 90 -21.56 -15.44 16.95
N ASP H 91 -20.62 -15.64 17.86
CA ASP H 91 -19.56 -14.67 18.14
C ASP H 91 -18.63 -14.41 16.97
N TYR H 92 -18.43 -15.41 16.12
CA TYR H 92 -17.49 -15.28 15.00
C TYR H 92 -18.11 -14.70 13.72
N VAL H 93 -19.42 -14.87 13.54
CA VAL H 93 -20.15 -14.27 12.44
C VAL H 93 -20.14 -12.74 12.59
N CYS H 94 -20.49 -12.27 13.79
CA CYS H 94 -20.55 -10.85 14.10
C CYS H 94 -19.16 -10.18 14.08
N ASP H 95 -18.12 -10.93 14.49
CA ASP H 95 -16.73 -10.45 14.45
C ASP H 95 -16.31 -10.06 13.03
N ALA H 96 -16.60 -10.94 12.07
CA ALA H 96 -16.28 -10.71 10.66
C ALA H 96 -16.98 -9.46 10.10
N VAL H 97 -18.29 -9.34 10.35
CA VAL H 97 -19.07 -8.19 9.88
C VAL H 97 -18.50 -6.86 10.41
N THR H 98 -18.17 -6.83 11.69
CA THR H 98 -17.53 -5.70 12.34
C THR H 98 -16.27 -5.26 11.61
N GLN H 99 -15.34 -6.20 11.46
CA GLN H 99 -14.04 -5.97 10.85
C GLN H 99 -14.15 -5.56 9.39
N GLY H 100 -15.03 -6.24 8.65
CA GLY H 100 -15.24 -5.99 7.23
C GLY H 100 -15.75 -4.59 6.91
N LEU H 101 -16.88 -4.23 7.51
CA LEU H 101 -17.52 -2.92 7.26
C LEU H 101 -16.62 -1.75 7.64
N THR H 102 -15.99 -1.84 8.81
CA THR H 102 -15.05 -0.82 9.27
C THR H 102 -13.91 -0.62 8.26
N ARG H 103 -13.33 -1.72 7.78
CA ARG H 103 -12.25 -1.65 6.80
C ARG H 103 -12.71 -1.01 5.48
N VAL H 104 -13.92 -1.36 5.03
CA VAL H 104 -14.42 -0.85 3.75
C VAL H 104 -14.64 0.66 3.80
N SER H 105 -15.27 1.13 4.88
CA SER H 105 -15.55 2.55 5.08
C SER H 105 -14.30 3.43 4.95
N LEU H 106 -13.21 3.01 5.59
CA LEU H 106 -11.97 3.80 5.61
C LEU H 106 -11.14 3.68 4.32
N ASP H 107 -11.19 2.51 3.68
CA ASP H 107 -10.57 2.29 2.36
C ASP H 107 -11.13 3.24 1.31
N SER H 108 -12.47 3.37 1.30
CA SER H 108 -13.18 4.09 0.26
C SER H 108 -13.60 5.50 0.66
N SER H 109 -13.37 5.84 1.93
CA SER H 109 -13.80 7.13 2.50
C SER H 109 -15.30 7.36 2.29
N THR H 110 -16.09 6.33 2.55
CA THR H 110 -17.53 6.39 2.34
C THR H 110 -18.28 5.83 3.56
N PRO H 111 -19.33 6.55 4.03
CA PRO H 111 -20.12 6.02 5.14
C PRO H 111 -20.81 4.70 4.80
N ILE H 112 -20.49 3.65 5.54
CA ILE H 112 -21.19 2.38 5.43
C ILE H 112 -22.01 2.18 6.71
N ALA H 113 -23.26 2.64 6.69
CA ALA H 113 -24.16 2.54 7.83
C ALA H 113 -24.39 1.09 8.25
N ASN H 114 -24.38 0.86 9.58
CA ASN H 114 -24.58 -0.48 10.12
C ASN H 114 -25.99 -0.70 10.66
N GLY H 115 -26.78 -1.46 9.90
CA GLY H 115 -28.12 -1.84 10.32
C GLY H 115 -28.29 -3.34 10.42
N VAL H 116 -27.28 -4.01 10.98
CA VAL H 116 -27.31 -5.46 11.18
C VAL H 116 -27.65 -5.78 12.64
N LEU H 117 -28.83 -6.34 12.86
CA LEU H 117 -29.28 -6.73 14.20
C LEU H 117 -28.46 -7.90 14.75
N THR H 118 -28.13 -7.85 16.04
CA THR H 118 -27.47 -8.98 16.72
C THR H 118 -28.12 -9.20 18.08
N THR H 119 -28.94 -10.25 18.16
CA THR H 119 -29.83 -10.45 19.30
C THR H 119 -29.62 -11.80 20.00
N ASN H 120 -30.19 -11.93 21.20
CA ASN H 120 -30.18 -13.20 21.92
C ASN H 120 -31.37 -14.09 21.58
N THR H 121 -32.52 -13.49 21.28
CA THR H 121 -33.74 -14.23 20.91
C THR H 121 -34.42 -13.65 19.66
N GLU H 122 -35.36 -14.41 19.11
CA GLU H 122 -36.12 -13.99 17.92
C GLU H 122 -37.07 -12.82 18.21
N GLU H 123 -37.67 -12.81 19.40
CA GLU H 123 -38.54 -11.73 19.83
C GLU H 123 -37.82 -10.38 19.81
N GLN H 124 -36.60 -10.35 20.35
CA GLN H 124 -35.77 -9.14 20.39
C GLN H 124 -35.54 -8.53 19.00
N ALA H 125 -35.25 -9.39 18.02
CA ALA H 125 -35.05 -8.95 16.63
C ALA H 125 -36.34 -8.37 16.01
N LEU H 126 -37.46 -9.06 16.23
CA LEU H 126 -38.77 -8.60 15.72
C LEU H 126 -39.15 -7.23 16.28
N ASP H 127 -38.76 -6.98 17.54
CA ASP H 127 -39.10 -5.76 18.26
C ASP H 127 -38.28 -4.54 17.80
N ARG H 128 -37.24 -4.80 17.01
CA ARG H 128 -36.33 -3.74 16.56
C ARG H 128 -36.32 -3.56 15.05
N ALA H 129 -37.31 -4.14 14.36
CA ALA H 129 -37.33 -4.16 12.89
C ALA H 129 -38.28 -3.13 12.27
N GLY H 130 -39.28 -2.69 13.03
CA GLY H 130 -40.23 -1.70 12.55
C GLY H 130 -41.54 -2.28 12.03
N LEU H 131 -41.97 -3.41 12.63
CA LEU H 131 -43.28 -3.94 12.33
C LEU H 131 -44.35 -3.19 13.13
N PRO H 132 -45.64 -3.36 12.76
CA PRO H 132 -46.76 -2.64 13.39
C PRO H 132 -46.59 -2.32 14.88
N THR H 133 -46.16 -3.30 15.67
CA THR H 133 -46.09 -3.16 17.12
C THR H 133 -44.67 -3.18 17.70
N SER H 134 -43.69 -2.78 16.87
CA SER H 134 -42.28 -2.77 17.30
C SER H 134 -41.93 -1.50 18.08
N ALA H 135 -40.93 -1.61 18.98
CA ALA H 135 -40.51 -0.47 19.78
C ALA H 135 -39.62 0.49 18.99
N GLU H 136 -38.94 -0.04 17.96
CA GLU H 136 -37.94 0.71 17.21
C GLU H 136 -37.80 0.18 15.78
N ASP H 137 -37.13 0.95 14.90
CA ASP H 137 -36.88 0.53 13.51
C ASP H 137 -35.46 0.86 13.09
N LYS H 138 -34.56 -0.13 13.20
CA LYS H 138 -33.14 0.09 12.88
C LYS H 138 -32.85 0.39 11.41
N GLY H 139 -33.70 -0.11 10.52
CA GLY H 139 -33.59 0.17 9.09
C GLY H 139 -33.72 1.65 8.76
N ALA H 140 -34.60 2.33 9.49
CA ALA H 140 -34.84 3.76 9.31
C ALA H 140 -33.71 4.59 9.91
N GLN H 141 -33.31 4.26 11.13
CA GLN H 141 -32.20 4.92 11.82
C GLN H 141 -30.92 4.90 10.99
N ALA H 142 -30.59 3.72 10.45
CA ALA H 142 -29.37 3.52 9.67
C ALA H 142 -29.33 4.38 8.40
N THR H 143 -30.46 4.46 7.70
CA THR H 143 -30.55 5.25 6.46
C THR H 143 -30.40 6.75 6.75
N VAL H 144 -31.02 7.21 7.84
CA VAL H 144 -30.87 8.61 8.26
C VAL H 144 -29.43 8.91 8.65
N ALA H 145 -28.73 7.91 9.18
CA ALA H 145 -27.32 8.06 9.54
C ALA H 145 -26.43 8.19 8.29
N ALA H 146 -26.70 7.36 7.29
CA ALA H 146 -25.93 7.37 6.04
C ALA H 146 -26.09 8.68 5.27
N LEU H 147 -27.34 9.09 5.02
CA LEU H 147 -27.62 10.30 4.26
C LEU H 147 -27.06 11.58 4.88
N ALA H 148 -27.15 11.68 6.21
CA ALA H 148 -26.66 12.85 6.93
C ALA H 148 -25.12 12.94 6.91
N THR H 149 -24.44 11.80 7.06
CA THR H 149 -22.98 11.77 7.04
C THR H 149 -22.44 12.09 5.62
N ALA H 150 -23.18 11.67 4.60
CA ALA H 150 -22.87 12.00 3.20
C ALA H 150 -22.94 13.51 2.95
N LEU H 151 -23.99 14.15 3.46
CA LEU H 151 -24.20 15.60 3.34
C LEU H 151 -23.10 16.40 4.02
N THR H 152 -22.69 15.95 5.20
CA THR H 152 -21.61 16.57 5.96
C THR H 152 -20.28 16.52 5.21
N LEU H 153 -19.93 15.33 4.71
CA LEU H 153 -18.71 15.13 3.93
C LEU H 153 -18.70 15.99 2.67
N ARG H 154 -19.86 16.15 2.05
CA ARG H 154 -20.04 17.03 0.89
C ARG H 154 -19.72 18.49 1.23
N GLU H 155 -20.11 18.93 2.42
CA GLU H 155 -19.87 20.32 2.82
C GLU H 155 -18.42 20.56 3.24
N LEU H 156 -17.84 19.59 3.95
CA LEU H 156 -16.44 19.69 4.36
C LEU H 156 -15.50 19.71 3.15
N ARG H 157 -15.76 18.84 2.18
CA ARG H 157 -14.90 18.63 1.01
C ARG H 157 -14.89 19.80 0.02
N ALA H 158 -14.04 19.67 -1.01
CA ALA H 158 -13.76 20.73 -1.98
C ALA H 158 -14.97 21.16 -2.80
N HIS H 159 -15.40 22.41 -2.57
CA HIS H 159 -16.41 23.02 -3.42
C HIS H 159 -16.19 24.51 -3.50
N SER H 160 -16.88 25.13 -4.50
CA SER H 160 -16.54 26.44 -4.92
C SER H 160 -17.75 27.36 -4.51
N ASP I 14 -28.26 -22.26 -11.85
CA ASP I 14 -27.21 -22.10 -12.90
C ASP I 14 -26.02 -21.27 -12.43
N ALA I 15 -24.84 -21.70 -12.87
CA ALA I 15 -23.54 -21.27 -12.38
C ALA I 15 -22.43 -22.03 -13.12
N SER I 16 -22.74 -22.40 -14.37
CA SER I 16 -21.83 -23.20 -15.21
C SER I 16 -20.53 -22.50 -15.60
N GLY I 17 -20.48 -21.18 -15.42
CA GLY I 17 -19.32 -20.39 -15.80
C GLY I 17 -18.38 -20.01 -14.65
N VAL I 18 -18.83 -20.23 -13.42
CA VAL I 18 -17.99 -19.86 -12.26
C VAL I 18 -16.88 -20.88 -11.97
N ARG I 19 -15.72 -20.37 -11.56
CA ARG I 19 -14.57 -21.20 -11.21
C ARG I 19 -14.47 -21.36 -9.70
N LEU I 20 -14.79 -22.55 -9.20
CA LEU I 20 -14.82 -22.80 -7.76
C LEU I 20 -13.58 -23.54 -7.26
N ALA I 21 -13.13 -23.18 -6.06
CA ALA I 21 -12.05 -23.89 -5.37
C ALA I 21 -12.45 -24.21 -3.93
N ILE I 22 -11.99 -25.36 -3.44
CA ILE I 22 -12.32 -25.82 -2.09
C ILE I 22 -11.08 -26.23 -1.31
N VAL I 23 -10.90 -25.63 -0.12
CA VAL I 23 -9.80 -25.98 0.77
C VAL I 23 -10.34 -26.49 2.11
N ALA I 24 -9.95 -27.72 2.48
CA ALA I 24 -10.48 -28.38 3.67
C ALA I 24 -9.38 -29.00 4.54
N SER I 25 -9.48 -28.80 5.85
CA SER I 25 -8.52 -29.36 6.81
C SER I 25 -8.81 -30.84 7.12
N SER I 26 -7.79 -31.54 7.64
CA SER I 26 -7.90 -33.00 7.79
C SER I 26 -8.07 -33.46 9.24
N TRP I 27 -7.66 -32.61 10.19
CA TRP I 27 -7.92 -32.84 11.61
C TRP I 27 -9.39 -33.22 11.78
N HIS I 28 -9.64 -34.33 12.48
CA HIS I 28 -10.96 -34.99 12.50
C HIS I 28 -11.41 -35.33 11.08
N GLY I 29 -10.86 -36.44 10.56
CA GLY I 29 -10.99 -36.82 9.15
C GLY I 29 -12.41 -37.18 8.69
N LYS I 30 -13.12 -37.94 9.52
CA LYS I 30 -14.48 -38.41 9.19
C LYS I 30 -15.42 -37.26 8.85
N ILE I 31 -15.49 -36.26 9.74
CA ILE I 31 -16.35 -35.10 9.58
C ILE I 31 -15.96 -34.26 8.36
N CYS I 32 -14.65 -34.12 8.13
CA CYS I 32 -14.14 -33.42 6.95
C CYS I 32 -14.68 -34.03 5.66
N ASP I 33 -14.65 -35.36 5.57
CA ASP I 33 -15.20 -36.09 4.42
C ASP I 33 -16.66 -35.75 4.17
N ALA I 34 -17.46 -35.67 5.23
CA ALA I 34 -18.86 -35.29 5.13
C ALA I 34 -19.01 -33.88 4.58
N LEU I 35 -18.35 -32.92 5.23
CA LEU I 35 -18.34 -31.53 4.78
C LEU I 35 -17.94 -31.42 3.31
N LEU I 36 -16.86 -32.10 2.95
CA LEU I 36 -16.37 -32.11 1.57
C LEU I 36 -17.39 -32.73 0.62
N ASP I 37 -18.08 -33.76 1.09
CA ASP I 37 -19.08 -34.47 0.28
C ASP I 37 -20.29 -33.60 -0.07
N GLY I 38 -20.74 -32.79 0.89
CA GLY I 38 -21.85 -31.86 0.68
C GLY I 38 -21.52 -30.81 -0.37
N ALA I 39 -20.33 -30.25 -0.27
CA ALA I 39 -19.85 -29.21 -1.20
C ALA I 39 -19.84 -29.69 -2.65
N ARG I 40 -19.27 -30.87 -2.89
CA ARG I 40 -19.17 -31.43 -4.24
C ARG I 40 -20.52 -31.73 -4.87
N LYS I 41 -21.47 -32.20 -4.05
CA LYS I 41 -22.85 -32.44 -4.49
C LYS I 41 -23.51 -31.19 -5.04
N VAL I 42 -23.50 -30.12 -4.23
CA VAL I 42 -24.03 -28.81 -4.62
C VAL I 42 -23.33 -28.32 -5.89
N ALA I 43 -22.01 -28.51 -5.94
CA ALA I 43 -21.21 -28.14 -7.09
C ALA I 43 -21.69 -28.83 -8.38
N ALA I 44 -21.89 -30.15 -8.30
CA ALA I 44 -22.34 -30.95 -9.45
C ALA I 44 -23.75 -30.57 -9.89
N GLY I 45 -24.62 -30.34 -8.90
CA GLY I 45 -26.00 -29.91 -9.16
C GLY I 45 -26.08 -28.63 -9.96
N CYS I 46 -25.18 -27.69 -9.66
CA CYS I 46 -25.17 -26.40 -10.36
C CYS I 46 -24.36 -26.39 -11.67
N GLY I 47 -23.94 -27.56 -12.12
CA GLY I 47 -23.30 -27.70 -13.42
C GLY I 47 -21.78 -27.65 -13.42
N LEU I 48 -21.18 -27.61 -12.24
CA LEU I 48 -19.72 -27.64 -12.10
C LEU I 48 -19.24 -29.03 -11.66
N ASP I 49 -18.73 -29.79 -12.64
CA ASP I 49 -18.39 -31.19 -12.45
C ASP I 49 -17.04 -31.44 -11.74
N ASP I 50 -16.10 -30.50 -11.87
CA ASP I 50 -14.74 -30.68 -11.33
C ASP I 50 -14.14 -29.40 -10.74
N PRO I 51 -14.44 -29.11 -9.46
CA PRO I 51 -13.81 -27.99 -8.77
C PRO I 51 -12.39 -28.32 -8.28
N THR I 52 -11.59 -27.28 -8.01
CA THR I 52 -10.24 -27.46 -7.46
C THR I 52 -10.32 -27.80 -5.97
N VAL I 53 -9.83 -28.98 -5.60
CA VAL I 53 -9.85 -29.41 -4.19
C VAL I 53 -8.43 -29.54 -3.62
N VAL I 54 -8.21 -28.90 -2.47
CA VAL I 54 -6.91 -28.94 -1.80
C VAL I 54 -7.06 -29.25 -0.31
N ARG I 55 -6.22 -30.16 0.19
CA ARG I 55 -6.24 -30.54 1.60
C ARG I 55 -5.09 -29.90 2.39
N VAL I 56 -5.37 -29.51 3.63
CA VAL I 56 -4.36 -29.02 4.56
C VAL I 56 -4.42 -29.79 5.88
N LEU I 57 -3.40 -29.64 6.73
CA LEU I 57 -3.34 -30.40 7.98
C LEU I 57 -4.09 -29.78 9.15
N GLY I 58 -4.14 -28.45 9.21
CA GLY I 58 -4.86 -27.74 10.28
C GLY I 58 -5.61 -26.50 9.80
N ALA I 59 -6.53 -26.01 10.66
CA ALA I 59 -7.32 -24.82 10.35
C ALA I 59 -6.50 -23.55 10.20
N ILE I 60 -5.45 -23.41 11.01
CA ILE I 60 -4.55 -22.25 10.95
C ILE I 60 -3.90 -22.10 9.58
N GLU I 61 -3.71 -23.21 8.88
CA GLU I 61 -3.10 -23.24 7.55
C GLU I 61 -4.07 -22.91 6.40
N ILE I 62 -5.36 -22.74 6.70
CA ILE I 62 -6.35 -22.46 5.66
C ILE I 62 -6.17 -21.08 4.97
N PRO I 63 -6.08 -19.98 5.76
CA PRO I 63 -5.98 -18.65 5.14
C PRO I 63 -4.89 -18.50 4.06
N VAL I 64 -3.69 -18.98 4.35
CA VAL I 64 -2.55 -18.84 3.42
C VAL I 64 -2.76 -19.59 2.09
N VAL I 65 -3.53 -20.67 2.12
CA VAL I 65 -3.79 -21.47 0.91
C VAL I 65 -4.97 -20.90 0.12
N ALA I 66 -5.90 -20.24 0.81
CA ALA I 66 -7.03 -19.58 0.16
C ALA I 66 -6.58 -18.33 -0.61
N GLN I 67 -5.55 -17.65 -0.08
CA GLN I 67 -4.95 -16.50 -0.74
C GLN I 67 -4.38 -16.89 -2.12
N GLU I 68 -3.67 -18.01 -2.17
CA GLU I 68 -3.11 -18.54 -3.41
C GLU I 68 -4.22 -18.94 -4.39
N LEU I 69 -5.24 -19.62 -3.87
CA LEU I 69 -6.37 -20.08 -4.68
C LEU I 69 -7.19 -18.92 -5.26
N ALA I 70 -7.19 -17.79 -4.55
CA ALA I 70 -7.97 -16.61 -4.95
C ALA I 70 -7.44 -15.92 -6.21
N ARG I 71 -6.19 -16.19 -6.58
CA ARG I 71 -5.57 -15.59 -7.77
C ARG I 71 -6.07 -16.17 -9.09
N ASN I 72 -6.89 -17.22 -9.02
CA ASN I 72 -7.28 -17.99 -10.20
C ASN I 72 -8.70 -18.59 -10.14
N HIS I 73 -9.51 -18.11 -9.19
CA HIS I 73 -10.88 -18.60 -9.00
C HIS I 73 -11.86 -17.46 -8.68
N ASP I 74 -13.14 -17.69 -8.94
CA ASP I 74 -14.20 -16.71 -8.66
C ASP I 74 -14.78 -16.84 -7.26
N ALA I 75 -14.54 -17.99 -6.63
CA ALA I 75 -15.08 -18.30 -5.30
C ALA I 75 -14.28 -19.37 -4.58
N VAL I 76 -14.06 -19.18 -3.28
CA VAL I 76 -13.33 -20.15 -2.45
C VAL I 76 -14.19 -20.59 -1.26
N VAL I 77 -14.24 -21.90 -1.03
CA VAL I 77 -14.97 -22.46 0.12
C VAL I 77 -13.98 -23.11 1.11
N ALA I 78 -14.03 -22.67 2.36
CA ALA I 78 -13.18 -23.20 3.42
C ALA I 78 -13.96 -24.14 4.34
N LEU I 79 -13.44 -25.35 4.55
CA LEU I 79 -14.12 -26.36 5.37
C LEU I 79 -13.22 -26.93 6.46
N GLY I 80 -13.80 -27.13 7.65
CA GLY I 80 -13.05 -27.68 8.78
C GLY I 80 -13.84 -27.76 10.08
N VAL I 81 -13.24 -28.38 11.09
CA VAL I 81 -13.86 -28.59 12.40
C VAL I 81 -12.88 -28.21 13.51
N VAL I 82 -13.32 -27.30 14.41
CA VAL I 82 -12.54 -26.95 15.60
C VAL I 82 -13.36 -27.26 16.85
N ILE I 83 -12.88 -28.20 17.67
CA ILE I 83 -13.59 -28.64 18.87
C ILE I 83 -12.86 -28.20 20.15
N ARG I 84 -13.62 -27.62 21.09
CA ARG I 84 -13.09 -27.07 22.34
C ARG I 84 -12.47 -28.14 23.25
N GLY I 85 -11.37 -27.75 23.94
CA GLY I 85 -10.71 -28.64 24.88
C GLY I 85 -10.83 -28.16 26.32
N GLN I 86 -9.75 -28.32 27.09
CA GLN I 86 -9.74 -27.88 28.49
C GLN I 86 -8.91 -26.63 28.76
N THR I 87 -8.27 -26.10 27.70
CA THR I 87 -7.51 -24.87 27.80
C THR I 87 -8.11 -23.77 26.91
N PRO I 88 -7.76 -22.49 27.16
CA PRO I 88 -8.24 -21.40 26.31
C PRO I 88 -7.68 -21.42 24.90
N HIS I 89 -7.00 -22.49 24.52
CA HIS I 89 -6.40 -22.62 23.19
C HIS I 89 -7.45 -22.56 22.08
N PHE I 90 -8.60 -23.21 22.31
CA PHE I 90 -9.73 -23.19 21.37
C PHE I 90 -10.07 -21.79 20.89
N ASP I 91 -10.07 -20.83 21.81
CA ASP I 91 -10.43 -19.46 21.47
C ASP I 91 -9.43 -18.76 20.56
N TYR I 92 -8.17 -19.20 20.59
CA TYR I 92 -7.14 -18.57 19.76
C TYR I 92 -7.01 -19.16 18.34
N VAL I 93 -7.39 -20.43 18.19
CA VAL I 93 -7.43 -21.06 16.86
C VAL I 93 -8.52 -20.39 16.00
N CYS I 94 -9.71 -20.25 16.57
CA CYS I 94 -10.85 -19.62 15.89
C CYS I 94 -10.63 -18.12 15.58
N ASP I 95 -9.93 -17.43 16.48
CA ASP I 95 -9.60 -16.01 16.28
C ASP I 95 -8.77 -15.80 15.00
N ALA I 96 -7.75 -16.64 14.83
CA ALA I 96 -6.89 -16.59 13.64
C ALA I 96 -7.67 -16.80 12.34
N VAL I 97 -8.50 -17.86 12.31
CA VAL I 97 -9.31 -18.18 11.13
C VAL I 97 -10.22 -17.01 10.74
N THR I 98 -10.89 -16.44 11.73
CA THR I 98 -11.75 -15.26 11.56
C THR I 98 -11.02 -14.12 10.87
N GLN I 99 -9.89 -13.71 11.45
CA GLN I 99 -9.09 -12.59 10.94
C GLN I 99 -8.51 -12.87 9.57
N GLY I 100 -7.99 -14.08 9.38
CA GLY I 100 -7.36 -14.46 8.13
C GLY I 100 -8.31 -14.42 6.94
N LEU I 101 -9.43 -15.13 7.05
CA LEU I 101 -10.40 -15.24 5.96
C LEU I 101 -11.00 -13.89 5.57
N THR I 102 -11.39 -13.10 6.56
CA THR I 102 -11.89 -11.74 6.34
C THR I 102 -10.88 -10.89 5.56
N ARG I 103 -9.61 -10.90 5.98
CA ARG I 103 -8.58 -10.14 5.30
C ARG I 103 -8.37 -10.59 3.85
N VAL I 104 -8.41 -11.91 3.61
CA VAL I 104 -8.21 -12.44 2.27
C VAL I 104 -9.32 -12.01 1.31
N SER I 105 -10.58 -12.13 1.74
CA SER I 105 -11.72 -11.76 0.90
C SER I 105 -11.67 -10.31 0.42
N LEU I 106 -11.30 -9.38 1.29
CA LEU I 106 -11.24 -7.97 0.93
C LEU I 106 -10.00 -7.57 0.13
N ASP I 107 -8.87 -8.25 0.38
CA ASP I 107 -7.64 -8.06 -0.41
C ASP I 107 -7.87 -8.40 -1.88
N SER I 108 -8.52 -9.54 -2.11
CA SER I 108 -8.69 -10.09 -3.45
C SER I 108 -10.03 -9.78 -4.09
N SER I 109 -10.93 -9.16 -3.32
CA SER I 109 -12.31 -8.89 -3.78
C SER I 109 -13.02 -10.18 -4.23
N THR I 110 -12.89 -11.23 -3.42
CA THR I 110 -13.40 -12.56 -3.77
C THR I 110 -14.14 -13.16 -2.58
N PRO I 111 -15.35 -13.71 -2.82
CA PRO I 111 -16.06 -14.39 -1.73
C PRO I 111 -15.28 -15.61 -1.21
N ILE I 112 -14.91 -15.58 0.07
CA ILE I 112 -14.35 -16.75 0.74
C ILE I 112 -15.37 -17.28 1.74
N ALA I 113 -16.22 -18.20 1.29
CA ALA I 113 -17.28 -18.77 2.14
C ALA I 113 -16.72 -19.47 3.37
N ASN I 114 -17.38 -19.25 4.51
CA ASN I 114 -16.94 -19.84 5.78
C ASN I 114 -17.76 -21.07 6.17
N GLY I 115 -17.15 -22.25 6.02
CA GLY I 115 -17.77 -23.50 6.42
C GLY I 115 -16.94 -24.25 7.44
N VAL I 116 -16.39 -23.51 8.41
CA VAL I 116 -15.60 -24.10 9.48
C VAL I 116 -16.42 -24.19 10.77
N LEU I 117 -16.76 -25.41 11.17
CA LEU I 117 -17.52 -25.65 12.39
C LEU I 117 -16.72 -25.30 13.64
N THR I 118 -17.40 -24.71 14.62
CA THR I 118 -16.81 -24.41 15.93
C THR I 118 -17.78 -24.80 17.04
N THR I 119 -17.52 -25.95 17.67
CA THR I 119 -18.48 -26.56 18.58
C THR I 119 -17.94 -26.75 20.01
N ASN I 120 -18.86 -27.05 20.94
CA ASN I 120 -18.47 -27.39 22.31
C ASN I 120 -18.22 -28.89 22.50
N THR I 121 -18.95 -29.73 21.77
CA THR I 121 -18.78 -31.19 21.82
C THR I 121 -18.70 -31.83 20.43
N GLU I 122 -18.30 -33.11 20.41
CA GLU I 122 -18.19 -33.90 19.17
C GLU I 122 -19.54 -34.17 18.53
N GLU I 123 -20.55 -34.41 19.37
CA GLU I 123 -21.93 -34.66 18.93
C GLU I 123 -22.44 -33.50 18.10
N GLN I 124 -22.24 -32.29 18.60
CA GLN I 124 -22.67 -31.05 17.93
C GLN I 124 -22.10 -30.92 16.52
N ALA I 125 -20.82 -31.23 16.36
CA ALA I 125 -20.15 -31.19 15.07
C ALA I 125 -20.72 -32.20 14.07
N LEU I 126 -20.92 -33.44 14.55
CA LEU I 126 -21.50 -34.52 13.74
C LEU I 126 -22.90 -34.18 13.24
N ASP I 127 -23.66 -33.45 14.06
CA ASP I 127 -25.05 -33.11 13.76
C ASP I 127 -25.20 -31.97 12.74
N ARG I 128 -24.08 -31.32 12.42
CA ARG I 128 -24.08 -30.18 11.50
C ARG I 128 -23.25 -30.43 10.24
N ALA I 129 -22.91 -31.70 9.99
CA ALA I 129 -22.00 -32.07 8.90
C ALA I 129 -22.71 -32.62 7.66
N GLY I 130 -23.91 -33.15 7.84
CA GLY I 130 -24.68 -33.70 6.72
C GLY I 130 -24.58 -35.20 6.56
N LEU I 131 -24.44 -35.90 7.70
CA LEU I 131 -24.47 -37.37 7.70
C LEU I 131 -25.94 -37.83 7.69
N PRO I 132 -26.18 -39.13 7.38
CA PRO I 132 -27.52 -39.69 7.29
C PRO I 132 -28.58 -39.08 8.22
N THR I 133 -28.25 -38.93 9.51
CA THR I 133 -29.21 -38.47 10.51
C THR I 133 -28.89 -37.08 11.10
N SER I 134 -28.22 -36.24 10.32
CA SER I 134 -27.85 -34.89 10.78
C SER I 134 -28.99 -33.90 10.60
N ALA I 135 -29.00 -32.87 11.47
CA ALA I 135 -30.03 -31.83 11.41
C ALA I 135 -29.78 -30.84 10.27
N GLU I 136 -28.50 -30.64 9.94
CA GLU I 136 -28.08 -29.65 8.93
C GLU I 136 -26.77 -30.07 8.22
N ASP I 137 -26.44 -29.36 7.14
CA ASP I 137 -25.23 -29.64 6.35
C ASP I 137 -24.52 -28.32 5.99
N LYS I 138 -23.54 -27.94 6.79
CA LYS I 138 -22.83 -26.67 6.62
C LYS I 138 -22.02 -26.58 5.32
N GLY I 139 -21.52 -27.73 4.86
CA GLY I 139 -20.78 -27.81 3.60
C GLY I 139 -21.60 -27.40 2.39
N ALA I 140 -22.88 -27.75 2.41
CA ALA I 140 -23.81 -27.41 1.34
C ALA I 140 -24.19 -25.93 1.38
N GLN I 141 -24.55 -25.44 2.57
CA GLN I 141 -24.90 -24.04 2.77
C GLN I 141 -23.78 -23.10 2.31
N ALA I 142 -22.55 -23.42 2.69
CA ALA I 142 -21.37 -22.63 2.34
C ALA I 142 -21.15 -22.51 0.83
N THR I 143 -21.29 -23.61 0.11
CA THR I 143 -21.08 -23.65 -1.34
C THR I 143 -22.16 -22.84 -2.07
N VAL I 144 -23.40 -22.96 -1.61
CA VAL I 144 -24.52 -22.16 -2.15
C VAL I 144 -24.28 -20.67 -1.91
N ALA I 145 -23.66 -20.34 -0.78
CA ALA I 145 -23.32 -18.95 -0.46
C ALA I 145 -22.24 -18.38 -1.39
N ALA I 146 -21.21 -19.18 -1.66
CA ALA I 146 -20.12 -18.77 -2.53
C ALA I 146 -20.58 -18.55 -3.98
N LEU I 147 -21.25 -19.55 -4.54
CA LEU I 147 -21.72 -19.51 -5.92
C LEU I 147 -22.65 -18.33 -6.21
N ALA I 148 -23.55 -18.06 -5.28
CA ALA I 148 -24.53 -16.98 -5.43
C ALA I 148 -23.88 -15.59 -5.37
N THR I 149 -22.92 -15.41 -4.45
CA THR I 149 -22.23 -14.14 -4.30
C THR I 149 -21.32 -13.85 -5.51
N ALA I 150 -20.75 -14.89 -6.08
CA ALA I 150 -19.97 -14.78 -7.32
C ALA I 150 -20.81 -14.29 -8.50
N LEU I 151 -22.03 -14.85 -8.61
CA LEU I 151 -22.98 -14.48 -9.67
C LEU I 151 -23.43 -13.03 -9.55
N THR I 152 -23.68 -12.59 -8.32
CA THR I 152 -24.06 -11.21 -8.01
C THR I 152 -22.96 -10.23 -8.43
N LEU I 153 -21.73 -10.50 -8.01
CA LEU I 153 -20.59 -9.65 -8.35
C LEU I 153 -20.37 -9.58 -9.86
N ARG I 154 -20.60 -10.70 -10.54
CA ARG I 154 -20.54 -10.75 -12.01
C ARG I 154 -21.54 -9.79 -12.66
N GLU I 155 -22.74 -9.71 -12.08
CA GLU I 155 -23.78 -8.85 -12.64
C GLU I 155 -23.54 -7.38 -12.33
N LEU I 156 -23.10 -7.08 -11.11
CA LEU I 156 -22.80 -5.69 -10.73
C LEU I 156 -21.63 -5.13 -11.55
N ARG I 157 -20.58 -5.93 -11.74
CA ARG I 157 -19.35 -5.48 -12.40
C ARG I 157 -19.48 -5.25 -13.91
N ALA I 158 -18.38 -4.80 -14.52
CA ALA I 158 -18.37 -4.31 -15.90
C ALA I 158 -18.65 -5.38 -16.94
N HIS I 159 -19.78 -5.21 -17.64
CA HIS I 159 -20.12 -6.08 -18.76
C HIS I 159 -20.95 -5.30 -19.75
N SER I 160 -21.02 -5.86 -20.99
CA SER I 160 -21.54 -5.11 -22.08
C SER I 160 -22.91 -5.72 -22.51
N ALA J 15 10.70 -34.07 1.62
CA ALA J 15 10.83 -32.61 1.94
C ALA J 15 12.28 -32.14 1.97
N SER J 16 13.15 -32.82 1.23
CA SER J 16 14.58 -32.53 1.26
C SER J 16 14.97 -31.19 0.62
N GLY J 17 14.02 -30.58 -0.10
CA GLY J 17 14.28 -29.31 -0.77
C GLY J 17 13.75 -28.08 -0.04
N VAL J 18 12.94 -28.29 0.99
CA VAL J 18 12.36 -27.14 1.69
C VAL J 18 13.34 -26.49 2.68
N ARG J 19 13.28 -25.16 2.77
CA ARG J 19 14.10 -24.38 3.69
C ARG J 19 13.32 -24.04 4.97
N LEU J 20 13.67 -24.70 6.07
CA LEU J 20 12.94 -24.53 7.33
C LEU J 20 13.66 -23.61 8.32
N ALA J 21 12.89 -22.80 9.03
CA ALA J 21 13.39 -21.96 10.12
C ALA J 21 12.54 -22.13 11.39
N ILE J 22 13.20 -22.10 12.55
CA ILE J 22 12.52 -22.29 13.84
C ILE J 22 12.86 -21.17 14.82
N VAL J 23 11.83 -20.49 15.33
CA VAL J 23 12.00 -19.47 16.38
C VAL J 23 11.27 -19.88 17.67
N ALA J 24 12.02 -19.93 18.78
CA ALA J 24 11.51 -20.41 20.06
C ALA J 24 11.84 -19.47 21.22
N SER J 25 10.84 -19.20 22.07
CA SER J 25 11.00 -18.37 23.27
C SER J 25 11.68 -19.15 24.41
N SER J 26 12.30 -18.41 25.35
CA SER J 26 13.09 -19.05 26.41
C SER J 26 12.41 -19.07 27.79
N TRP J 27 11.47 -18.13 28.00
CA TRP J 27 10.59 -18.12 29.16
C TRP J 27 10.08 -19.54 29.40
N HIS J 28 10.27 -20.07 30.61
CA HIS J 28 10.05 -21.49 30.93
C HIS J 28 10.96 -22.35 30.03
N GLY J 29 12.24 -22.43 30.42
CA GLY J 29 13.29 -23.05 29.60
C GLY J 29 13.18 -24.54 29.33
N LYS J 30 12.84 -25.32 30.37
CA LYS J 30 12.73 -26.78 30.25
C LYS J 30 11.75 -27.21 29.15
N ILE J 31 10.53 -26.66 29.20
CA ILE J 31 9.49 -27.00 28.22
C ILE J 31 9.90 -26.59 26.80
N CYS J 32 10.52 -25.42 26.67
CA CYS J 32 11.02 -24.95 25.37
C CYS J 32 11.98 -25.97 24.75
N ASP J 33 12.90 -26.49 25.56
CA ASP J 33 13.84 -27.52 25.10
C ASP J 33 13.12 -28.73 24.53
N ALA J 34 12.06 -29.18 25.21
CA ALA J 34 11.23 -30.29 24.74
C ALA J 34 10.58 -29.98 23.39
N LEU J 35 9.86 -28.85 23.33
CA LEU J 35 9.25 -28.39 22.08
C LEU J 35 10.26 -28.31 20.94
N LEU J 36 11.42 -27.72 21.22
CA LEU J 36 12.49 -27.60 20.22
C LEU J 36 13.00 -28.98 19.79
N ASP J 37 13.07 -29.90 20.76
CA ASP J 37 13.58 -31.25 20.51
C ASP J 37 12.67 -32.05 19.55
N GLY J 38 11.37 -31.90 19.70
CA GLY J 38 10.39 -32.54 18.81
C GLY J 38 10.49 -32.06 17.39
N ALA J 39 10.62 -30.74 17.22
CA ALA J 39 10.75 -30.11 15.91
C ALA J 39 11.95 -30.63 15.13
N ARG J 40 13.11 -30.67 15.78
CA ARG J 40 14.37 -31.10 15.15
C ARG J 40 14.31 -32.55 14.70
N LYS J 41 13.66 -33.39 15.50
CA LYS J 41 13.52 -34.82 15.18
C LYS J 41 12.73 -35.03 13.90
N VAL J 42 11.54 -34.42 13.82
CA VAL J 42 10.72 -34.48 12.61
C VAL J 42 11.47 -33.90 11.41
N ALA J 43 12.22 -32.81 11.64
CA ALA J 43 13.07 -32.21 10.62
C ALA J 43 14.08 -33.20 10.04
N ALA J 44 14.79 -33.90 10.92
CA ALA J 44 15.81 -34.89 10.52
C ALA J 44 15.18 -36.08 9.81
N GLY J 45 14.04 -36.53 10.30
CA GLY J 45 13.30 -37.64 9.69
C GLY J 45 12.93 -37.36 8.25
N CYS J 46 12.55 -36.11 7.97
CA CYS J 46 12.15 -35.70 6.62
C CYS J 46 13.31 -35.32 5.70
N GLY J 47 14.54 -35.53 6.16
CA GLY J 47 15.72 -35.31 5.34
C GLY J 47 16.39 -33.94 5.47
N LEU J 48 15.90 -33.12 6.40
CA LEU J 48 16.50 -31.80 6.67
C LEU J 48 17.35 -31.85 7.94
N ASP J 49 18.66 -31.94 7.75
CA ASP J 49 19.61 -32.15 8.84
C ASP J 49 19.93 -30.90 9.67
N ASP J 50 19.84 -29.72 9.06
CA ASP J 50 20.19 -28.48 9.76
C ASP J 50 19.31 -27.28 9.43
N PRO J 51 18.17 -27.14 10.12
CA PRO J 51 17.32 -25.95 10.00
C PRO J 51 17.86 -24.76 10.78
N THR J 52 17.41 -23.56 10.40
CA THR J 52 17.80 -22.32 11.07
C THR J 52 17.06 -22.19 12.40
N VAL J 53 17.81 -22.14 13.49
CA VAL J 53 17.24 -22.04 14.84
C VAL J 53 17.61 -20.71 15.50
N VAL J 54 16.60 -19.98 15.99
CA VAL J 54 16.80 -18.67 16.64
C VAL J 54 16.01 -18.60 17.95
N ARG J 55 16.67 -18.13 19.01
CA ARG J 55 16.03 -17.96 20.32
C ARG J 55 15.66 -16.51 20.61
N VAL J 56 14.52 -16.33 21.29
CA VAL J 56 14.06 -15.02 21.76
C VAL J 56 13.73 -15.09 23.26
N LEU J 57 13.57 -13.93 23.90
CA LEU J 57 13.35 -13.91 25.35
C LEU J 57 11.88 -14.06 25.78
N GLY J 58 10.96 -13.56 24.94
CA GLY J 58 9.53 -13.68 25.22
C GLY J 58 8.69 -13.94 23.98
N ALA J 59 7.43 -14.32 24.21
CA ALA J 59 6.49 -14.63 23.12
C ALA J 59 6.13 -13.41 22.27
N ILE J 60 6.01 -12.24 22.91
CA ILE J 60 5.70 -11.00 22.20
C ILE J 60 6.74 -10.68 21.13
N GLU J 61 7.98 -11.11 21.35
CA GLU J 61 9.08 -10.86 20.42
C GLU J 61 9.14 -11.84 19.24
N ILE J 62 8.27 -12.85 19.23
CA ILE J 62 8.28 -13.86 18.15
C ILE J 62 7.90 -13.30 16.77
N PRO J 63 6.72 -12.62 16.64
CA PRO J 63 6.30 -12.11 15.32
C PRO J 63 7.36 -11.32 14.54
N VAL J 64 8.03 -10.39 15.20
CA VAL J 64 9.03 -9.53 14.53
C VAL J 64 10.24 -10.33 13.98
N VAL J 65 10.58 -11.44 14.63
CA VAL J 65 11.71 -12.27 14.19
C VAL J 65 11.29 -13.26 13.08
N ALA J 66 10.03 -13.66 13.10
CA ALA J 66 9.46 -14.53 12.07
C ALA J 66 9.37 -13.79 10.73
N GLN J 67 9.03 -12.50 10.79
CA GLN J 67 8.99 -11.62 9.62
C GLN J 67 10.34 -11.61 8.88
N GLU J 68 11.43 -11.44 9.64
CA GLU J 68 12.77 -11.42 9.03
C GLU J 68 13.14 -12.81 8.49
N LEU J 69 12.81 -13.86 9.24
CA LEU J 69 13.09 -15.24 8.80
C LEU J 69 12.33 -15.61 7.53
N ALA J 70 11.16 -14.99 7.34
CA ALA J 70 10.28 -15.26 6.20
C ALA J 70 10.87 -14.81 4.85
N ARG J 71 11.84 -13.91 4.88
CA ARG J 71 12.45 -13.38 3.66
C ARG J 71 13.43 -14.33 2.98
N ASN J 72 13.76 -15.45 3.63
CA ASN J 72 14.65 -16.46 3.03
C ASN J 72 14.41 -17.92 3.44
N HIS J 73 13.16 -18.23 3.79
CA HIS J 73 12.75 -19.59 4.11
C HIS J 73 11.39 -19.91 3.52
N ASP J 74 11.09 -21.19 3.33
CA ASP J 74 9.80 -21.62 2.78
C ASP J 74 8.77 -21.93 3.87
N ALA J 75 9.23 -22.04 5.11
CA ALA J 75 8.37 -22.37 6.25
C ALA J 75 9.00 -21.94 7.59
N VAL J 76 8.16 -21.38 8.46
CA VAL J 76 8.62 -20.93 9.78
C VAL J 76 7.78 -21.59 10.90
N VAL J 77 8.48 -22.10 11.91
CA VAL J 77 7.84 -22.73 13.07
C VAL J 77 8.06 -21.88 14.33
N ALA J 78 6.97 -21.49 14.99
CA ALA J 78 7.05 -20.72 16.23
C ALA J 78 6.74 -21.59 17.46
N LEU J 79 7.63 -21.56 18.45
CA LEU J 79 7.50 -22.39 19.64
C LEU J 79 7.57 -21.57 20.93
N GLY J 80 6.72 -21.91 21.91
CA GLY J 80 6.72 -21.21 23.19
C GLY J 80 5.60 -21.67 24.12
N VAL J 81 5.64 -21.18 25.36
CA VAL J 81 4.63 -21.50 26.36
C VAL J 81 4.18 -20.24 27.10
N VAL J 82 2.87 -20.01 27.14
CA VAL J 82 2.31 -18.93 27.95
C VAL J 82 1.34 -19.53 28.98
N ILE J 83 1.65 -19.32 30.27
CA ILE J 83 0.84 -19.85 31.37
C ILE J 83 0.12 -18.73 32.14
N ARG J 84 -1.17 -18.94 32.39
CA ARG J 84 -2.05 -17.94 33.01
C ARG J 84 -1.65 -17.64 34.47
N GLY J 85 -1.81 -16.36 34.86
CA GLY J 85 -1.52 -15.93 36.22
C GLY J 85 -2.77 -15.51 36.97
N GLN J 86 -2.65 -14.44 37.76
CA GLN J 86 -3.78 -13.96 38.55
C GLN J 86 -4.36 -12.63 38.04
N THR J 87 -3.77 -12.09 36.98
CA THR J 87 -4.29 -10.88 36.33
C THR J 87 -4.73 -11.19 34.89
N PRO J 88 -5.57 -10.30 34.29
CA PRO J 88 -5.96 -10.47 32.88
C PRO J 88 -4.82 -10.30 31.87
N HIS J 89 -3.57 -10.20 32.37
CA HIS J 89 -2.39 -10.06 31.51
C HIS J 89 -2.25 -11.19 30.50
N PHE J 90 -2.49 -12.43 30.97
CA PHE J 90 -2.45 -13.62 30.14
C PHE J 90 -3.21 -13.43 28.83
N ASP J 91 -4.41 -12.86 28.91
CA ASP J 91 -5.27 -12.65 27.75
C ASP J 91 -4.65 -11.73 26.70
N TYR J 92 -3.81 -10.80 27.12
CA TYR J 92 -3.26 -9.81 26.19
C TYR J 92 -1.94 -10.24 25.52
N VAL J 93 -1.19 -11.13 26.18
CA VAL J 93 0.00 -11.71 25.58
C VAL J 93 -0.38 -12.61 24.40
N CYS J 94 -1.37 -13.48 24.62
CA CYS J 94 -1.89 -14.39 23.60
C CYS J 94 -2.56 -13.67 22.42
N ASP J 95 -3.24 -12.55 22.72
CA ASP J 95 -3.87 -11.70 21.70
C ASP J 95 -2.85 -11.19 20.67
N ALA J 96 -1.74 -10.66 21.17
CA ALA J 96 -0.67 -10.14 20.33
C ALA J 96 -0.08 -11.21 19.41
N VAL J 97 0.24 -12.38 19.99
CA VAL J 97 0.81 -13.49 19.23
C VAL J 97 -0.10 -13.94 18.08
N THR J 98 -1.41 -14.06 18.37
CA THR J 98 -2.41 -14.41 17.36
C THR J 98 -2.43 -13.41 16.20
N GLN J 99 -2.56 -12.13 16.52
CA GLN J 99 -2.58 -11.07 15.50
C GLN J 99 -1.29 -10.98 14.69
N GLY J 100 -0.15 -11.05 15.37
CA GLY J 100 1.15 -10.93 14.74
C GLY J 100 1.43 -12.02 13.72
N LEU J 101 1.32 -13.28 14.16
CA LEU J 101 1.64 -14.41 13.28
C LEU J 101 0.72 -14.47 12.06
N THR J 102 -0.58 -14.26 12.26
CA THR J 102 -1.55 -14.23 11.17
C THR J 102 -1.21 -13.16 10.13
N ARG J 103 -0.85 -11.96 10.60
CA ARG J 103 -0.45 -10.88 9.69
C ARG J 103 0.83 -11.22 8.91
N VAL J 104 1.80 -11.84 9.57
CA VAL J 104 3.07 -12.19 8.93
C VAL J 104 2.86 -13.20 7.80
N SER J 105 2.10 -14.26 8.07
CA SER J 105 1.85 -15.31 7.10
C SER J 105 1.27 -14.77 5.78
N LEU J 106 0.30 -13.87 5.88
CA LEU J 106 -0.38 -13.34 4.69
C LEU J 106 0.41 -12.24 3.96
N ASP J 107 1.20 -11.46 4.70
CA ASP J 107 2.10 -10.47 4.09
C ASP J 107 3.16 -11.14 3.22
N SER J 108 3.71 -12.24 3.71
CA SER J 108 4.83 -12.92 3.07
C SER J 108 4.42 -14.13 2.22
N SER J 109 3.14 -14.51 2.29
CA SER J 109 2.62 -15.73 1.64
C SER J 109 3.42 -16.97 2.05
N THR J 110 3.67 -17.11 3.35
CA THR J 110 4.49 -18.18 3.90
C THR J 110 3.80 -18.82 5.10
N PRO J 111 3.73 -20.16 5.14
CA PRO J 111 3.18 -20.81 6.33
C PRO J 111 4.01 -20.54 7.60
N ILE J 112 3.37 -19.92 8.58
CA ILE J 112 3.97 -19.72 9.90
C ILE J 112 3.25 -20.62 10.89
N ALA J 113 3.75 -21.85 11.06
CA ALA J 113 3.12 -22.83 11.96
C ALA J 113 3.08 -22.34 13.40
N ASN J 114 1.94 -22.58 14.07
CA ASN J 114 1.73 -22.14 15.44
C ASN J 114 1.92 -23.28 16.44
N GLY J 115 3.04 -23.25 17.15
CA GLY J 115 3.33 -24.22 18.21
C GLY J 115 3.56 -23.55 19.55
N VAL J 116 2.73 -22.56 19.86
CA VAL J 116 2.79 -21.84 21.14
C VAL J 116 1.69 -22.36 22.07
N LEU J 117 2.10 -23.04 23.13
CA LEU J 117 1.15 -23.55 24.13
C LEU J 117 0.51 -22.42 24.93
N THR J 118 -0.78 -22.57 25.24
CA THR J 118 -1.54 -21.61 26.05
C THR J 118 -2.40 -22.37 27.06
N THR J 119 -1.92 -22.45 28.30
CA THR J 119 -2.49 -23.36 29.30
C THR J 119 -3.03 -22.64 30.55
N ASN J 120 -3.81 -23.37 31.35
CA ASN J 120 -4.27 -22.88 32.65
C ASN J 120 -3.30 -23.21 33.79
N THR J 121 -2.63 -24.36 33.69
CA THR J 121 -1.66 -24.81 34.71
C THR J 121 -0.35 -25.27 34.07
N GLU J 122 0.68 -25.47 34.91
CA GLU J 122 1.98 -25.93 34.41
C GLU J 122 1.96 -27.42 34.03
N GLU J 123 1.14 -28.21 34.73
CA GLU J 123 0.96 -29.63 34.42
C GLU J 123 0.47 -29.82 32.99
N GLN J 124 -0.54 -29.03 32.60
CA GLN J 124 -1.11 -29.09 31.25
C GLN J 124 -0.09 -28.83 30.15
N ALA J 125 0.80 -27.86 30.38
CA ALA J 125 1.87 -27.53 29.43
C ALA J 125 2.89 -28.68 29.29
N LEU J 126 3.30 -29.25 30.42
CA LEU J 126 4.23 -30.39 30.45
C LEU J 126 3.68 -31.61 29.71
N ASP J 127 2.35 -31.80 29.78
CA ASP J 127 1.69 -32.96 29.19
C ASP J 127 1.52 -32.84 27.67
N ARG J 128 1.85 -31.68 27.12
CA ARG J 128 1.63 -31.36 25.71
C ARG J 128 2.95 -31.03 25.00
N ALA J 129 4.08 -31.33 25.66
CA ALA J 129 5.41 -30.92 25.18
C ALA J 129 6.20 -32.04 24.50
N GLY J 130 5.88 -33.28 24.87
CA GLY J 130 6.55 -34.45 24.29
C GLY J 130 7.68 -35.00 25.16
N LEU J 131 7.51 -34.89 26.47
CA LEU J 131 8.42 -35.51 27.43
C LEU J 131 8.09 -37.01 27.55
N PRO J 132 9.01 -37.82 28.12
CA PRO J 132 8.80 -39.27 28.23
C PRO J 132 7.36 -39.74 28.46
N THR J 133 6.63 -39.07 29.36
CA THR J 133 5.29 -39.51 29.77
C THR J 133 4.17 -38.55 29.34
N SER J 134 4.41 -37.77 28.29
CA SER J 134 3.42 -36.80 27.80
C SER J 134 2.36 -37.45 26.91
N ALA J 135 1.14 -36.87 26.90
CA ALA J 135 0.07 -37.39 26.05
C ALA J 135 0.23 -36.99 24.58
N GLU J 136 0.86 -35.85 24.33
CA GLU J 136 1.12 -35.38 22.96
C GLU J 136 2.37 -34.49 22.85
N ASP J 137 2.72 -34.11 21.62
CA ASP J 137 3.92 -33.33 21.32
C ASP J 137 3.62 -32.26 20.26
N LYS J 138 3.32 -31.05 20.73
CA LYS J 138 2.94 -29.95 19.84
C LYS J 138 4.06 -29.49 18.91
N GLY J 139 5.31 -29.63 19.35
CA GLY J 139 6.47 -29.29 18.53
C GLY J 139 6.58 -30.11 17.26
N ALA J 140 6.22 -31.39 17.36
CA ALA J 140 6.25 -32.30 16.21
C ALA J 140 5.08 -32.04 15.27
N GLN J 141 3.88 -31.89 15.83
CA GLN J 141 2.69 -31.59 15.04
C GLN J 141 2.86 -30.32 14.20
N ALA J 142 3.38 -29.27 14.82
CA ALA J 142 3.59 -27.98 14.16
C ALA J 142 4.56 -28.06 12.98
N THR J 143 5.67 -28.78 13.15
CA THR J 143 6.67 -28.93 12.09
C THR J 143 6.12 -29.74 10.90
N VAL J 144 5.37 -30.80 11.19
CA VAL J 144 4.66 -31.57 10.16
C VAL J 144 3.67 -30.70 9.39
N ALA J 145 3.04 -29.76 10.08
CA ALA J 145 2.09 -28.84 9.47
C ALA J 145 2.78 -27.86 8.52
N ALA J 146 3.94 -27.34 8.94
CA ALA J 146 4.69 -26.38 8.13
C ALA J 146 5.24 -27.01 6.86
N LEU J 147 5.92 -28.14 7.00
CA LEU J 147 6.55 -28.82 5.86
C LEU J 147 5.55 -29.26 4.79
N ALA J 148 4.39 -29.74 5.23
CA ALA J 148 3.34 -30.21 4.32
C ALA J 148 2.69 -29.07 3.53
N THR J 149 2.44 -27.95 4.21
CA THR J 149 1.85 -26.76 3.59
C THR J 149 2.81 -26.12 2.58
N ALA J 150 4.11 -26.17 2.87
CA ALA J 150 5.12 -25.69 1.95
C ALA J 150 5.17 -26.52 0.66
N LEU J 151 5.05 -27.84 0.80
CA LEU J 151 5.04 -28.75 -0.34
C LEU J 151 3.81 -28.55 -1.24
N THR J 152 2.65 -28.31 -0.60
CA THR J 152 1.40 -28.02 -1.30
C THR J 152 1.52 -26.74 -2.14
N LEU J 153 1.99 -25.66 -1.51
CA LEU J 153 2.18 -24.38 -2.19
C LEU J 153 3.16 -24.50 -3.37
N ARG J 154 4.17 -25.34 -3.20
CA ARG J 154 5.15 -25.64 -4.25
C ARG J 154 4.48 -26.27 -5.47
N GLU J 155 3.53 -27.16 -5.24
CA GLU J 155 2.83 -27.85 -6.33
C GLU J 155 1.82 -26.94 -7.02
N LEU J 156 1.09 -26.17 -6.22
CA LEU J 156 0.09 -25.23 -6.76
C LEU J 156 0.76 -24.16 -7.64
N ARG J 157 1.86 -23.60 -7.14
CA ARG J 157 2.57 -22.49 -7.81
C ARG J 157 3.25 -22.87 -9.14
N ALA J 158 3.85 -21.87 -9.78
CA ALA J 158 4.39 -21.98 -11.15
C ALA J 158 5.62 -22.90 -11.26
N HIS J 159 5.46 -23.98 -12.05
CA HIS J 159 6.57 -24.87 -12.47
C HIS J 159 6.01 -25.51 -13.73
N SER J 160 6.64 -26.35 -14.55
CA SER J 160 7.86 -26.51 -15.17
C SER J 160 7.44 -27.90 -15.66
O2P PHR K . 30.78 17.15 -17.93
P PHR K . 29.97 15.94 -17.53
O3P PHR K . 28.68 15.77 -18.31
O1P PHR K . 30.77 14.67 -17.39
O27 PHR K . 29.52 16.23 -16.01
C20 PHR K . 28.16 16.12 -15.59
C19 PHR K . 27.50 17.48 -15.74
C18 PHR K . 25.99 17.40 -15.50
C17 PHR K . 25.67 17.29 -14.02
C16 PHR K . 25.72 18.64 -13.33
C15 PHR K . 26.75 18.64 -12.20
N5 PHR K . 26.12 18.23 -10.93
C9 PHR K . 25.25 18.89 -10.15
C4 PHR K . 24.62 20.22 -10.31
O2 PHR K . 24.85 20.96 -11.28
N3 PHR K . 23.76 20.60 -9.33
C6 PHR K . 26.32 17.09 -10.26
O4 PHR K . 27.11 16.18 -10.71
N7 PHR K . 25.65 16.93 -9.10
C8 PHR K . 24.93 18.07 -8.97
N1 PHR K . 24.04 18.58 -8.07
C2 PHR K . 23.48 19.81 -8.25
O1 PHR K . 22.68 20.25 -7.39
C10 PHR K . 25.72 15.76 -8.20
C11 PHR K . 24.46 15.52 -7.38
O19 PHR K . 23.36 15.27 -8.27
C12 PHR K . 24.59 14.37 -6.37
O21 PHR K . 25.01 14.93 -5.12
C13 PHR K . 25.53 13.23 -6.79
O23 PHR K . 25.04 12.59 -7.97
C14 PHR K . 25.72 12.19 -5.69
O26 PHR K . 24.53 11.42 -5.51
K K L . 1.91 18.41 5.31
K K M . -14.87 23.10 2.33
C1 MPD N . 7.85 5.19 -12.32
C2 MPD N . 7.63 6.45 -13.14
O2 MPD N . 8.51 7.47 -12.61
CM MPD N . 6.19 6.90 -13.01
C3 MPD N . 7.99 6.16 -14.61
C4 MPD N . 8.40 7.39 -15.40
O4 MPD N . 9.72 7.76 -15.07
C5 MPD N . 8.32 7.13 -16.90
O2P PHR O . 27.39 -1.89 -28.67
P PHR O . 26.08 -1.79 -27.93
O3P PHR O . 25.22 -0.61 -28.34
O1P PHR O . 25.31 -3.08 -27.84
O27 PHR O . 26.47 -1.41 -26.41
C20 PHR O . 27.30 -2.26 -25.61
C19 PHR O . 26.47 -3.44 -25.08
C18 PHR O . 25.85 -3.21 -23.71
C17 PHR O . 25.58 -1.75 -23.34
C16 PHR O . 26.15 -1.39 -21.97
C15 PHR O . 27.20 -2.41 -21.52
N5 PHR O . 26.77 -3.00 -20.25
C9 PHR O . 27.11 -2.63 -19.02
C4 PHR O . 28.01 -1.53 -18.55
O2 PHR O . 28.62 -0.75 -19.32
N3 PHR O . 28.15 -1.43 -17.21
C6 PHR O . 25.95 -4.04 -20.03
O4 PHR O . 25.40 -4.67 -21.01
N7 PHR O . 25.72 -4.38 -18.75
C8 PHR O . 26.45 -3.51 -18.04
N1 PHR O . 26.69 -3.26 -16.73
C2 PHR O . 27.52 -2.25 -16.33
O1 PHR O . 27.71 -2.08 -15.11
C10 PHR O . 24.84 -5.49 -18.32
C11 PHR O . 24.32 -5.40 -16.89
O19 PHR O . 23.70 -4.12 -16.64
C12 PHR O . 23.35 -6.52 -16.50
O21 PHR O . 24.11 -7.61 -15.98
C13 PHR O . 22.47 -7.05 -17.63
O23 PHR O . 21.45 -6.08 -17.94
C14 PHR O . 21.80 -8.38 -17.25
O26 PHR O . 20.64 -8.14 -16.43
K K P . 17.27 2.51 6.88
K K Q . 0.47 -25.01 -11.31
K K R . 13.89 17.25 16.05
O2P PHR S . 7.96 1.07 -39.13
P PHR S . 7.35 0.76 -37.79
O3P PHR S . 8.14 1.29 -36.61
O1P PHR S . 5.86 1.02 -37.72
O27 PHR S . 7.48 -0.84 -37.66
C20 PHR S . 7.38 -1.50 -36.39
C19 PHR S . 8.79 -1.87 -35.92
C18 PHR S . 9.09 -1.33 -34.52
C17 PHR S . 8.24 -2.00 -33.44
C16 PHR S . 8.79 -3.36 -33.05
C15 PHR S . 7.93 -4.51 -33.61
N5 PHR S . 7.46 -5.35 -32.51
C9 PHR S . 8.16 -6.17 -31.71
C4 PHR S . 9.61 -6.50 -31.67
O2 PHR S . 10.45 -6.00 -32.45
N3 PHR S . 10.00 -7.38 -30.72
C6 PHR S . 6.20 -5.49 -32.05
O4 PHR S . 5.22 -4.84 -32.58
N7 PHR S . 6.02 -6.32 -31.01
C8 PHR S . 7.25 -6.81 -30.74
N1 PHR S . 7.79 -7.67 -29.84
C2 PHR S . 9.13 -7.94 -29.85
O1 PHR S . 9.59 -8.74 -29.00
C10 PHR S . 4.73 -6.62 -30.37
C11 PHR S . 4.79 -6.80 -28.85
O19 PHR S . 5.50 -5.72 -28.22
C12 PHR S . 3.40 -6.98 -28.24
O21 PHR S . 3.03 -8.35 -28.40
C13 PHR S . 2.32 -6.08 -28.85
O23 PHR S . 2.58 -4.70 -28.54
C14 PHR S . 0.90 -6.43 -28.41
O26 PHR S . 0.56 -5.77 -27.17
K K T . 11.42 -14.83 -4.28
K K U . 23.31 -12.50 7.69
O2P PHR V . -0.95 21.03 -33.85
P PHR V . -0.80 19.81 -32.98
O3P PHR V . 0.64 19.43 -32.72
O1P PHR V . -1.70 19.77 -31.76
O27 PHR V . -1.34 18.61 -33.93
C20 PHR V . -1.99 17.46 -33.40
C19 PHR V . -0.99 16.51 -32.75
C18 PHR V . -1.17 16.51 -31.23
C17 PHR V . -1.71 15.20 -30.67
C16 PHR V . -2.70 14.50 -31.60
C15 PHR V . -4.13 15.01 -31.44
N5 PHR V . -4.82 14.27 -30.37
C9 PHR V . -5.10 12.95 -30.27
C4 PHR V . -4.82 11.83 -31.19
O2 PHR V . -4.23 11.97 -32.29
N3 PHR V . -5.24 10.61 -30.80
C6 PHR V . -5.33 14.76 -29.23
O4 PHR V . -5.25 16.01 -28.94
N7 PHR V . -5.91 13.89 -28.38
C8 PHR V . -5.80 12.69 -29.00
N1 PHR V . -6.16 11.42 -28.74
C2 PHR V . -5.89 10.41 -29.62
O1 PHR V . -6.23 9.24 -29.35
C10 PHR V . -6.50 14.27 -27.09
C11 PHR V . -7.09 13.14 -26.24
O19 PHR V . -6.13 12.09 -26.08
C12 PHR V . -7.52 13.60 -24.84
O21 PHR V . -8.84 13.11 -24.58
C13 PHR V . -7.43 15.11 -24.59
O23 PHR V . -6.09 15.45 -24.20
C14 PHR V . -8.38 15.59 -23.49
O26 PHR V . -8.08 14.91 -22.26
K K W . -8.74 -10.09 -13.78
O2P PHR X . 14.94 30.49 -20.72
P PHR X . 13.81 29.54 -20.42
O3P PHR X . 13.79 28.30 -21.30
O1P PHR X . 13.59 29.27 -18.96
O27 PHR X . 12.49 30.36 -20.89
C20 PHR X . 11.32 30.46 -20.08
C19 PHR X . 10.19 29.62 -20.68
C18 PHR X . 10.29 28.13 -20.30
C17 PHR X . 9.86 27.87 -18.86
C16 PHR X . 8.35 27.66 -18.73
C15 PHR X . 7.67 28.92 -18.19
N5 PHR X . 6.74 28.55 -17.13
C9 PHR X . 5.45 28.18 -17.21
C4 PHR X . 4.54 28.03 -18.38
O2 PHR X . 4.89 28.25 -19.56
N3 PHR X . 3.28 27.64 -18.11
C6 PHR X . 6.98 28.50 -15.80
O4 PHR X . 8.14 28.78 -15.33
N7 PHR X . 5.96 28.12 -15.02
C8 PHR X . 4.94 27.92 -15.85
N1 PHR X . 3.64 27.53 -15.74
C2 PHR X . 2.84 27.41 -16.84
O1 PHR X . 1.66 27.05 -16.68
C10 PHR X . 6.00 28.00 -13.54
C11 PHR X . 5.05 26.96 -12.95
O19 PHR X . 5.11 25.72 -13.69
C12 PHR X . 5.25 26.70 -11.45
O21 PHR X . 4.33 27.52 -10.73
C13 PHR X . 6.67 26.96 -10.91
O23 PHR X . 7.61 26.03 -11.46
C14 PHR X . 6.72 26.87 -9.38
O26 PHR X . 6.76 25.51 -8.94
K K Y . -14.40 10.68 -7.69
K K Z . -23.06 -2.98 -14.61
O2P PHR AA . -15.27 3.47 36.27
P PHR AA . -14.51 3.29 34.97
O3P PHR AA . -14.30 1.86 34.57
O1P PHR AA . -14.99 4.19 33.84
O27 PHR AA . -13.03 3.84 35.28
C20 PHR AA . -12.02 3.83 34.28
C19 PHR AA . -10.96 2.79 34.65
C18 PHR AA . -10.56 1.91 33.46
C17 PHR AA . -10.21 2.72 32.22
C16 PHR AA . -8.71 3.00 32.13
C15 PHR AA . -8.35 4.32 32.81
N5 PHR AA . -7.44 5.09 31.96
C9 PHR AA . -6.12 4.96 31.82
C4 PHR AA . -5.16 4.02 32.45
O2 PHR AA . -5.53 3.16 33.28
N3 PHR AA . -3.86 4.14 32.08
C6 PHR AA . -7.72 6.09 31.13
O4 PHR AA . -8.93 6.52 30.99
N7 PHR AA . -6.69 6.64 30.45
C8 PHR AA . -5.62 5.94 30.85
N1 PHR AA . -4.29 5.96 30.57
C2 PHR AA . -3.44 5.08 31.17
O1 PHR AA . -2.22 5.13 30.90
C10 PHR AA . -6.75 7.74 29.49
C11 PHR AA . -6.71 7.16 28.09
O19 PHR AA . -7.83 6.26 27.96
C12 PHR AA . -6.70 8.20 26.96
O21 PHR AA . -5.54 9.05 27.10
C13 PHR AA . -7.99 9.01 26.84
O23 PHR AA . -9.05 8.16 26.40
C14 PHR AA . -7.88 10.19 25.87
O26 PHR AA . -7.89 9.72 24.51
K K BA . 13.90 1.39 12.95
O2P PHR CA . -31.36 -3.74 24.03
P PHR CA . -30.34 -3.36 22.98
O3P PHR CA . -29.02 -4.11 23.08
O1P PHR CA . -30.89 -3.29 21.57
O27 PHR CA . -29.91 -1.85 23.36
C20 PHR CA . -30.53 -0.70 22.77
C19 PHR CA . -29.80 -0.30 21.49
C18 PHR CA . -28.43 -0.94 21.33
C17 PHR CA . -27.32 -0.03 21.87
C16 PHR CA . -26.76 0.86 20.76
C15 PHR CA . -27.64 2.11 20.60
N5 PHR CA . -26.99 3.03 19.68
C9 PHR CA . -26.08 3.98 19.94
C4 PHR CA . -25.46 4.40 21.22
O2 PHR CA . -25.73 3.86 22.32
N3 PHR CA . -24.57 5.41 21.13
C6 PHR CA . -27.15 3.13 18.35
O4 PHR CA . -27.96 2.37 17.71
N7 PHR CA . -26.44 4.08 17.73
C8 PHR CA . -25.72 4.67 18.70
N1 PHR CA . -24.81 5.67 18.76
C2 PHR CA . -24.25 6.03 19.95
O1 PHR CA . -23.43 6.96 19.95
C10 PHR CA . -26.41 4.40 16.31
C11 PHR CA . -25.10 3.88 15.72
O19 PHR CA . -24.82 2.59 16.29
C12 PHR CA . -25.11 3.78 14.20
O21 PHR CA . -25.35 5.09 13.69
C13 PHR CA . -26.14 2.80 13.61
O23 PHR CA . -25.72 1.45 13.86
C14 PHR CA . -26.29 2.98 12.10
O26 PHR CA . -25.06 2.62 11.44
K K DA . -2.73 15.86 10.04
O2P PHR EA . -26.77 -23.63 17.78
P PHR EA . -25.62 -23.38 16.82
O3P PHR EA . -24.80 -22.15 17.13
O1P PHR EA . -24.81 -24.61 16.51
O27 PHR EA . -26.39 -23.05 15.43
C20 PHR EA . -26.00 -21.96 14.58
C19 PHR EA . -26.79 -20.72 14.97
C18 PHR EA . -25.89 -19.53 15.26
C17 PHR EA . -25.02 -19.13 14.06
C16 PHR EA . -25.65 -18.04 13.21
C15 PHR EA . -26.53 -18.63 12.12
N5 PHR EA . -26.18 -18.07 10.81
C9 PHR EA . -26.55 -16.91 10.25
C4 PHR EA . -27.44 -15.83 10.75
O2 PHR EA . -28.00 -15.87 11.87
N3 PHR EA . -27.62 -14.77 9.92
C6 PHR EA . -25.38 -18.60 9.88
O4 PHR EA . -24.81 -19.75 10.04
N7 PHR EA . -25.21 -17.89 8.74
C8 PHR EA . -25.94 -16.78 8.91
N1 PHR EA . -26.21 -15.66 8.19
C2 PHR EA . -27.03 -14.69 8.69
O1 PHR EA . -27.25 -13.68 7.98
C10 PHR EA . -24.39 -18.29 7.59
C11 PHR EA . -23.62 -17.14 6.95
O19 PHR EA . -22.84 -16.45 7.93
C12 PHR EA . -22.74 -17.63 5.79
O21 PHR EA . -23.60 -17.81 4.67
C13 PHR EA . -21.98 -18.93 6.09
O23 PHR EA . -21.05 -18.72 7.15
C14 PHR EA . -21.26 -19.50 4.86
O26 PHR EA . -20.13 -18.70 4.49
K K FA . -17.68 6.86 -3.02
O2P PHR GA . -6.51 -29.49 26.03
P PHR GA . -6.69 -28.67 24.77
O3P PHR GA . -7.53 -27.42 24.96
O1P PHR GA . -5.43 -28.44 23.98
O27 PHR GA . -7.63 -29.60 23.84
C20 PHR GA . -7.63 -29.47 22.42
C19 PHR GA . -8.23 -28.13 22.00
C18 PHR GA . -7.18 -27.23 21.36
C17 PHR GA . -7.37 -27.09 19.85
C16 PHR GA . -7.87 -28.36 19.18
C15 PHR GA . -6.74 -29.21 18.61
N5 PHR GA . -6.25 -28.61 17.36
C9 PHR GA . -6.91 -28.37 16.22
C4 PHR GA . -8.32 -28.62 15.82
O2 PHR GA . -9.17 -29.14 16.57
N3 PHR GA . -8.67 -28.25 14.56
C6 PHR GA . -5.02 -28.15 17.09
O4 PHR GA . -4.08 -28.22 17.98
N7 PHR GA . -4.80 -27.64 15.87
C8 PHR GA . -5.99 -27.75 15.24
N1 PHR GA . -6.49 -27.43 14.02
C2 PHR GA . -7.79 -27.68 13.69
O1 PHR GA . -8.21 -27.37 12.56
C10 PHR GA . -3.52 -27.09 15.38
C11 PHR GA . -3.54 -26.51 13.96
O19 PHR GA . -4.61 -25.56 13.84
C12 PHR GA . -2.24 -25.82 13.54
O21 PHR GA . -1.83 -26.39 12.29
C13 PHR GA . -1.11 -25.85 14.56
O23 PHR GA . -1.27 -24.78 15.49
C14 PHR GA . 0.27 -25.71 13.91
O26 PHR GA . 0.38 -24.42 13.28
K K HA . -10.35 -13.65 -8.11
O2P PHR IA . -0.61 -12.42 37.60
P PHR IA . 0.17 -12.29 36.32
O3P PHR IA . -0.67 -12.34 35.06
O1P PHR IA . 1.19 -11.17 36.33
O27 PHR IA . 1.04 -13.65 36.27
C20 PHR IA . 2.14 -13.80 35.35
C19 PHR IA . 1.89 -14.96 34.39
C18 PHR IA . 1.00 -14.58 33.19
C17 PHR IA . 1.57 -13.44 32.33
C16 PHR IA . 2.41 -13.93 31.16
C15 PHR IA . 3.87 -14.10 31.60
N5 PHR IA . 4.80 -13.82 30.50
C9 PHR IA . 5.22 -14.63 29.53
C4 PHR IA . 4.90 -16.04 29.21
O2 PHR IA . 4.11 -16.73 29.88
N3 PHR IA . 5.51 -16.57 28.12
C6 PHR IA . 5.46 -12.68 30.26
O4 PHR IA . 5.32 -11.64 31.01
N7 PHR IA . 6.28 -12.66 29.19
C8 PHR IA . 6.18 -13.90 28.67
N1 PHR IA . 6.71 -14.56 27.62
C2 PHR IA . 6.38 -15.85 27.36
O1 PHR IA . 6.92 -16.39 26.37
C10 PHR IA . 7.10 -11.54 28.73
C11 PHR IA . 7.19 -11.46 27.20
O19 PHR IA . 5.89 -11.66 26.64
C12 PHR IA . 7.80 -10.16 26.66
O21 PHR IA . 9.20 -10.42 26.47
C13 PHR IA . 7.63 -8.92 27.54
O23 PHR IA . 6.25 -8.52 27.56
C14 PHR IA . 8.49 -7.76 27.06
O26 PHR IA . 7.93 -7.16 25.88
K K JA . 10.11 -34.12 22.45
K K KA . 9.08 -17.03 1.62
K K LA . -41.69 -0.53 8.39
C1 MPD MA . -7.03 -4.86 13.28
C2 MPD MA . -7.53 -6.29 13.44
O2 MPD MA . -6.39 -7.12 13.78
CM MPD MA . -8.10 -6.76 12.10
C3 MPD MA . -8.62 -6.35 14.53
C4 MPD MA . -8.50 -7.58 15.43
O4 MPD MA . -7.65 -7.28 16.51
C5 MPD MA . -9.85 -8.02 15.97
#